data_3I2B
#
_entry.id   3I2B
#
_cell.length_a   73.290
_cell.length_b   118.720
_cell.length_c   234.980
_cell.angle_alpha   90.00
_cell.angle_beta   90.00
_cell.angle_gamma   90.00
#
_symmetry.space_group_name_H-M   'P 21 21 21'
#
loop_
_entity.id
_entity.type
_entity.pdbx_description
1 polymer '6-pyruvoyl tetrahydrobiopterin synthase'
2 non-polymer 1,2-ETHANEDIOL
3 non-polymer 'NICKEL (II) ION'
4 non-polymer 'MAGNESIUM ION'
5 non-polymer DI(HYDROXYETHYL)ETHER
6 water water
#
_entity_poly.entity_id   1
_entity_poly.type   'polypeptide(L)'
_entity_poly.pdbx_seq_one_letter_code
;SMGRRCQAQVSRRISFSASHRLYSKFLSDEENLKLFGKCNNPNGHGHNYKVVVTVHGEIDPATGMVMNLADLKKYMEEAI
MQPLDHKNLDMDVPYFADVVSTTENVAVYIWDNLQKVLPVGVLYKVKVYETDNNIVVYKGE
;
_entity_poly.pdbx_strand_id   A,D,E,B,C,F,G,H,I,J,K,L
#
loop_
_chem_comp.id
_chem_comp.type
_chem_comp.name
_chem_comp.formula
EDO non-polymer 1,2-ETHANEDIOL 'C2 H6 O2'
MG non-polymer 'MAGNESIUM ION' 'Mg 2'
NI non-polymer 'NICKEL (II) ION' 'Ni 2'
PEG non-polymer DI(HYDROXYETHYL)ETHER 'C4 H10 O3'
#
# COMPACT_ATOMS: atom_id res chain seq x y z
N ARG A 4 5.21 16.31 8.99
CA ARG A 4 5.68 16.43 7.56
C ARG A 4 4.67 16.08 6.45
N ARG A 5 4.92 16.66 5.27
CA ARG A 5 4.03 16.50 4.11
C ARG A 5 4.38 15.22 3.36
N CYS A 6 3.43 14.79 2.55
CA CYS A 6 3.55 13.55 1.81
C CYS A 6 4.53 13.67 0.64
N GLN A 7 5.31 12.60 0.39
CA GLN A 7 6.19 12.47 -0.79
C GLN A 7 5.58 11.49 -1.77
N ALA A 8 5.77 11.73 -3.06
CA ALA A 8 5.11 10.95 -4.13
C ALA A 8 6.01 10.92 -5.36
N GLN A 9 5.75 9.93 -6.21
CA GLN A 9 6.42 9.75 -7.50
C GLN A 9 5.40 10.12 -8.59
N VAL A 10 5.83 10.93 -9.54
CA VAL A 10 5.00 11.34 -10.63
C VAL A 10 5.73 10.97 -11.92
N SER A 11 4.99 10.41 -12.87
CA SER A 11 5.59 9.93 -14.12
C SER A 11 4.91 10.49 -15.31
N ARG A 12 5.71 10.62 -16.37
CA ARG A 12 5.19 10.95 -17.68
C ARG A 12 5.77 10.03 -18.74
N ARG A 13 4.89 9.56 -19.62
CA ARG A 13 5.28 8.65 -20.69
C ARG A 13 5.22 9.33 -22.04
N ILE A 14 6.29 9.19 -22.84
CA ILE A 14 6.27 9.64 -24.24
C ILE A 14 6.83 8.57 -25.15
N SER A 15 6.64 8.71 -26.46
CA SER A 15 7.42 7.87 -27.36
C SER A 15 8.16 8.60 -28.41
N PHE A 16 9.18 7.93 -28.94
CA PHE A 16 9.93 8.48 -30.06
C PHE A 16 10.34 7.37 -31.02
N SER A 17 10.54 7.74 -32.28
CA SER A 17 11.00 6.83 -33.29
C SER A 17 12.45 7.04 -33.63
N ALA A 18 13.23 5.96 -33.65
CA ALA A 18 14.64 6.03 -34.02
C ALA A 18 15.12 4.71 -34.67
N SER A 19 16.15 4.83 -35.47
CA SER A 19 16.83 3.65 -35.98
C SER A 19 18.19 3.55 -35.34
N HIS A 20 18.71 2.35 -35.34
CA HIS A 20 20.04 2.12 -34.80
C HIS A 20 20.57 0.79 -35.29
N ARG A 21 21.83 0.57 -34.95
CA ARG A 21 22.52 -0.66 -35.21
C ARG A 21 23.39 -0.97 -34.00
N LEU A 22 23.39 -2.22 -33.54
CA LEU A 22 24.23 -2.63 -32.43
C LEU A 22 25.56 -3.12 -33.01
N TYR A 23 26.64 -2.43 -32.68
CA TYR A 23 27.94 -2.87 -33.01
C TYR A 23 28.96 -2.13 -32.12
N SER A 24 30.09 -2.77 -31.82
CA SER A 24 31.17 -2.14 -31.05
C SER A 24 32.37 -1.84 -31.90
N LYS A 25 33.07 -0.76 -31.52
CA LYS A 25 34.38 -0.43 -32.11
C LYS A 25 35.48 -1.43 -31.68
N PHE A 26 35.33 -2.02 -30.49
CA PHE A 26 36.34 -2.93 -29.90
C PHE A 26 36.29 -4.38 -30.43
N LEU A 27 35.16 -4.80 -31.01
CA LEU A 27 34.98 -6.16 -31.53
C LEU A 27 35.03 -6.18 -33.07
N SER A 28 35.29 -7.36 -33.64
CA SER A 28 35.40 -7.53 -35.10
C SER A 28 34.05 -7.86 -35.70
N ASP A 29 34.00 -7.97 -37.02
CA ASP A 29 32.74 -8.24 -37.72
C ASP A 29 32.13 -9.59 -37.28
N GLU A 30 33.00 -10.59 -37.18
CA GLU A 30 32.61 -11.92 -36.73
C GLU A 30 32.01 -11.86 -35.32
N GLU A 31 32.65 -11.12 -34.43
CA GLU A 31 32.23 -11.07 -33.03
C GLU A 31 30.94 -10.27 -32.87
N ASN A 32 30.77 -9.22 -33.65
CA ASN A 32 29.57 -8.38 -33.50
C ASN A 32 28.34 -9.18 -33.97
N LEU A 33 28.53 -9.98 -35.01
CA LEU A 33 27.45 -10.80 -35.53
C LEU A 33 27.03 -11.89 -34.51
N LYS A 34 28.01 -12.59 -33.92
CA LYS A 34 27.75 -13.62 -32.92
C LYS A 34 27.02 -13.04 -31.69
N LEU A 35 27.44 -11.87 -31.22
CA LEU A 35 26.87 -11.27 -30.00
C LEU A 35 25.51 -10.57 -30.23
N PHE A 36 25.39 -9.82 -31.31
CA PHE A 36 24.20 -9.00 -31.50
C PHE A 36 23.21 -9.58 -32.50
N GLY A 37 23.61 -10.60 -33.23
CA GLY A 37 22.74 -11.25 -34.20
C GLY A 37 22.06 -10.29 -35.18
N LYS A 38 20.74 -10.41 -35.30
CA LYS A 38 19.97 -9.67 -36.29
C LYS A 38 20.05 -8.16 -36.01
N CYS A 39 20.22 -7.80 -34.73
CA CYS A 39 20.42 -6.39 -34.32
C CYS A 39 21.69 -5.72 -34.88
N ASN A 40 22.59 -6.53 -35.39
CA ASN A 40 23.81 -6.08 -36.04
C ASN A 40 23.64 -5.83 -37.54
N ASN A 41 22.42 -6.01 -38.07
CA ASN A 41 22.15 -5.76 -39.49
C ASN A 41 22.84 -4.47 -40.01
N PRO A 42 23.72 -4.61 -41.02
CA PRO A 42 24.55 -3.45 -41.39
C PRO A 42 23.82 -2.12 -41.63
N ASN A 43 22.67 -2.16 -42.30
CA ASN A 43 21.96 -0.92 -42.62
C ASN A 43 20.99 -0.48 -41.52
N GLY A 44 21.01 -1.21 -40.41
CA GLY A 44 20.19 -0.87 -39.25
C GLY A 44 18.82 -1.49 -39.17
N HIS A 45 18.14 -1.14 -38.08
CA HIS A 45 16.74 -1.48 -37.88
C HIS A 45 16.15 -0.40 -37.00
N GLY A 46 14.92 -0.54 -36.55
CA GLY A 46 14.37 0.56 -35.75
C GLY A 46 13.32 0.22 -34.74
N HIS A 47 12.93 1.25 -33.97
CA HIS A 47 11.95 1.07 -32.91
C HIS A 47 11.13 2.33 -32.68
N ASN A 48 9.90 2.10 -32.28
CA ASN A 48 9.13 3.11 -31.54
C ASN A 48 9.47 2.97 -30.06
N TYR A 49 10.41 3.74 -29.59
CA TYR A 49 10.78 3.67 -28.17
C TYR A 49 9.73 4.32 -27.30
N LYS A 50 9.44 3.74 -26.14
CA LYS A 50 8.61 4.43 -25.15
C LYS A 50 9.47 4.71 -23.96
N VAL A 51 9.33 5.90 -23.39
CA VAL A 51 10.12 6.30 -22.24
C VAL A 51 9.16 6.77 -21.16
N VAL A 52 9.29 6.23 -19.94
CA VAL A 52 8.62 6.74 -18.77
C VAL A 52 9.63 7.38 -17.84
N VAL A 53 9.47 8.67 -17.56
CA VAL A 53 10.34 9.40 -16.68
C VAL A 53 9.59 9.68 -15.39
N THR A 54 10.19 9.30 -14.28
CA THR A 54 9.60 9.47 -12.99
C THR A 54 10.42 10.41 -12.19
N VAL A 55 9.76 11.40 -11.63
CA VAL A 55 10.35 12.30 -10.65
C VAL A 55 9.69 12.11 -9.28
N HIS A 56 10.33 12.61 -8.23
CA HIS A 56 9.80 12.44 -6.89
C HIS A 56 10.02 13.65 -6.03
N GLY A 57 9.24 13.74 -4.99
CA GLY A 57 9.34 14.82 -4.06
C GLY A 57 8.09 15.05 -3.26
N GLU A 58 8.12 16.13 -2.50
CA GLU A 58 7.02 16.49 -1.64
C GLU A 58 5.86 17.01 -2.45
N ILE A 59 4.66 16.67 -2.08
CA ILE A 59 3.48 17.23 -2.67
C ILE A 59 3.29 18.66 -2.12
N ASP A 60 3.40 19.68 -2.96
CA ASP A 60 3.25 21.08 -2.54
C ASP A 60 1.90 21.29 -1.84
N PRO A 61 1.95 21.87 -0.67
CA PRO A 61 0.68 21.91 0.01
C PRO A 61 -0.22 22.99 -0.51
N ALA A 62 0.28 23.95 -1.26
CA ALA A 62 -0.63 24.96 -1.80
C ALA A 62 -1.12 24.55 -3.21
N THR A 63 -0.28 23.90 -4.02
CA THR A 63 -0.65 23.61 -5.39
C THR A 63 -1.06 22.13 -5.63
N GLY A 64 -0.74 21.24 -4.70
CA GLY A 64 -1.03 19.84 -4.82
C GLY A 64 -0.11 19.06 -5.72
N MET A 65 0.96 19.69 -6.21
CA MET A 65 1.82 19.05 -7.24
C MET A 65 3.20 18.70 -6.69
N VAL A 66 3.73 17.54 -7.06
CA VAL A 66 5.15 17.30 -6.87
C VAL A 66 5.95 18.09 -7.91
N MET A 67 5.49 18.05 -9.15
CA MET A 67 6.07 18.78 -10.23
C MET A 67 4.94 19.00 -11.20
N ASN A 68 4.85 20.20 -11.74
CA ASN A 68 3.87 20.47 -12.78
C ASN A 68 4.14 19.71 -14.04
N LEU A 69 3.17 18.92 -14.45
CA LEU A 69 3.30 18.11 -15.65
C LEU A 69 3.64 18.93 -16.88
N ALA A 70 3.28 20.20 -16.93
CA ALA A 70 3.68 21.04 -18.07
C ALA A 70 5.18 21.32 -18.07
N ASP A 71 5.80 21.39 -16.89
CA ASP A 71 7.25 21.55 -16.79
C ASP A 71 7.94 20.28 -17.23
N LEU A 72 7.44 19.16 -16.75
CA LEU A 72 8.07 17.87 -17.01
C LEU A 72 8.03 17.48 -18.50
N LYS A 73 6.93 17.82 -19.15
CA LYS A 73 6.83 17.73 -20.60
C LYS A 73 7.87 18.62 -21.29
N LYS A 74 8.08 19.86 -20.84
CA LYS A 74 9.12 20.67 -21.49
C LYS A 74 10.52 20.08 -21.32
N TYR A 75 10.89 19.64 -20.11
CA TYR A 75 12.19 19.04 -19.86
C TYR A 75 12.40 17.81 -20.73
N MET A 76 11.34 17.01 -20.86
CA MET A 76 11.36 15.78 -21.67
C MET A 76 11.43 16.10 -23.16
N GLU A 77 10.78 17.16 -23.58
CA GLU A 77 10.90 17.60 -24.97
C GLU A 77 12.38 17.97 -25.29
N GLU A 78 13.04 18.63 -24.35
CA GLU A 78 14.45 19.06 -24.56
C GLU A 78 15.45 17.91 -24.37
N ALA A 79 15.23 17.05 -23.39
CA ALA A 79 16.20 16.02 -23.09
C ALA A 79 16.04 14.71 -23.92
N ILE A 80 14.88 14.47 -24.51
CA ILE A 80 14.53 13.24 -25.23
C ILE A 80 14.07 13.50 -26.68
N MET A 81 12.98 14.24 -26.86
CA MET A 81 12.41 14.37 -28.19
C MET A 81 13.35 15.08 -29.16
N GLN A 82 13.84 16.27 -28.80
CA GLN A 82 14.66 17.04 -29.73
C GLN A 82 15.90 16.28 -30.21
N PRO A 83 16.66 15.64 -29.29
CA PRO A 83 17.83 14.92 -29.74
C PRO A 83 17.59 13.52 -30.30
N LEU A 84 16.50 12.85 -29.93
CA LEU A 84 16.34 11.47 -30.32
C LEU A 84 15.26 11.14 -31.31
N ASP A 85 14.22 11.96 -31.41
CA ASP A 85 13.05 11.60 -32.20
C ASP A 85 13.29 11.76 -33.68
N HIS A 86 12.94 10.71 -34.44
CA HIS A 86 13.13 10.65 -35.89
C HIS A 86 14.58 10.85 -36.26
N LYS A 87 15.44 10.11 -35.56
CA LYS A 87 16.88 10.16 -35.74
C LYS A 87 17.43 8.75 -35.86
N ASN A 88 18.62 8.66 -36.45
CA ASN A 88 19.42 7.48 -36.43
C ASN A 88 20.37 7.67 -35.25
N LEU A 89 20.28 6.82 -34.24
CA LEU A 89 21.06 7.06 -33.05
C LEU A 89 22.56 7.09 -33.38
N ASP A 90 23.04 6.11 -34.13
CA ASP A 90 24.49 5.96 -34.27
C ASP A 90 25.14 7.04 -35.14
N MET A 91 24.36 7.61 -36.06
CA MET A 91 24.90 8.62 -36.98
C MET A 91 24.50 10.05 -36.65
N ASP A 92 23.37 10.25 -35.96
CA ASP A 92 22.84 11.60 -35.75
C ASP A 92 22.99 12.08 -34.29
N VAL A 93 23.28 11.19 -33.35
CA VAL A 93 23.47 11.57 -31.99
C VAL A 93 24.94 11.36 -31.64
N PRO A 94 25.73 12.48 -31.51
CA PRO A 94 27.19 12.37 -31.30
C PRO A 94 27.60 11.42 -30.16
N TYR A 95 26.85 11.44 -29.08
CA TYR A 95 27.11 10.54 -27.97
C TYR A 95 27.28 9.07 -28.41
N PHE A 96 26.46 8.63 -29.35
CA PHE A 96 26.52 7.23 -29.76
C PHE A 96 27.57 6.95 -30.84
N ALA A 97 28.43 7.93 -31.16
CA ALA A 97 29.50 7.65 -32.09
C ALA A 97 30.45 6.59 -31.53
N ASP A 98 30.67 6.59 -30.21
CA ASP A 98 31.57 5.60 -29.62
C ASP A 98 30.96 4.92 -28.42
N VAL A 99 29.63 4.84 -28.37
CA VAL A 99 28.93 4.08 -27.36
C VAL A 99 27.91 3.21 -28.08
N VAL A 100 27.84 1.94 -27.69
CA VAL A 100 26.92 0.99 -28.29
C VAL A 100 25.50 1.38 -27.91
N SER A 101 24.60 1.46 -28.90
CA SER A 101 23.24 1.98 -28.69
C SER A 101 22.26 0.93 -28.18
N THR A 102 22.66 0.14 -27.21
CA THR A 102 21.76 -0.74 -26.51
C THR A 102 20.76 0.06 -25.72
N THR A 103 19.67 -0.56 -25.37
CA THR A 103 18.60 0.12 -24.67
C THR A 103 19.09 0.57 -23.28
N GLU A 104 19.98 -0.21 -22.65
CA GLU A 104 20.63 0.19 -21.43
C GLU A 104 21.33 1.56 -21.57
N ASN A 105 22.11 1.72 -22.65
CA ASN A 105 22.89 2.93 -22.84
C ASN A 105 21.99 4.08 -23.27
N VAL A 106 20.87 3.78 -23.89
CA VAL A 106 19.91 4.83 -24.21
C VAL A 106 19.28 5.33 -22.91
N ALA A 107 18.95 4.42 -21.99
CA ALA A 107 18.34 4.82 -20.69
C ALA A 107 19.32 5.72 -19.89
N VAL A 108 20.61 5.38 -19.91
CA VAL A 108 21.63 6.18 -19.22
C VAL A 108 21.82 7.54 -19.88
N TYR A 109 21.84 7.57 -21.21
CA TYR A 109 21.93 8.81 -21.96
C TYR A 109 20.77 9.74 -21.59
N ILE A 110 19.56 9.22 -21.57
CA ILE A 110 18.36 10.01 -21.22
C ILE A 110 18.40 10.51 -19.76
N TRP A 111 18.78 9.63 -18.85
CA TRP A 111 19.02 10.05 -17.48
C TRP A 111 19.98 11.25 -17.39
N ASP A 112 21.13 11.14 -18.05
CA ASP A 112 22.14 12.16 -17.99
C ASP A 112 21.67 13.45 -18.63
N ASN A 113 20.93 13.35 -19.72
CA ASN A 113 20.40 14.55 -20.35
C ASN A 113 19.37 15.20 -19.48
N LEU A 114 18.50 14.40 -18.92
CA LEU A 114 17.49 14.93 -18.09
C LEU A 114 18.19 15.70 -16.95
N GLN A 115 19.21 15.10 -16.32
CA GLN A 115 19.92 15.76 -15.23
C GLN A 115 20.61 17.06 -15.64
N LYS A 116 21.02 17.21 -16.89
CA LYS A 116 21.54 18.49 -17.33
C LYS A 116 20.45 19.54 -17.44
N VAL A 117 19.20 19.14 -17.34
CA VAL A 117 18.10 20.05 -17.69
C VAL A 117 17.16 20.29 -16.49
N LEU A 118 17.13 19.33 -15.57
CA LEU A 118 16.21 19.34 -14.45
C LEU A 118 16.81 19.97 -13.23
N PRO A 119 15.94 20.48 -12.33
CA PRO A 119 16.40 20.92 -11.01
C PRO A 119 17.07 19.78 -10.25
N VAL A 120 18.06 20.09 -9.45
CA VAL A 120 18.77 19.08 -8.67
C VAL A 120 17.79 18.23 -7.89
N GLY A 121 17.94 16.92 -7.98
CA GLY A 121 17.42 16.01 -6.92
C GLY A 121 16.02 15.50 -7.20
N VAL A 122 15.45 15.86 -8.35
CA VAL A 122 14.06 15.47 -8.64
C VAL A 122 13.88 14.13 -9.38
N LEU A 123 14.84 13.75 -10.22
CA LEU A 123 14.75 12.52 -11.00
C LEU A 123 14.85 11.29 -10.15
N TYR A 124 13.93 10.37 -10.31
CA TYR A 124 13.98 9.12 -9.58
C TYR A 124 14.27 7.93 -10.53
N LYS A 125 13.71 7.92 -11.71
CA LYS A 125 13.77 6.74 -12.54
C LYS A 125 13.50 7.04 -14.02
N VAL A 126 14.23 6.36 -14.89
CA VAL A 126 14.00 6.42 -16.33
C VAL A 126 13.78 4.99 -16.80
N LYS A 127 12.67 4.74 -17.44
CA LYS A 127 12.34 3.42 -17.99
C LYS A 127 12.18 3.52 -19.50
N VAL A 128 12.85 2.62 -20.23
CA VAL A 128 12.83 2.63 -21.69
C VAL A 128 12.33 1.30 -22.20
N TYR A 129 11.25 1.38 -23.00
CA TYR A 129 10.77 0.23 -23.74
C TYR A 129 11.28 0.29 -25.21
N GLU A 130 12.17 -0.64 -25.53
CA GLU A 130 12.66 -0.81 -26.90
C GLU A 130 11.58 -1.43 -27.76
N THR A 131 10.83 -2.36 -27.17
CA THR A 131 9.63 -2.90 -27.73
C THR A 131 8.69 -3.10 -26.55
N ASP A 132 7.49 -3.55 -26.84
CA ASP A 132 6.54 -3.86 -25.82
C ASP A 132 7.09 -4.85 -24.81
N ASN A 133 8.04 -5.68 -25.23
CA ASN A 133 8.48 -6.80 -24.40
C ASN A 133 9.89 -6.70 -23.84
N ASN A 134 10.62 -5.64 -24.18
CA ASN A 134 12.01 -5.50 -23.82
C ASN A 134 12.17 -4.15 -23.13
N ILE A 135 12.47 -4.16 -21.83
CA ILE A 135 12.46 -2.95 -21.04
C ILE A 135 13.75 -2.81 -20.27
N VAL A 136 14.22 -1.57 -20.11
CA VAL A 136 15.33 -1.23 -19.23
C VAL A 136 14.91 -0.15 -18.23
N VAL A 137 15.29 -0.32 -16.98
CA VAL A 137 15.09 0.69 -15.95
C VAL A 137 16.45 1.13 -15.37
N TYR A 138 16.71 2.44 -15.38
CA TYR A 138 17.92 3.01 -14.82
C TYR A 138 17.54 4.00 -13.76
N LYS A 139 18.18 3.92 -12.60
CA LYS A 139 17.83 4.75 -11.43
C LYS A 139 19.02 5.52 -10.89
N GLY A 140 20.07 5.64 -11.72
CA GLY A 140 21.23 6.47 -11.43
C GLY A 140 22.22 5.82 -10.51
N GLU A 141 22.17 4.50 -10.47
CA GLU A 141 22.95 3.73 -9.54
C GLU A 141 24.06 3.02 -10.29
N ARG B 4 9.90 -22.98 4.70
CA ARG B 4 10.17 -21.87 3.75
C ARG B 4 9.01 -20.89 3.84
N ARG B 5 9.30 -19.65 4.13
CA ARG B 5 8.28 -18.62 3.91
C ARG B 5 8.74 -17.63 2.90
N CYS B 6 7.78 -17.21 2.08
CA CYS B 6 8.02 -16.41 0.89
C CYS B 6 7.07 -15.26 0.96
N GLN B 7 7.62 -14.05 0.93
CA GLN B 7 6.85 -12.80 0.78
C GLN B 7 6.64 -12.44 -0.70
N ALA B 8 5.53 -11.81 -1.00
CA ALA B 8 5.17 -11.44 -2.36
C ALA B 8 4.30 -10.22 -2.33
N GLN B 9 4.22 -9.57 -3.49
CA GLN B 9 3.34 -8.41 -3.76
C GLN B 9 2.23 -8.85 -4.66
N VAL B 10 1.02 -8.44 -4.32
CA VAL B 10 -0.18 -8.79 -5.06
C VAL B 10 -0.92 -7.51 -5.37
N SER B 11 -1.27 -7.35 -6.64
CA SER B 11 -1.91 -6.14 -7.13
C SER B 11 -3.20 -6.41 -7.81
N ARG B 12 -4.11 -5.47 -7.62
CA ARG B 12 -5.37 -5.45 -8.35
C ARG B 12 -5.63 -4.07 -8.96
N ARG B 13 -6.08 -4.11 -10.20
CA ARG B 13 -6.34 -2.91 -10.97
C ARG B 13 -7.82 -2.76 -11.17
N ILE B 14 -8.32 -1.53 -10.96
CA ILE B 14 -9.66 -1.16 -11.35
C ILE B 14 -9.66 0.22 -11.98
N SER B 15 -10.79 0.62 -12.56
CA SER B 15 -10.95 2.00 -12.96
C SER B 15 -12.24 2.64 -12.51
N PHE B 16 -12.17 3.97 -12.46
CA PHE B 16 -13.36 4.75 -12.16
C PHE B 16 -13.39 6.04 -12.98
N SER B 17 -14.59 6.53 -13.28
CA SER B 17 -14.79 7.77 -13.99
C SER B 17 -15.11 8.90 -13.04
N ALA B 18 -14.41 10.00 -13.18
CA ALA B 18 -14.69 11.17 -12.39
C ALA B 18 -14.36 12.44 -13.17
N SER B 19 -15.00 13.54 -12.79
CA SER B 19 -14.64 14.86 -13.28
C SER B 19 -13.99 15.65 -12.16
N HIS B 20 -13.20 16.61 -12.54
CA HIS B 20 -12.58 17.49 -11.58
C HIS B 20 -12.17 18.79 -12.24
N ARG B 21 -11.73 19.71 -11.39
CA ARG B 21 -11.12 20.95 -11.86
CA ARG B 21 -11.14 20.93 -11.84
C ARG B 21 -9.95 21.24 -10.94
N LEU B 22 -8.82 21.65 -11.51
CA LEU B 22 -7.67 22.01 -10.70
C LEU B 22 -7.69 23.50 -10.35
N TYR B 23 -7.71 23.80 -9.05
CA TYR B 23 -7.46 25.12 -8.57
C TYR B 23 -7.13 25.16 -7.06
N SER B 24 -6.37 26.19 -6.68
CA SER B 24 -5.90 26.39 -5.30
C SER B 24 -6.52 27.65 -4.76
N LYS B 25 -7.03 27.60 -3.54
CA LYS B 25 -7.58 28.83 -2.89
C LYS B 25 -6.45 29.82 -2.56
N PHE B 26 -5.19 29.37 -2.66
CA PHE B 26 -4.05 30.25 -2.33
C PHE B 26 -3.54 31.02 -3.54
N LEU B 27 -4.18 30.86 -4.68
CA LEU B 27 -3.76 31.56 -5.87
C LEU B 27 -4.93 32.40 -6.37
N SER B 28 -4.63 33.52 -7.01
CA SER B 28 -5.63 34.25 -7.78
C SER B 28 -6.06 33.48 -9.01
N ASP B 29 -7.04 34.01 -9.73
CA ASP B 29 -7.55 33.35 -10.95
C ASP B 29 -6.49 33.30 -12.03
N GLU B 30 -5.79 34.41 -12.20
CA GLU B 30 -4.65 34.51 -13.11
C GLU B 30 -3.56 33.47 -12.79
N GLU B 31 -3.19 33.38 -11.53
CA GLU B 31 -2.16 32.47 -11.11
C GLU B 31 -2.64 31.02 -11.34
N ASN B 32 -3.90 30.76 -11.03
CA ASN B 32 -4.46 29.44 -11.19
C ASN B 32 -4.46 29.08 -12.66
N LEU B 33 -4.87 30.05 -13.46
CA LEU B 33 -4.85 29.84 -14.90
C LEU B 33 -3.41 29.62 -15.38
N LYS B 34 -2.45 30.38 -14.88
CA LYS B 34 -1.05 30.22 -15.30
C LYS B 34 -0.46 28.86 -14.88
N LEU B 35 -0.77 28.43 -13.67
CA LEU B 35 -0.21 27.22 -13.14
C LEU B 35 -0.86 25.97 -13.76
N PHE B 36 -2.18 25.93 -13.80
CA PHE B 36 -2.93 24.71 -14.13
C PHE B 36 -3.37 24.69 -15.60
N GLY B 37 -3.28 25.83 -16.28
CA GLY B 37 -3.69 25.91 -17.69
C GLY B 37 -5.08 25.34 -17.99
N LYS B 38 -5.16 24.42 -18.96
CA LYS B 38 -6.47 23.91 -19.41
C LYS B 38 -7.16 23.05 -18.32
N CYS B 39 -6.36 22.51 -17.40
CA CYS B 39 -6.88 21.81 -16.22
C CYS B 39 -7.68 22.68 -15.25
N ASN B 40 -7.56 24.00 -15.40
CA ASN B 40 -8.32 24.98 -14.61
C ASN B 40 -9.64 25.39 -15.28
N ASN B 41 -9.99 24.77 -16.42
CA ASN B 41 -11.28 25.09 -17.11
C ASN B 41 -12.43 25.18 -16.11
N PRO B 42 -13.15 26.31 -16.09
CA PRO B 42 -14.12 26.53 -14.99
C PRO B 42 -15.20 25.45 -14.81
N ASN B 43 -15.71 24.88 -15.88
CA ASN B 43 -16.73 23.87 -15.75
C ASN B 43 -16.17 22.44 -15.61
N GLY B 44 -14.86 22.33 -15.52
CA GLY B 44 -14.20 21.06 -15.28
C GLY B 44 -13.80 20.27 -16.52
N HIS B 45 -13.24 19.09 -16.27
CA HIS B 45 -12.94 18.15 -17.31
C HIS B 45 -12.97 16.81 -16.62
N GLY B 46 -12.57 15.73 -17.29
CA GLY B 46 -12.67 14.44 -16.64
C GLY B 46 -11.73 13.36 -17.11
N HIS B 47 -11.75 12.23 -16.41
CA HIS B 47 -10.84 11.13 -16.68
C HIS B 47 -11.45 9.79 -16.33
N ASN B 48 -11.00 8.78 -17.07
CA ASN B 48 -11.14 7.38 -16.68
C ASN B 48 -9.88 7.06 -15.91
N TYR B 49 -9.93 7.24 -14.59
CA TYR B 49 -8.80 6.92 -13.77
C TYR B 49 -8.58 5.40 -13.68
N LYS B 50 -7.33 4.96 -13.69
CA LYS B 50 -7.03 3.57 -13.36
C LYS B 50 -6.26 3.54 -12.09
N VAL B 51 -6.57 2.59 -11.21
CA VAL B 51 -5.86 2.46 -9.94
C VAL B 51 -5.32 1.06 -9.81
N VAL B 52 -4.04 0.93 -9.52
CA VAL B 52 -3.47 -0.33 -9.10
C VAL B 52 -3.11 -0.27 -7.60
N VAL B 53 -3.72 -1.17 -6.84
CA VAL B 53 -3.46 -1.28 -5.43
C VAL B 53 -2.61 -2.50 -5.18
N THR B 54 -1.48 -2.33 -4.51
CA THR B 54 -0.59 -3.43 -4.25
C THR B 54 -0.48 -3.65 -2.73
N VAL B 55 -0.70 -4.90 -2.34
CA VAL B 55 -0.53 -5.34 -0.95
C VAL B 55 0.65 -6.29 -0.91
N HIS B 56 1.21 -6.48 0.28
CA HIS B 56 2.33 -7.41 0.39
C HIS B 56 2.23 -8.19 1.66
N GLY B 57 2.94 -9.29 1.71
CA GLY B 57 2.98 -10.13 2.87
C GLY B 57 3.43 -11.53 2.54
N GLU B 58 3.35 -12.39 3.53
CA GLU B 58 3.74 -13.77 3.41
C GLU B 58 2.73 -14.57 2.62
N ILE B 59 3.23 -15.44 1.74
CA ILE B 59 2.36 -16.40 1.08
C ILE B 59 1.94 -17.50 2.09
N ASP B 60 0.65 -17.56 2.36
CA ASP B 60 0.14 -18.52 3.29
C ASP B 60 0.23 -19.95 2.74
N PRO B 61 0.97 -20.83 3.42
CA PRO B 61 1.15 -22.20 2.90
C PRO B 61 -0.11 -23.00 2.67
N ALA B 62 -1.17 -22.70 3.40
CA ALA B 62 -2.42 -23.48 3.23
C ALA B 62 -3.15 -23.09 1.96
N THR B 63 -3.36 -21.79 1.79
CA THR B 63 -4.24 -21.27 0.74
C THR B 63 -3.46 -20.86 -0.52
N GLY B 64 -2.14 -20.78 -0.40
CA GLY B 64 -1.29 -20.19 -1.42
C GLY B 64 -1.52 -18.74 -1.75
N MET B 65 -2.09 -17.96 -0.82
CA MET B 65 -2.33 -16.51 -1.06
C MET B 65 -1.81 -15.60 0.04
N VAL B 66 -1.45 -14.41 -0.38
CA VAL B 66 -1.04 -13.39 0.54
C VAL B 66 -2.29 -12.78 1.15
N MET B 67 -3.28 -12.63 0.28
CA MET B 67 -4.56 -12.03 0.59
C MET B 67 -5.64 -12.63 -0.29
N ASN B 68 -6.78 -12.93 0.29
CA ASN B 68 -7.91 -13.35 -0.52
C ASN B 68 -8.38 -12.20 -1.41
N LEU B 69 -8.43 -12.49 -2.71
CA LEU B 69 -8.93 -11.57 -3.72
C LEU B 69 -10.32 -11.00 -3.35
N ALA B 70 -11.21 -11.85 -2.85
CA ALA B 70 -12.57 -11.39 -2.53
C ALA B 70 -12.50 -10.24 -1.56
N ASP B 71 -11.63 -10.36 -0.57
CA ASP B 71 -11.48 -9.28 0.40
C ASP B 71 -10.93 -8.02 -0.28
N LEU B 72 -9.86 -8.17 -1.05
CA LEU B 72 -9.22 -7.08 -1.72
C LEU B 72 -10.27 -6.34 -2.54
N LYS B 73 -11.06 -7.09 -3.31
CA LYS B 73 -12.09 -6.49 -4.13
C LYS B 73 -13.09 -5.73 -3.24
N LYS B 74 -13.48 -6.34 -2.14
CA LYS B 74 -14.38 -5.58 -1.22
C LYS B 74 -13.75 -4.29 -0.68
N TYR B 75 -12.48 -4.34 -0.31
CA TYR B 75 -11.83 -3.18 0.26
C TYR B 75 -11.71 -2.06 -0.73
N MET B 76 -11.40 -2.43 -1.96
CA MET B 76 -11.27 -1.49 -3.06
C MET B 76 -12.61 -0.93 -3.49
N GLU B 77 -13.63 -1.75 -3.47
CA GLU B 77 -14.98 -1.24 -3.75
C GLU B 77 -15.34 -0.17 -2.71
N GLU B 78 -15.04 -0.42 -1.44
CA GLU B 78 -15.43 0.50 -0.35
C GLU B 78 -14.52 1.76 -0.31
N ALA B 79 -13.25 1.60 -0.64
CA ALA B 79 -12.29 2.69 -0.52
C ALA B 79 -12.12 3.56 -1.79
N ILE B 80 -12.58 3.06 -2.94
CA ILE B 80 -12.32 3.73 -4.21
C ILE B 80 -13.62 3.89 -5.02
N MET B 81 -14.28 2.78 -5.37
CA MET B 81 -15.45 2.84 -6.21
C MET B 81 -16.63 3.62 -5.59
N GLN B 82 -17.07 3.21 -4.41
CA GLN B 82 -18.22 3.90 -3.78
C GLN B 82 -18.03 5.44 -3.64
N PRO B 83 -16.89 5.88 -3.10
CA PRO B 83 -16.76 7.33 -2.96
C PRO B 83 -16.36 8.10 -4.20
N LEU B 84 -15.71 7.45 -5.18
CA LEU B 84 -15.15 8.20 -6.33
C LEU B 84 -15.85 7.97 -7.69
N ASP B 85 -16.49 6.83 -7.89
CA ASP B 85 -16.88 6.46 -9.24
C ASP B 85 -18.14 7.21 -9.68
N HIS B 86 -18.06 7.79 -10.88
CA HIS B 86 -19.10 8.60 -11.44
C HIS B 86 -19.39 9.76 -10.53
N LYS B 87 -18.34 10.38 -10.05
CA LYS B 87 -18.45 11.55 -9.20
C LYS B 87 -17.70 12.75 -9.73
N ASN B 88 -18.09 13.92 -9.27
CA ASN B 88 -17.31 15.14 -9.44
C ASN B 88 -16.47 15.31 -8.19
N LEU B 89 -15.16 15.19 -8.32
CA LEU B 89 -14.30 15.12 -7.15
C LEU B 89 -14.45 16.34 -6.28
N ASP B 90 -14.42 17.50 -6.88
CA ASP B 90 -14.39 18.73 -6.10
C ASP B 90 -15.72 19.07 -5.44
N MET B 91 -16.84 18.58 -5.97
CA MET B 91 -18.16 18.92 -5.43
C MET B 91 -18.86 17.78 -4.68
N ASP B 92 -18.54 16.53 -5.03
CA ASP B 92 -19.22 15.38 -4.43
C ASP B 92 -18.36 14.67 -3.36
N VAL B 93 -17.06 14.90 -3.33
CA VAL B 93 -16.19 14.24 -2.34
C VAL B 93 -15.70 15.28 -1.29
N PRO B 94 -16.29 15.26 -0.08
CA PRO B 94 -15.99 16.32 0.93
C PRO B 94 -14.49 16.58 1.13
N TYR B 95 -13.70 15.53 1.10
CA TYR B 95 -12.25 15.69 1.23
C TYR B 95 -11.65 16.71 0.28
N PHE B 96 -12.15 16.78 -0.95
CA PHE B 96 -11.59 17.70 -1.92
C PHE B 96 -12.25 19.08 -1.87
N ALA B 97 -13.04 19.37 -0.86
CA ALA B 97 -13.57 20.73 -0.74
C ALA B 97 -12.40 21.70 -0.52
N ASP B 98 -11.42 21.30 0.30
CA ASP B 98 -10.28 22.15 0.67
CA ASP B 98 -10.29 22.18 0.61
C ASP B 98 -8.92 21.58 0.23
N VAL B 99 -8.92 20.61 -0.68
CA VAL B 99 -7.69 20.00 -1.18
C VAL B 99 -7.72 19.94 -2.71
N VAL B 100 -6.63 20.34 -3.35
CA VAL B 100 -6.55 20.39 -4.80
C VAL B 100 -6.61 18.96 -5.30
N SER B 101 -7.47 18.68 -6.28
CA SER B 101 -7.68 17.33 -6.75
C SER B 101 -6.67 16.88 -7.79
N THR B 102 -5.38 17.14 -7.54
CA THR B 102 -4.34 16.62 -8.41
C THR B 102 -4.31 15.12 -8.26
N THR B 103 -3.71 14.45 -9.23
CA THR B 103 -3.57 13.04 -9.19
C THR B 103 -2.74 12.60 -7.93
N GLU B 104 -1.74 13.40 -7.55
CA GLU B 104 -1.02 13.14 -6.30
C GLU B 104 -1.96 13.05 -5.08
N ASN B 105 -2.85 14.01 -4.96
CA ASN B 105 -3.76 14.05 -3.82
C ASN B 105 -4.86 12.96 -3.90
N VAL B 106 -5.25 12.56 -5.11
CA VAL B 106 -6.12 11.43 -5.25
C VAL B 106 -5.45 10.14 -4.78
N ALA B 107 -4.17 9.94 -5.09
CA ALA B 107 -3.43 8.74 -4.66
C ALA B 107 -3.37 8.72 -3.14
N VAL B 108 -3.06 9.86 -2.54
CA VAL B 108 -2.96 9.94 -1.07
C VAL B 108 -4.32 9.64 -0.45
N TYR B 109 -5.37 10.25 -0.99
CA TYR B 109 -6.72 10.01 -0.52
C TYR B 109 -7.08 8.51 -0.54
N ILE B 110 -6.75 7.84 -1.63
CA ILE B 110 -7.04 6.42 -1.80
C ILE B 110 -6.23 5.61 -0.76
N TRP B 111 -4.96 5.95 -0.63
CA TRP B 111 -4.10 5.30 0.35
C TRP B 111 -4.74 5.37 1.71
N ASP B 112 -5.12 6.58 2.10
CA ASP B 112 -5.66 6.80 3.43
C ASP B 112 -6.97 6.03 3.64
N ASN B 113 -7.83 6.05 2.64
CA ASN B 113 -9.09 5.30 2.72
C ASN B 113 -8.82 3.83 2.89
N LEU B 114 -7.83 3.33 2.17
CA LEU B 114 -7.54 1.92 2.20
C LEU B 114 -7.00 1.55 3.55
N GLN B 115 -6.28 2.47 4.19
CA GLN B 115 -5.69 2.13 5.48
C GLN B 115 -6.75 2.08 6.59
N LYS B 116 -7.90 2.70 6.37
CA LYS B 116 -8.97 2.68 7.35
C LYS B 116 -9.58 1.29 7.37
N VAL B 117 -9.34 0.49 6.32
CA VAL B 117 -9.97 -0.83 6.27
C VAL B 117 -9.04 -2.01 6.07
N LEU B 118 -7.83 -1.81 5.61
CA LEU B 118 -6.92 -2.94 5.51
C LEU B 118 -6.34 -3.25 6.87
N PRO B 119 -5.92 -4.52 7.10
CA PRO B 119 -5.18 -4.84 8.29
C PRO B 119 -3.90 -4.08 8.21
N VAL B 120 -3.29 -3.83 9.36
CA VAL B 120 -1.99 -3.15 9.44
C VAL B 120 -0.89 -3.90 8.70
N GLY B 121 -0.05 -3.18 7.97
CA GLY B 121 1.20 -3.77 7.40
C GLY B 121 1.04 -4.50 6.08
N VAL B 122 -0.08 -4.29 5.44
CA VAL B 122 -0.40 -5.02 4.27
C VAL B 122 -0.30 -4.12 3.01
N LEU B 123 -0.70 -2.86 3.13
CA LEU B 123 -0.69 -1.91 2.01
C LEU B 123 0.72 -1.51 1.65
N TYR B 124 1.07 -1.72 0.41
CA TYR B 124 2.42 -1.41 -0.07
C TYR B 124 2.45 -0.22 -1.02
N LYS B 125 1.49 -0.17 -1.95
CA LYS B 125 1.60 0.82 -3.01
C LYS B 125 0.26 1.16 -3.62
N VAL B 126 0.02 2.44 -3.89
CA VAL B 126 -1.13 2.85 -4.64
C VAL B 126 -0.65 3.58 -5.87
N LYS B 127 -1.07 3.11 -7.02
CA LYS B 127 -0.68 3.76 -8.32
C LYS B 127 -1.93 4.27 -9.05
N VAL B 128 -1.92 5.53 -9.46
CA VAL B 128 -3.08 6.13 -10.13
C VAL B 128 -2.69 6.68 -11.50
N TYR B 129 -3.36 6.21 -12.55
CA TYR B 129 -3.21 6.72 -13.86
C TYR B 129 -4.34 7.69 -14.14
N GLU B 130 -4.01 8.95 -14.28
CA GLU B 130 -4.96 10.00 -14.64
C GLU B 130 -5.28 9.85 -16.10
N THR B 131 -4.25 9.49 -16.89
CA THR B 131 -4.43 9.09 -18.28
C THR B 131 -3.49 7.95 -18.50
N ASP B 132 -3.46 7.39 -19.70
CA ASP B 132 -2.47 6.35 -20.03
C ASP B 132 -1.01 6.80 -19.78
N ASN B 133 -0.74 8.11 -19.92
CA ASN B 133 0.59 8.66 -19.94
C ASN B 133 1.03 9.48 -18.70
N ASN B 134 0.13 9.68 -17.73
CA ASN B 134 0.37 10.48 -16.55
C ASN B 134 0.03 9.62 -15.33
N ILE B 135 1.05 9.30 -14.54
CA ILE B 135 0.93 8.34 -13.47
C ILE B 135 1.49 8.90 -12.14
N VAL B 136 0.84 8.55 -11.04
CA VAL B 136 1.36 8.84 -9.73
C VAL B 136 1.47 7.57 -8.91
N VAL B 137 2.56 7.43 -8.16
CA VAL B 137 2.73 6.35 -7.25
C VAL B 137 2.93 6.91 -5.85
N TYR B 138 2.14 6.41 -4.90
CA TYR B 138 2.29 6.78 -3.49
C TYR B 138 2.50 5.54 -2.64
N LYS B 139 3.46 5.62 -1.73
CA LYS B 139 3.85 4.47 -0.88
C LYS B 139 3.80 4.83 0.58
N GLY B 140 3.04 5.88 0.92
CA GLY B 140 2.94 6.29 2.34
C GLY B 140 4.12 7.05 2.91
N GLU B 141 4.95 7.65 2.07
CA GLU B 141 6.19 8.34 2.55
C GLU B 141 5.94 9.88 2.77
N ARG C 4 32.98 4.07 -11.56
CA ARG C 4 33.04 4.07 -13.06
C ARG C 4 31.72 3.61 -13.75
N ARG C 5 30.89 2.79 -13.07
CA ARG C 5 29.96 1.94 -13.81
C ARG C 5 28.52 1.98 -13.36
N CYS C 6 27.66 1.57 -14.28
CA CYS C 6 26.23 1.77 -14.11
C CYS C 6 25.52 0.45 -13.89
N GLN C 7 24.67 0.41 -12.87
CA GLN C 7 23.75 -0.73 -12.69
C GLN C 7 22.41 -0.42 -13.36
N ALA C 8 21.79 -1.48 -13.87
CA ALA C 8 20.52 -1.35 -14.53
C ALA C 8 19.69 -2.62 -14.41
N GLN C 9 18.39 -2.46 -14.64
CA GLN C 9 17.46 -3.58 -14.63
C GLN C 9 16.96 -3.79 -16.04
N VAL C 10 16.98 -5.04 -16.48
CA VAL C 10 16.60 -5.41 -17.83
C VAL C 10 15.51 -6.45 -17.72
N SER C 11 14.44 -6.25 -18.48
CA SER C 11 13.28 -7.12 -18.43
C SER C 11 12.88 -7.65 -19.78
N ARG C 12 12.37 -8.88 -19.77
CA ARG C 12 11.78 -9.50 -20.94
C ARG C 12 10.42 -10.04 -20.52
N ARG C 13 9.45 -9.82 -21.38
CA ARG C 13 8.10 -10.26 -21.19
C ARG C 13 7.80 -11.40 -22.17
N ILE C 14 7.17 -12.44 -21.67
CA ILE C 14 6.61 -13.47 -22.55
C ILE C 14 5.25 -13.89 -22.03
N SER C 15 4.51 -14.63 -22.83
CA SER C 15 3.28 -15.24 -22.33
C SER C 15 3.18 -16.71 -22.63
N PHE C 16 2.36 -17.37 -21.80
CA PHE C 16 2.06 -18.77 -22.02
C PHE C 16 0.60 -19.06 -21.64
N SER C 17 0.03 -20.09 -22.26
CA SER C 17 -1.33 -20.56 -21.97
C SER C 17 -1.32 -21.78 -21.13
N ALA C 18 -2.14 -21.77 -20.10
CA ALA C 18 -2.24 -22.91 -19.22
C ALA C 18 -3.60 -22.94 -18.59
N SER C 19 -4.02 -24.14 -18.18
CA SER C 19 -5.23 -24.31 -17.41
C SER C 19 -4.87 -24.74 -16.00
N HIS C 20 -5.79 -24.50 -15.07
CA HIS C 20 -5.58 -24.92 -13.70
C HIS C 20 -6.89 -24.95 -12.95
N ARG C 21 -6.79 -25.48 -11.75
CA ARG C 21 -7.87 -25.50 -10.80
C ARG C 21 -7.28 -25.17 -9.45
N LEU C 22 -7.89 -24.26 -8.71
CA LEU C 22 -7.48 -23.95 -7.36
C LEU C 22 -8.17 -24.88 -6.37
N TYR C 23 -7.35 -25.65 -5.65
CA TYR C 23 -7.78 -26.57 -4.58
C TYR C 23 -6.58 -27.01 -3.70
N SER C 24 -6.84 -27.19 -2.40
CA SER C 24 -5.85 -27.74 -1.47
C SER C 24 -6.28 -29.09 -1.02
N LYS C 25 -5.36 -30.05 -1.05
CA LYS C 25 -5.66 -31.43 -0.66
C LYS C 25 -5.91 -31.53 0.87
N PHE C 26 -5.50 -30.51 1.63
CA PHE C 26 -5.71 -30.47 3.09
C PHE C 26 -7.13 -30.02 3.53
N LEU C 27 -7.89 -29.38 2.63
CA LEU C 27 -9.21 -28.78 2.93
C LEU C 27 -10.38 -29.62 2.42
N SER C 28 -11.55 -29.42 3.04
CA SER C 28 -12.74 -30.11 2.56
C SER C 28 -13.19 -29.57 1.22
N ASP C 29 -14.06 -30.32 0.57
CA ASP C 29 -14.66 -29.89 -0.69
C ASP C 29 -15.43 -28.59 -0.48
N GLU C 30 -16.13 -28.48 0.65
CA GLU C 30 -16.94 -27.29 0.96
C GLU C 30 -16.04 -26.09 1.28
N GLU C 31 -14.97 -26.34 2.02
CA GLU C 31 -14.04 -25.26 2.32
C GLU C 31 -13.44 -24.74 1.03
N ASN C 32 -13.00 -25.64 0.15
CA ASN C 32 -12.35 -25.25 -1.12
C ASN C 32 -13.25 -24.39 -1.99
N LEU C 33 -14.55 -24.69 -2.02
CA LEU C 33 -15.54 -23.91 -2.73
C LEU C 33 -15.75 -22.52 -2.11
N LYS C 34 -15.88 -22.46 -0.79
CA LYS C 34 -16.04 -21.18 -0.09
C LYS C 34 -14.83 -20.25 -0.33
N LEU C 35 -13.62 -20.81 -0.28
CA LEU C 35 -12.39 -20.03 -0.39
C LEU C 35 -12.04 -19.63 -1.80
N PHE C 36 -12.13 -20.54 -2.75
CA PHE C 36 -11.70 -20.28 -4.11
C PHE C 36 -12.84 -19.96 -5.09
N GLY C 37 -14.08 -20.14 -4.67
CA GLY C 37 -15.24 -19.85 -5.53
C GLY C 37 -15.15 -20.46 -6.92
N LYS C 38 -15.37 -19.62 -7.94
CA LYS C 38 -15.44 -20.08 -9.35
C LYS C 38 -14.09 -20.69 -9.79
N CYS C 39 -13.00 -20.26 -9.18
CA CYS C 39 -11.68 -20.81 -9.45
C CYS C 39 -11.52 -22.28 -9.01
N ASN C 40 -12.43 -22.77 -8.18
CA ASN C 40 -12.48 -24.16 -7.78
C ASN C 40 -13.27 -25.04 -8.77
N ASN C 41 -13.78 -24.49 -9.85
CA ASN C 41 -14.55 -25.31 -10.85
C ASN C 41 -13.89 -26.67 -11.11
N PRO C 42 -14.63 -27.77 -10.88
CA PRO C 42 -13.97 -29.09 -10.94
C PRO C 42 -13.17 -29.41 -12.22
N ASN C 43 -13.65 -29.00 -13.39
CA ASN C 43 -12.95 -29.33 -14.63
C ASN C 43 -11.93 -28.27 -15.04
N GLY C 44 -11.73 -27.28 -14.17
CA GLY C 44 -10.73 -26.27 -14.41
C GLY C 44 -11.21 -25.04 -15.15
N HIS C 45 -10.26 -24.11 -15.32
CA HIS C 45 -10.41 -22.91 -16.13
C HIS C 45 -9.02 -22.58 -16.62
N GLY C 46 -8.84 -21.45 -17.29
CA GLY C 46 -7.51 -21.15 -17.82
C GLY C 46 -7.15 -19.68 -17.99
N HIS C 47 -5.90 -19.45 -18.36
CA HIS C 47 -5.38 -18.11 -18.55
C HIS C 47 -4.36 -18.03 -19.65
N ASN C 48 -4.29 -16.86 -20.28
CA ASN C 48 -3.07 -16.44 -20.99
C ASN C 48 -2.22 -15.71 -19.97
N TYR C 49 -1.30 -16.41 -19.34
CA TYR C 49 -0.39 -15.80 -18.39
C TYR C 49 0.64 -14.93 -19.11
N LYS C 50 0.99 -13.78 -18.52
CA LYS C 50 2.13 -12.98 -18.94
C LYS C 50 3.15 -12.99 -17.86
N VAL C 51 4.42 -13.15 -18.23
CA VAL C 51 5.49 -13.15 -17.25
C VAL C 51 6.53 -12.14 -17.66
N VAL C 52 6.92 -11.27 -16.73
CA VAL C 52 8.01 -10.34 -16.93
C VAL C 52 9.10 -10.76 -15.96
N VAL C 53 10.26 -11.11 -16.49
CA VAL C 53 11.42 -11.48 -15.76
C VAL C 53 12.42 -10.31 -15.82
N THR C 54 12.87 -9.85 -14.65
CA THR C 54 13.82 -8.76 -14.58
C THR C 54 15.12 -9.25 -13.99
N VAL C 55 16.22 -8.99 -14.69
CA VAL C 55 17.55 -9.25 -14.15
C VAL C 55 18.25 -7.92 -13.88
N HIS C 56 19.29 -7.93 -13.08
CA HIS C 56 20.01 -6.70 -12.82
C HIS C 56 21.50 -6.93 -12.70
N GLY C 57 22.26 -5.86 -12.88
CA GLY C 57 23.71 -5.93 -12.84
C GLY C 57 24.35 -4.73 -13.49
N GLU C 58 25.65 -4.82 -13.65
CA GLU C 58 26.43 -3.76 -14.26
C GLU C 58 26.27 -3.81 -15.75
N ILE C 59 26.15 -2.64 -16.37
CA ILE C 59 26.21 -2.50 -17.81
C ILE C 59 27.67 -2.78 -18.25
N ASP C 60 27.85 -3.89 -18.96
CA ASP C 60 29.13 -4.30 -19.46
C ASP C 60 29.68 -3.25 -20.43
N PRO C 61 30.81 -2.62 -20.09
CA PRO C 61 31.31 -1.55 -20.94
C PRO C 61 31.64 -2.01 -22.37
N ALA C 62 32.10 -3.25 -22.54
CA ALA C 62 32.46 -3.77 -23.88
C ALA C 62 31.24 -4.03 -24.78
N THR C 63 30.23 -4.69 -24.22
CA THR C 63 28.99 -5.04 -24.96
C THR C 63 27.78 -4.11 -24.77
N GLY C 64 27.73 -3.32 -23.70
CA GLY C 64 26.59 -2.44 -23.45
C GLY C 64 25.34 -3.14 -22.88
N MET C 65 25.53 -4.32 -22.31
CA MET C 65 24.44 -5.13 -21.80
C MET C 65 24.71 -5.61 -20.39
N VAL C 66 23.62 -5.86 -19.66
CA VAL C 66 23.69 -6.39 -18.28
C VAL C 66 23.90 -7.88 -18.39
N MET C 67 23.16 -8.46 -19.34
CA MET C 67 23.20 -9.86 -19.65
C MET C 67 23.12 -10.08 -21.17
N ASN C 68 23.73 -11.16 -21.67
CA ASN C 68 23.48 -11.62 -23.04
C ASN C 68 21.97 -11.86 -23.26
N LEU C 69 21.36 -11.11 -24.17
CA LEU C 69 19.95 -11.27 -24.41
C LEU C 69 19.53 -12.66 -24.96
N ALA C 70 20.34 -13.25 -25.84
CA ALA C 70 20.05 -14.60 -26.35
C ALA C 70 19.94 -15.57 -25.19
N ASP C 71 20.91 -15.52 -24.28
CA ASP C 71 20.94 -16.39 -23.11
C ASP C 71 19.68 -16.26 -22.28
N LEU C 72 19.13 -15.05 -22.19
CA LEU C 72 17.94 -14.83 -21.38
C LEU C 72 16.72 -15.44 -22.06
N LYS C 73 16.71 -15.37 -23.39
CA LYS C 73 15.64 -15.96 -24.15
C LYS C 73 15.70 -17.47 -23.87
N LYS C 74 16.90 -18.04 -23.99
CA LYS C 74 17.08 -19.47 -23.76
C LYS C 74 16.67 -19.82 -22.35
N TYR C 75 17.05 -18.99 -21.39
CA TYR C 75 16.76 -19.30 -19.98
C TYR C 75 15.24 -19.26 -19.70
N MET C 76 14.58 -18.27 -20.25
CA MET C 76 13.13 -18.17 -20.05
C MET C 76 12.43 -19.29 -20.82
N GLU C 77 12.90 -19.63 -22.01
CA GLU C 77 12.32 -20.72 -22.77
C GLU C 77 12.40 -22.01 -21.93
N GLU C 78 13.57 -22.26 -21.33
CA GLU C 78 13.78 -23.48 -20.55
C GLU C 78 13.03 -23.45 -19.20
N ALA C 79 12.96 -22.29 -18.56
CA ALA C 79 12.40 -22.22 -17.20
C ALA C 79 10.88 -22.00 -17.18
N ILE C 80 10.30 -21.52 -18.27
CA ILE C 80 8.89 -21.12 -18.28
C ILE C 80 8.13 -21.80 -19.42
N MET C 81 8.54 -21.55 -20.66
CA MET C 81 7.78 -22.04 -21.79
C MET C 81 7.69 -23.54 -21.84
N GLN C 82 8.85 -24.23 -21.83
CA GLN C 82 8.87 -25.69 -21.95
C GLN C 82 8.00 -26.36 -20.88
N PRO C 83 8.21 -26.04 -19.59
CA PRO C 83 7.41 -26.73 -18.58
C PRO C 83 5.95 -26.28 -18.45
N LEU C 84 5.64 -25.04 -18.82
CA LEU C 84 4.31 -24.48 -18.52
C LEU C 84 3.38 -24.25 -19.71
N ASP C 85 3.91 -23.99 -20.89
CA ASP C 85 3.08 -23.51 -21.98
C ASP C 85 2.24 -24.62 -22.60
N HIS C 86 0.96 -24.31 -22.77
CA HIS C 86 -0.03 -25.28 -23.25
C HIS C 86 -0.10 -26.53 -22.39
N LYS C 87 -0.12 -26.30 -21.08
CA LYS C 87 -0.16 -27.35 -20.08
C LYS C 87 -1.29 -27.09 -19.11
N ASN C 88 -1.70 -28.16 -18.45
CA ASN C 88 -2.57 -28.13 -17.29
C ASN C 88 -1.66 -28.18 -16.08
N LEU C 89 -1.62 -27.10 -15.31
CA LEU C 89 -0.65 -26.97 -14.24
C LEU C 89 -0.77 -28.11 -13.23
N ASP C 90 -1.99 -28.41 -12.81
CA ASP C 90 -2.17 -29.36 -11.72
C ASP C 90 -1.98 -30.80 -12.13
N MET C 91 -2.10 -31.10 -13.41
CA MET C 91 -1.90 -32.50 -13.86
C MET C 91 -0.62 -32.76 -14.64
N ASP C 92 -0.10 -31.75 -15.31
CA ASP C 92 1.07 -31.93 -16.18
C ASP C 92 2.37 -31.45 -15.55
N VAL C 93 2.30 -30.62 -14.51
CA VAL C 93 3.50 -30.10 -13.87
C VAL C 93 3.65 -30.72 -12.48
N PRO C 94 4.63 -31.64 -12.30
CA PRO C 94 4.73 -32.41 -11.05
C PRO C 94 4.76 -31.57 -9.79
N TYR C 95 5.44 -30.42 -9.85
CA TYR C 95 5.51 -29.49 -8.74
C TYR C 95 4.14 -29.11 -8.18
N PHE C 96 3.14 -28.99 -9.04
CA PHE C 96 1.81 -28.59 -8.56
C PHE C 96 0.93 -29.75 -8.19
N ALA C 97 1.48 -30.96 -8.08
CA ALA C 97 0.71 -32.08 -7.57
C ALA C 97 0.29 -31.81 -6.11
N ASP C 98 1.22 -31.25 -5.32
CA ASP C 98 1.06 -31.01 -3.88
C ASP C 98 1.10 -29.51 -3.50
N VAL C 99 1.00 -28.63 -4.49
CA VAL C 99 1.04 -27.18 -4.28
C VAL C 99 -0.11 -26.51 -5.03
N VAL C 100 -0.80 -25.62 -4.34
CA VAL C 100 -1.95 -24.92 -4.90
C VAL C 100 -1.46 -24.02 -6.01
N SER C 101 -2.07 -24.10 -7.18
CA SER C 101 -1.57 -23.33 -8.35
C SER C 101 -2.05 -21.87 -8.39
N THR C 102 -1.95 -21.18 -7.26
CA THR C 102 -2.23 -19.77 -7.23
C THR C 102 -1.17 -19.05 -8.01
N THR C 103 -1.50 -17.83 -8.40
CA THR C 103 -0.55 -17.03 -9.13
C THR C 103 0.71 -16.78 -8.29
N GLU C 104 0.55 -16.58 -7.00
CA GLU C 104 1.70 -16.46 -6.11
C GLU C 104 2.62 -17.65 -6.29
N ASN C 105 2.08 -18.85 -6.21
CA ASN C 105 2.94 -20.07 -6.27
C ASN C 105 3.52 -20.29 -7.67
N VAL C 106 2.86 -19.76 -8.68
CA VAL C 106 3.40 -19.82 -10.03
C VAL C 106 4.61 -18.90 -10.14
N ALA C 107 4.55 -17.77 -9.48
CA ALA C 107 5.65 -16.82 -9.51
C ALA C 107 6.88 -17.43 -8.82
N VAL C 108 6.64 -18.08 -7.70
CA VAL C 108 7.72 -18.69 -6.91
C VAL C 108 8.33 -19.85 -7.69
N TYR C 109 7.49 -20.68 -8.29
CA TYR C 109 7.98 -21.77 -9.13
C TYR C 109 8.90 -21.24 -10.24
N ILE C 110 8.47 -20.19 -10.92
CA ILE C 110 9.23 -19.61 -12.04
C ILE C 110 10.56 -19.04 -11.54
N TRP C 111 10.53 -18.34 -10.41
CA TRP C 111 11.73 -17.83 -9.78
C TRP C 111 12.72 -18.96 -9.52
N ASP C 112 12.23 -20.02 -8.90
CA ASP C 112 13.09 -21.14 -8.52
C ASP C 112 13.68 -21.83 -9.74
N ASN C 113 12.88 -22.00 -10.78
CA ASN C 113 13.36 -22.57 -12.04
C ASN C 113 14.44 -21.71 -12.66
N LEU C 114 14.23 -20.39 -12.66
CA LEU C 114 15.25 -19.49 -13.21
C LEU C 114 16.53 -19.48 -12.40
N GLN C 115 16.44 -19.57 -11.08
CA GLN C 115 17.66 -19.50 -10.27
C GLN C 115 18.63 -20.68 -10.53
N LYS C 116 18.11 -21.82 -11.01
CA LYS C 116 18.93 -23.00 -11.36
C LYS C 116 19.77 -22.81 -12.63
N VAL C 117 19.25 -22.07 -13.62
CA VAL C 117 20.01 -21.71 -14.84
C VAL C 117 20.90 -20.46 -14.66
N LEU C 118 20.35 -19.41 -14.05
CA LEU C 118 21.00 -18.08 -14.05
C LEU C 118 22.22 -17.92 -13.13
N PRO C 119 23.24 -17.14 -13.59
CA PRO C 119 24.36 -16.73 -12.72
C PRO C 119 23.84 -16.11 -11.45
N VAL C 120 24.39 -16.55 -10.33
CA VAL C 120 24.09 -16.03 -8.99
C VAL C 120 23.99 -14.54 -8.97
N GLY C 121 23.00 -14.01 -8.26
CA GLY C 121 22.90 -12.57 -7.95
C GLY C 121 22.31 -11.70 -9.06
N VAL C 122 21.93 -12.35 -10.15
CA VAL C 122 21.51 -11.64 -11.37
C VAL C 122 19.97 -11.46 -11.44
N LEU C 123 19.22 -12.45 -10.97
CA LEU C 123 17.76 -12.40 -10.93
C LEU C 123 17.24 -11.38 -9.93
N TYR C 124 16.40 -10.47 -10.39
CA TYR C 124 15.88 -9.45 -9.51
C TYR C 124 14.40 -9.64 -9.24
N LYS C 125 13.63 -9.96 -10.25
CA LYS C 125 12.20 -9.90 -10.05
C LYS C 125 11.48 -10.77 -11.02
N VAL C 126 10.44 -11.44 -10.55
CA VAL C 126 9.53 -12.16 -11.43
C VAL C 126 8.14 -11.61 -11.22
N LYS C 127 7.51 -11.20 -12.31
CA LYS C 127 6.14 -10.65 -12.25
C LYS C 127 5.20 -11.48 -13.13
N VAL C 128 4.09 -11.94 -12.56
CA VAL C 128 3.15 -12.78 -13.30
C VAL C 128 1.80 -12.16 -13.33
N TYR C 129 1.29 -11.96 -14.55
CA TYR C 129 -0.10 -11.50 -14.75
C TYR C 129 -0.98 -12.73 -15.06
N GLU C 130 -1.86 -13.06 -14.13
CA GLU C 130 -2.87 -14.10 -14.35
C GLU C 130 -3.93 -13.58 -15.33
N THR C 131 -4.27 -12.31 -15.17
CA THR C 131 -5.10 -11.62 -16.13
C THR C 131 -4.51 -10.23 -16.25
N ASP C 132 -5.06 -9.42 -17.13
CA ASP C 132 -4.66 -8.04 -17.20
C ASP C 132 -4.70 -7.33 -15.83
N ASN C 133 -5.58 -7.75 -14.95
CA ASN C 133 -5.92 -6.97 -13.78
C ASN C 133 -5.36 -7.56 -12.48
N ASN C 134 -4.81 -8.78 -12.53
CA ASN C 134 -4.42 -9.54 -11.35
C ASN C 134 -2.95 -9.89 -11.52
N ILE C 135 -2.11 -9.32 -10.65
CA ILE C 135 -0.68 -9.41 -10.79
C ILE C 135 0.00 -9.84 -9.51
N VAL C 136 1.04 -10.65 -9.64
CA VAL C 136 1.89 -11.01 -8.55
C VAL C 136 3.34 -10.65 -8.85
N VAL C 137 4.02 -10.10 -7.86
CA VAL C 137 5.46 -9.86 -7.98
C VAL C 137 6.21 -10.60 -6.85
N TYR C 138 7.23 -11.37 -7.24
CA TYR C 138 8.07 -12.10 -6.29
C TYR C 138 9.51 -11.66 -6.48
N LYS C 139 10.20 -11.32 -5.39
CA LYS C 139 11.57 -10.80 -5.44
C LYS C 139 12.57 -11.67 -4.66
N GLY C 140 12.12 -12.84 -4.20
CA GLY C 140 13.01 -13.79 -3.54
C GLY C 140 13.06 -13.61 -2.05
N GLU C 141 12.22 -12.71 -1.52
CA GLU C 141 12.18 -12.35 -0.09
C GLU C 141 11.47 -13.48 0.73
N ARG D 4 18.71 14.15 -2.40
CA ARG D 4 19.48 15.36 -2.81
C ARG D 4 18.56 16.60 -2.74
N ARG D 5 17.28 16.39 -2.41
CA ARG D 5 16.37 17.47 -2.04
C ARG D 5 16.45 17.72 -0.51
N CYS D 6 16.05 18.89 -0.05
CA CYS D 6 16.25 19.21 1.36
C CYS D 6 15.06 19.80 2.05
N GLN D 7 14.94 19.55 3.36
CA GLN D 7 13.92 20.16 4.22
C GLN D 7 14.55 21.31 5.04
N ALA D 8 13.84 22.40 5.26
CA ALA D 8 14.37 23.52 6.01
C ALA D 8 13.27 24.30 6.76
N GLN D 9 13.71 25.12 7.71
CA GLN D 9 12.84 26.02 8.45
C GLN D 9 13.16 27.45 8.11
N VAL D 10 12.15 28.25 7.79
CA VAL D 10 12.31 29.62 7.38
C VAL D 10 11.46 30.47 8.31
N SER D 11 12.06 31.55 8.81
CA SER D 11 11.45 32.43 9.76
C SER D 11 11.44 33.85 9.31
N ARG D 12 10.40 34.53 9.76
CA ARG D 12 10.31 35.94 9.60
C ARG D 12 9.92 36.62 10.92
N ARG D 13 10.59 37.73 11.23
CA ARG D 13 10.36 38.43 12.44
C ARG D 13 9.67 39.77 12.16
N ILE D 14 8.62 40.09 12.89
CA ILE D 14 8.05 41.44 12.86
C ILE D 14 7.79 41.95 14.26
N SER D 15 7.49 43.24 14.39
CA SER D 15 6.96 43.71 15.66
C SER D 15 5.66 44.46 15.58
N PHE D 16 4.97 44.49 16.71
CA PHE D 16 3.78 45.33 16.84
C PHE D 16 3.69 45.94 18.24
N SER D 17 3.01 47.09 18.33
CA SER D 17 2.74 47.72 19.60
C SER D 17 1.32 47.51 20.05
N ALA D 18 1.18 47.10 21.31
CA ALA D 18 -0.13 46.96 21.89
C ALA D 18 -0.11 47.21 23.39
N SER D 19 -1.28 47.55 23.91
CA SER D 19 -1.43 47.64 25.35
C SER D 19 -2.29 46.49 25.81
N HIS D 20 -2.20 46.19 27.10
CA HIS D 20 -3.03 45.16 27.72
C HIS D 20 -3.01 45.30 29.21
N ARG D 21 -3.87 44.48 29.82
CA ARG D 21 -3.94 44.33 31.27
CA ARG D 21 -3.98 44.34 31.26
C ARG D 21 -4.20 42.87 31.53
N LEU D 22 -3.45 42.31 32.47
CA LEU D 22 -3.66 40.94 32.86
C LEU D 22 -4.67 40.90 34.00
N TYR D 23 -5.80 40.24 33.79
CA TYR D 23 -6.77 40.01 34.83
C TYR D 23 -7.72 38.96 34.34
N SER D 24 -8.33 38.24 35.26
CA SER D 24 -9.48 37.38 34.98
C SER D 24 -10.73 38.09 35.50
N LYS D 25 -11.79 38.05 34.70
CA LYS D 25 -13.12 38.47 35.07
C LYS D 25 -13.73 37.59 36.12
N PHE D 26 -13.09 36.46 36.39
CA PHE D 26 -13.60 35.52 37.41
C PHE D 26 -12.70 35.38 38.65
N LEU D 27 -11.99 36.45 38.98
CA LEU D 27 -11.24 36.51 40.22
C LEU D 27 -11.47 37.86 40.81
N SER D 28 -11.41 37.92 42.13
CA SER D 28 -11.53 39.19 42.80
C SER D 28 -10.36 40.07 42.48
N ASP D 29 -10.47 41.34 42.86
CA ASP D 29 -9.44 42.30 42.61
C ASP D 29 -8.18 41.84 43.32
N GLU D 30 -8.31 41.46 44.59
CA GLU D 30 -7.20 41.02 45.41
C GLU D 30 -6.46 39.83 44.78
N GLU D 31 -7.24 38.89 44.26
CA GLU D 31 -6.70 37.68 43.67
C GLU D 31 -6.01 38.01 42.35
N ASN D 32 -6.59 38.90 41.59
CA ASN D 32 -5.96 39.35 40.36
C ASN D 32 -4.66 40.08 40.68
N LEU D 33 -4.67 40.84 41.75
CA LEU D 33 -3.49 41.63 42.13
C LEU D 33 -2.40 40.69 42.64
N LYS D 34 -2.75 39.70 43.45
CA LYS D 34 -1.75 38.80 44.02
C LYS D 34 -1.04 38.05 42.94
N LEU D 35 -1.81 37.58 41.97
CA LEU D 35 -1.26 36.73 40.92
C LEU D 35 -0.51 37.46 39.78
N PHE D 36 -1.03 38.59 39.32
CA PHE D 36 -0.45 39.31 38.22
C PHE D 36 0.39 40.50 38.60
N GLY D 37 0.37 40.92 39.85
CA GLY D 37 1.09 42.10 40.31
C GLY D 37 0.93 43.34 39.42
N LYS D 38 2.05 43.94 39.07
CA LYS D 38 2.07 45.25 38.37
C LYS D 38 1.43 45.10 37.00
N CYS D 39 1.42 43.88 36.49
CA CYS D 39 0.71 43.60 35.22
C CYS D 39 -0.81 43.73 35.28
N ASN D 40 -1.36 43.79 36.50
CA ASN D 40 -2.79 44.02 36.74
C ASN D 40 -3.20 45.50 36.85
N ASN D 41 -2.26 46.43 36.68
CA ASN D 41 -2.53 47.85 36.78
C ASN D 41 -3.80 48.24 36.04
N PRO D 42 -4.78 48.85 36.72
CA PRO D 42 -6.11 48.96 36.13
C PRO D 42 -6.17 49.63 34.78
N ASN D 43 -5.38 50.67 34.56
CA ASN D 43 -5.46 51.34 33.27
C ASN D 43 -4.54 50.78 32.22
N GLY D 44 -3.90 49.66 32.53
CA GLY D 44 -3.10 48.91 31.56
C GLY D 44 -1.62 49.25 31.53
N HIS D 45 -0.91 48.55 30.66
CA HIS D 45 0.46 48.86 30.34
C HIS D 45 0.67 48.39 28.91
N GLY D 46 1.89 48.41 28.41
CA GLY D 46 2.08 48.03 27.04
C GLY D 46 3.43 47.50 26.66
N HIS D 47 3.51 47.00 25.43
CA HIS D 47 4.75 46.40 24.92
C HIS D 47 4.94 46.64 23.45
N ASN D 48 6.19 46.70 23.06
CA ASN D 48 6.57 46.43 21.67
C ASN D 48 6.78 44.96 21.52
N TYR D 49 5.76 44.23 21.11
CA TYR D 49 5.93 42.80 20.90
C TYR D 49 6.80 42.47 19.69
N LYS D 50 7.62 41.44 19.79
CA LYS D 50 8.27 40.87 18.61
C LYS D 50 7.72 39.50 18.38
N VAL D 51 7.44 39.16 17.11
CA VAL D 51 6.97 37.83 16.75
C VAL D 51 7.85 37.23 15.69
N VAL D 52 8.28 35.98 15.90
CA VAL D 52 8.98 35.22 14.92
C VAL D 52 8.12 34.05 14.51
N VAL D 53 7.79 34.02 13.22
CA VAL D 53 6.98 32.95 12.67
C VAL D 53 7.84 32.04 11.82
N THR D 54 7.88 30.75 12.17
CA THR D 54 8.68 29.79 11.43
C THR D 54 7.80 28.80 10.68
N VAL D 55 8.03 28.67 9.38
CA VAL D 55 7.40 27.66 8.55
C VAL D 55 8.44 26.64 8.15
N HIS D 56 8.02 25.51 7.67
CA HIS D 56 8.95 24.48 7.25
C HIS D 56 8.40 23.71 6.07
N GLY D 57 9.32 23.08 5.36
CA GLY D 57 8.97 22.25 4.25
C GLY D 57 10.17 22.01 3.38
N GLU D 58 9.88 21.44 2.24
CA GLU D 58 10.90 21.14 1.26
C GLU D 58 11.36 22.39 0.55
N ILE D 59 12.66 22.51 0.37
CA ILE D 59 13.25 23.55 -0.48
C ILE D 59 12.92 23.23 -1.93
N ASP D 60 12.14 24.10 -2.55
CA ASP D 60 11.76 23.94 -3.91
C ASP D 60 12.99 23.86 -4.78
N PRO D 61 13.17 22.70 -5.44
CA PRO D 61 14.35 22.57 -6.28
C PRO D 61 14.42 23.63 -7.36
N ALA D 62 13.30 24.19 -7.84
CA ALA D 62 13.37 25.19 -8.94
C ALA D 62 13.64 26.64 -8.48
N THR D 63 13.03 27.06 -7.37
CA THR D 63 13.06 28.47 -6.95
C THR D 63 13.94 28.71 -5.74
N GLY D 64 14.37 27.63 -5.08
CA GLY D 64 15.21 27.70 -3.90
C GLY D 64 14.54 28.06 -2.59
N MET D 65 13.21 28.04 -2.58
CA MET D 65 12.45 28.54 -1.42
C MET D 65 11.53 27.47 -0.81
N VAL D 66 11.49 27.45 0.52
CA VAL D 66 10.51 26.69 1.29
C VAL D 66 9.13 27.35 1.11
N MET D 67 9.12 28.67 1.13
CA MET D 67 7.91 29.43 0.98
C MET D 67 8.40 30.74 0.43
N ASN D 68 7.66 31.32 -0.50
CA ASN D 68 7.97 32.68 -0.90
C ASN D 68 7.68 33.70 0.21
N LEU D 69 8.70 34.48 0.51
CA LEU D 69 8.74 35.34 1.66
C LEU D 69 7.77 36.52 1.56
N ALA D 70 7.35 36.85 0.34
CA ALA D 70 6.30 37.82 0.06
C ALA D 70 4.91 37.25 0.39
N ASP D 71 4.76 35.94 0.29
CA ASP D 71 3.54 35.29 0.76
C ASP D 71 3.51 35.28 2.30
N LEU D 72 4.60 34.86 2.93
CA LEU D 72 4.66 34.86 4.40
C LEU D 72 4.47 36.22 5.01
N LYS D 73 5.01 37.24 4.37
CA LYS D 73 4.79 38.59 4.82
C LYS D 73 3.27 38.94 4.72
N LYS D 74 2.59 38.58 3.63
CA LYS D 74 1.17 38.89 3.51
C LYS D 74 0.32 38.15 4.55
N TYR D 75 0.67 36.91 4.81
CA TYR D 75 -0.04 36.13 5.81
C TYR D 75 0.17 36.72 7.22
N MET D 76 1.36 37.17 7.51
CA MET D 76 1.66 37.74 8.81
C MET D 76 1.01 39.13 8.93
N GLU D 77 0.96 39.89 7.87
CA GLU D 77 0.26 41.17 7.90
C GLU D 77 -1.22 40.90 8.28
N GLU D 78 -1.83 39.91 7.68
CA GLU D 78 -3.25 39.64 7.92
C GLU D 78 -3.51 38.98 9.28
N ALA D 79 -2.62 38.11 9.70
CA ALA D 79 -2.83 37.35 10.92
C ALA D 79 -2.34 38.03 12.22
N ILE D 80 -1.46 39.03 12.11
CA ILE D 80 -0.80 39.64 13.24
C ILE D 80 -0.92 41.15 13.21
N MET D 81 -0.40 41.82 12.19
CA MET D 81 -0.40 43.28 12.17
C MET D 81 -1.80 43.88 12.17
N GLN D 82 -2.64 43.49 11.23
CA GLN D 82 -3.99 44.10 11.13
C GLN D 82 -4.79 43.98 12.42
N PRO D 83 -4.93 42.78 12.97
CA PRO D 83 -5.68 42.68 14.21
C PRO D 83 -4.99 43.16 15.48
N LEU D 84 -3.66 43.20 15.54
CA LEU D 84 -2.98 43.48 16.83
C LEU D 84 -2.21 44.76 16.95
N ASP D 85 -1.75 45.32 15.84
CA ASP D 85 -0.86 46.47 15.91
C ASP D 85 -1.57 47.77 16.27
N HIS D 86 -0.99 48.48 17.23
CA HIS D 86 -1.54 49.68 17.74
C HIS D 86 -2.98 49.50 18.30
N LYS D 87 -3.13 48.41 19.04
CA LYS D 87 -4.40 48.08 19.64
C LYS D 87 -4.27 47.88 21.12
N ASN D 88 -5.38 47.98 21.81
CA ASN D 88 -5.53 47.50 23.18
C ASN D 88 -6.11 46.09 23.11
N LEU D 89 -5.34 45.07 23.52
CA LEU D 89 -5.74 43.68 23.30
C LEU D 89 -7.07 43.37 23.98
N ASP D 90 -7.22 43.78 25.20
CA ASP D 90 -8.39 43.38 25.96
C ASP D 90 -9.66 44.13 25.56
N MET D 91 -9.54 45.31 24.93
CA MET D 91 -10.72 46.04 24.46
C MET D 91 -10.96 46.03 22.97
N ASP D 92 -9.92 45.85 22.15
CA ASP D 92 -10.07 46.01 20.69
C ASP D 92 -10.05 44.67 19.98
N VAL D 93 -9.59 43.61 20.64
CA VAL D 93 -9.53 42.30 20.01
C VAL D 93 -10.56 41.38 20.65
N PRO D 94 -11.62 41.00 19.90
CA PRO D 94 -12.76 40.28 20.52
C PRO D 94 -12.36 39.00 21.26
N TYR D 95 -11.37 38.33 20.71
CA TYR D 95 -10.86 37.10 21.27
C TYR D 95 -10.45 37.24 22.69
N PHE D 96 -9.84 38.37 23.03
CA PHE D 96 -9.40 38.58 24.39
C PHE D 96 -10.47 39.19 25.31
N ALA D 97 -11.72 39.26 24.87
CA ALA D 97 -12.79 39.66 25.80
C ALA D 97 -12.85 38.70 26.95
N ASP D 98 -12.66 37.42 26.70
CA ASP D 98 -12.73 36.46 27.79
C ASP D 98 -11.60 35.43 27.75
N VAL D 99 -10.46 35.90 27.28
CA VAL D 99 -9.24 35.18 27.44
C VAL D 99 -8.20 36.16 28.01
N VAL D 100 -7.48 35.72 29.04
CA VAL D 100 -6.44 36.50 29.67
C VAL D 100 -5.31 36.71 28.63
N SER D 101 -4.89 37.97 28.46
CA SER D 101 -3.93 38.33 27.43
C SER D 101 -2.48 38.06 27.83
N THR D 102 -2.22 36.92 28.43
CA THR D 102 -0.82 36.55 28.67
C THR D 102 -0.11 36.37 27.33
N THR D 103 1.21 36.44 27.38
CA THR D 103 2.00 36.20 26.23
C THR D 103 1.73 34.76 25.65
N GLU D 104 1.55 33.76 26.52
CA GLU D 104 1.18 32.41 26.09
C GLU D 104 -0.08 32.45 25.21
N ASN D 105 -1.10 33.17 25.67
CA ASN D 105 -2.37 33.22 24.91
C ASN D 105 -2.26 34.05 23.64
N VAL D 106 -1.35 35.03 23.64
CA VAL D 106 -1.08 35.79 22.46
C VAL D 106 -0.43 34.88 21.40
N ALA D 107 0.52 34.03 21.83
CA ALA D 107 1.19 33.10 20.89
C ALA D 107 0.20 32.12 20.29
N VAL D 108 -0.73 31.64 21.12
CA VAL D 108 -1.74 30.69 20.64
C VAL D 108 -2.71 31.36 19.68
N TYR D 109 -3.08 32.59 19.99
CA TYR D 109 -3.98 33.37 19.12
C TYR D 109 -3.34 33.54 17.75
N ILE D 110 -2.08 33.89 17.73
CA ILE D 110 -1.35 34.13 16.49
C ILE D 110 -1.23 32.82 15.66
N TRP D 111 -0.95 31.72 16.34
CA TRP D 111 -0.87 30.42 15.72
C TRP D 111 -2.19 30.11 15.06
N ASP D 112 -3.27 30.32 15.78
CA ASP D 112 -4.56 29.96 15.25
C ASP D 112 -4.94 30.87 14.06
N ASN D 113 -4.61 32.14 14.13
CA ASN D 113 -4.90 33.04 13.03
C ASN D 113 -4.09 32.65 11.79
N LEU D 114 -2.82 32.30 12.00
CA LEU D 114 -1.96 31.84 10.93
C LEU D 114 -2.50 30.57 10.28
N GLN D 115 -3.01 29.62 11.07
CA GLN D 115 -3.56 28.38 10.48
C GLN D 115 -4.83 28.59 9.68
N LYS D 116 -5.53 29.69 9.87
CA LYS D 116 -6.70 29.99 9.02
C LYS D 116 -6.38 30.43 7.57
N VAL D 117 -5.18 30.94 7.37
CA VAL D 117 -4.78 31.43 6.07
C VAL D 117 -3.63 30.65 5.42
N LEU D 118 -2.85 29.89 6.20
CA LEU D 118 -1.72 29.16 5.65
C LEU D 118 -2.16 27.85 5.05
N PRO D 119 -1.46 27.38 4.02
CA PRO D 119 -1.59 26.01 3.57
C PRO D 119 -1.38 25.07 4.74
N VAL D 120 -2.09 23.93 4.74
CA VAL D 120 -1.98 22.93 5.79
C VAL D 120 -0.58 22.33 5.79
N GLY D 121 0.01 22.17 6.98
CA GLY D 121 1.26 21.41 7.13
C GLY D 121 2.54 22.21 6.99
N VAL D 122 2.42 23.53 7.01
CA VAL D 122 3.55 24.45 6.78
C VAL D 122 4.01 25.19 8.08
N LEU D 123 3.10 25.53 8.99
CA LEU D 123 3.48 26.24 10.21
C LEU D 123 4.23 25.34 11.17
N TYR D 124 5.37 25.80 11.64
CA TYR D 124 6.14 25.02 12.56
C TYR D 124 6.16 25.66 13.96
N LYS D 125 6.31 26.97 14.04
CA LYS D 125 6.59 27.58 15.32
C LYS D 125 6.22 29.04 15.36
N VAL D 126 5.64 29.46 16.49
CA VAL D 126 5.38 30.87 16.73
C VAL D 126 6.11 31.26 18.00
N LYS D 127 6.94 32.28 17.92
CA LYS D 127 7.68 32.78 19.08
C LYS D 127 7.32 34.23 19.34
N VAL D 128 6.91 34.55 20.58
CA VAL D 128 6.50 35.92 20.91
C VAL D 128 7.37 36.45 22.04
N TYR D 129 8.06 37.55 21.80
CA TYR D 129 8.79 38.25 22.80
C TYR D 129 7.90 39.38 23.34
N GLU D 130 7.47 39.26 24.58
CA GLU D 130 6.74 40.34 25.27
C GLU D 130 7.67 41.48 25.59
N THR D 131 8.92 41.13 25.92
CA THR D 131 10.00 42.07 26.13
C THR D 131 11.23 41.35 25.61
N ASP D 132 12.36 42.01 25.61
CA ASP D 132 13.62 41.36 25.25
C ASP D 132 13.87 40.07 26.07
N ASN D 133 13.35 40.01 27.31
CA ASN D 133 13.77 39.00 28.27
C ASN D 133 12.68 37.97 28.59
N ASN D 134 11.50 38.11 28.00
CA ASN D 134 10.35 37.27 28.31
C ASN D 134 9.81 36.75 27.03
N ILE D 135 9.92 35.45 26.82
CA ILE D 135 9.62 34.84 25.55
C ILE D 135 8.69 33.65 25.73
N VAL D 136 7.78 33.49 24.79
CA VAL D 136 6.96 32.29 24.67
C VAL D 136 7.11 31.64 23.28
N VAL D 137 7.19 30.32 23.27
CA VAL D 137 7.21 29.55 22.06
C VAL D 137 6.02 28.59 22.06
N TYR D 138 5.24 28.59 20.97
CA TYR D 138 4.12 27.66 20.80
C TYR D 138 4.29 26.88 19.50
N LYS D 139 4.12 25.57 19.54
CA LYS D 139 4.34 24.74 18.38
C LYS D 139 3.12 23.92 18.06
N GLY D 140 1.97 24.40 18.48
CA GLY D 140 0.71 23.75 18.15
C GLY D 140 0.35 22.54 18.99
N GLU D 141 1.09 22.27 20.06
CA GLU D 141 0.88 21.02 20.79
C GLU D 141 0.01 21.26 22.01
N ARG E 5 28.57 11.58 32.72
CA ARG E 5 28.43 11.86 31.24
C ARG E 5 27.19 12.73 30.88
N CYS E 6 27.34 13.68 29.94
CA CYS E 6 26.21 14.59 29.55
C CYS E 6 26.31 15.08 28.11
N GLN E 7 25.18 15.10 27.41
CA GLN E 7 25.09 15.74 26.08
C GLN E 7 24.86 17.25 26.13
N ALA E 8 25.52 17.99 25.24
CA ALA E 8 25.29 19.42 25.10
C ALA E 8 25.38 19.86 23.64
N GLN E 9 24.83 21.05 23.39
CA GLN E 9 24.99 21.72 22.10
C GLN E 9 25.85 22.93 22.29
N VAL E 10 26.78 23.15 21.39
CA VAL E 10 27.70 24.25 21.46
C VAL E 10 27.65 24.98 20.13
N SER E 11 27.48 26.31 20.18
CA SER E 11 27.37 27.11 19.00
C SER E 11 28.38 28.20 18.94
N ARG E 12 28.70 28.55 17.70
CA ARG E 12 29.54 29.66 17.38
C ARG E 12 28.91 30.50 16.29
N ARG E 13 28.95 31.81 16.47
CA ARG E 13 28.37 32.74 15.54
C ARG E 13 29.46 33.52 14.84
N ILE E 14 29.36 33.66 13.53
CA ILE E 14 30.19 34.59 12.78
C ILE E 14 29.40 35.32 11.73
N SER E 15 29.98 36.34 11.13
CA SER E 15 29.30 36.93 9.97
C SER E 15 30.23 37.08 8.80
N PHE E 16 29.60 37.23 7.63
CA PHE E 16 30.33 37.52 6.41
C PHE E 16 29.50 38.43 5.51
N SER E 17 30.19 39.20 4.68
CA SER E 17 29.56 40.04 3.67
C SER E 17 29.59 39.43 2.28
N ALA E 18 28.44 39.46 1.63
CA ALA E 18 28.33 38.95 0.31
C ALA E 18 27.23 39.64 -0.50
N SER E 19 27.39 39.65 -1.81
CA SER E 19 26.34 40.13 -2.69
C SER E 19 25.77 38.96 -3.43
N HIS E 20 24.55 39.12 -3.89
CA HIS E 20 23.87 38.12 -4.69
C HIS E 20 22.70 38.67 -5.50
N ARG E 21 22.15 37.83 -6.32
CA ARG E 21 20.99 38.17 -7.10
C ARG E 21 20.18 36.92 -7.15
N LEU E 22 18.88 37.00 -6.89
CA LEU E 22 18.02 35.84 -6.92
C LEU E 22 17.46 35.70 -8.34
N TYR E 23 17.71 34.54 -8.92
CA TYR E 23 17.35 34.29 -10.32
C TYR E 23 17.37 32.76 -10.46
N SER E 24 16.32 32.22 -11.06
CA SER E 24 16.20 30.82 -11.34
C SER E 24 16.28 30.62 -12.83
N LYS E 25 17.10 29.65 -13.22
CA LYS E 25 17.26 29.29 -14.63
C LYS E 25 16.02 28.60 -15.13
N PHE E 26 15.16 28.16 -14.20
CA PHE E 26 13.92 27.44 -14.58
C PHE E 26 12.70 28.31 -14.84
N LEU E 27 12.86 29.62 -14.62
CA LEU E 27 11.78 30.56 -14.71
C LEU E 27 12.15 31.48 -15.83
N SER E 28 11.17 32.08 -16.49
CA SER E 28 11.48 33.11 -17.47
C SER E 28 11.96 34.39 -16.77
N ASP E 29 12.45 35.34 -17.55
CA ASP E 29 12.79 36.67 -17.02
C ASP E 29 11.59 37.29 -16.31
N GLU E 30 10.40 37.14 -16.88
CA GLU E 30 9.19 37.76 -16.34
C GLU E 30 8.74 37.05 -15.06
N GLU E 31 8.89 35.73 -15.00
CA GLU E 31 8.47 34.95 -13.83
C GLU E 31 9.41 35.23 -12.69
N ASN E 32 10.69 35.38 -13.04
CA ASN E 32 11.74 35.74 -12.08
C ASN E 32 11.50 37.09 -11.39
N LEU E 33 11.12 38.13 -12.14
CA LEU E 33 10.72 39.42 -11.56
C LEU E 33 9.51 39.26 -10.66
N LYS E 34 8.47 38.59 -11.15
CA LYS E 34 7.26 38.39 -10.35
C LYS E 34 7.57 37.65 -9.05
N LEU E 35 8.41 36.63 -9.10
CA LEU E 35 8.66 35.78 -7.93
C LEU E 35 9.59 36.42 -6.91
N PHE E 36 10.69 36.99 -7.37
CA PHE E 36 11.72 37.47 -6.50
C PHE E 36 11.65 38.99 -6.28
N GLY E 37 10.86 39.69 -7.05
CA GLY E 37 10.73 41.13 -6.89
C GLY E 37 12.08 41.86 -6.86
N LYS E 38 12.28 42.70 -5.84
CA LYS E 38 13.47 43.58 -5.77
C LYS E 38 14.73 42.75 -5.62
N CYS E 39 14.60 41.57 -5.05
CA CYS E 39 15.73 40.65 -4.94
C CYS E 39 16.30 40.17 -6.29
N ASN E 40 15.53 40.37 -7.38
CA ASN E 40 15.95 40.06 -8.75
C ASN E 40 16.68 41.22 -9.43
N ASN E 41 16.90 42.34 -8.71
CA ASN E 41 17.63 43.50 -9.29
C ASN E 41 18.85 43.04 -10.10
N PRO E 42 18.91 43.40 -11.39
CA PRO E 42 19.94 42.83 -12.25
C PRO E 42 21.40 42.97 -11.79
N ASN E 43 21.76 44.07 -11.17
CA ASN E 43 23.14 44.24 -10.74
C ASN E 43 23.38 43.78 -9.28
N GLY E 44 22.37 43.13 -8.72
CA GLY E 44 22.48 42.53 -7.40
C GLY E 44 22.16 43.43 -6.22
N HIS E 45 22.32 42.86 -5.06
CA HIS E 45 22.19 43.59 -3.78
C HIS E 45 23.02 42.81 -2.82
N GLY E 46 23.01 43.16 -1.56
CA GLY E 46 23.85 42.42 -0.61
C GLY E 46 23.42 42.37 0.83
N HIS E 47 24.19 41.63 1.61
CA HIS E 47 23.89 41.37 3.02
C HIS E 47 25.12 41.14 3.83
N ASN E 48 25.04 41.58 5.10
CA ASN E 48 25.86 41.08 6.16
C ASN E 48 25.18 39.80 6.70
N TYR E 49 25.55 38.66 6.21
CA TYR E 49 25.02 37.39 6.70
C TYR E 49 25.58 37.08 8.11
N LYS E 50 24.74 36.58 9.01
CA LYS E 50 25.23 36.00 10.25
C LYS E 50 24.95 34.52 10.22
N VAL E 51 25.91 33.72 10.63
CA VAL E 51 25.77 32.23 10.64
C VAL E 51 26.07 31.70 12.05
N VAL E 52 25.14 30.91 12.59
CA VAL E 52 25.34 30.24 13.84
C VAL E 52 25.41 28.74 13.55
N VAL E 53 26.56 28.16 13.88
CA VAL E 53 26.84 26.75 13.68
C VAL E 53 26.82 26.03 15.04
N THR E 54 25.96 25.04 15.15
CA THR E 54 25.82 24.29 16.38
C THR E 54 26.28 22.85 16.15
N VAL E 55 27.16 22.40 17.04
CA VAL E 55 27.60 21.02 17.10
C VAL E 55 27.10 20.43 18.42
N HIS E 56 27.05 19.11 18.50
CA HIS E 56 26.58 18.45 19.69
C HIS E 56 27.39 17.23 19.97
N GLY E 57 27.33 16.77 21.23
CA GLY E 57 28.06 15.61 21.66
C GLY E 57 28.24 15.58 23.16
N GLU E 58 29.01 14.60 23.60
CA GLU E 58 29.27 14.43 25.00
C GLU E 58 30.24 15.49 25.50
N ILE E 59 29.99 16.00 26.69
CA ILE E 59 30.97 16.84 27.38
C ILE E 59 32.11 15.92 27.87
N ASP E 60 33.29 16.12 27.30
CA ASP E 60 34.46 15.34 27.61
C ASP E 60 34.81 15.57 29.07
N PRO E 61 34.77 14.51 29.88
CA PRO E 61 34.91 14.70 31.31
C PRO E 61 36.35 15.03 31.70
N ALA E 62 37.24 15.15 30.72
CA ALA E 62 38.62 15.53 31.00
C ALA E 62 38.78 17.01 30.75
N THR E 63 38.24 17.48 29.63
CA THR E 63 38.36 18.87 29.18
C THR E 63 37.09 19.72 29.43
N GLY E 64 35.97 19.05 29.71
CA GLY E 64 34.71 19.73 29.90
C GLY E 64 34.12 20.33 28.66
N MET E 65 34.67 20.03 27.49
CA MET E 65 34.13 20.54 26.25
C MET E 65 33.49 19.49 25.37
N VAL E 66 32.62 19.95 24.48
CA VAL E 66 32.04 19.10 23.47
C VAL E 66 33.01 19.04 22.30
N MET E 67 33.55 20.17 21.87
CA MET E 67 34.75 20.05 21.04
C MET E 67 35.79 21.17 21.20
N ASN E 68 37.01 20.87 20.72
CA ASN E 68 38.10 21.83 20.60
C ASN E 68 37.61 23.04 19.83
N LEU E 69 37.57 24.20 20.47
CA LEU E 69 37.04 25.40 19.81
C LEU E 69 37.99 26.02 18.77
N ALA E 70 39.28 26.02 19.03
CA ALA E 70 40.24 26.35 17.98
C ALA E 70 39.93 25.57 16.71
N ASP E 71 39.45 24.33 16.86
CA ASP E 71 39.07 23.49 15.71
C ASP E 71 37.79 23.97 15.00
N LEU E 72 36.76 24.27 15.79
CA LEU E 72 35.52 24.73 15.21
C LEU E 72 35.78 26.07 14.51
N LYS E 73 36.62 26.92 15.10
CA LYS E 73 36.97 28.20 14.50
C LYS E 73 37.63 27.97 13.16
N LYS E 74 38.67 27.13 13.13
CA LYS E 74 39.30 26.77 11.86
C LYS E 74 38.31 26.11 10.89
N TYR E 75 37.40 25.27 11.37
CA TYR E 75 36.48 24.61 10.47
C TYR E 75 35.56 25.64 9.82
N MET E 76 35.11 26.59 10.61
CA MET E 76 34.21 27.61 10.13
C MET E 76 34.94 28.58 9.23
N GLU E 77 36.19 28.91 9.56
CA GLU E 77 36.96 29.75 8.69
C GLU E 77 37.11 29.11 7.30
N GLU E 78 37.35 27.80 7.27
CA GLU E 78 37.55 27.07 6.02
C GLU E 78 36.23 26.85 5.24
N ALA E 79 35.14 26.59 5.95
CA ALA E 79 33.88 26.20 5.33
C ALA E 79 32.97 27.36 4.99
N ILE E 80 33.19 28.52 5.60
CA ILE E 80 32.31 29.68 5.46
C ILE E 80 33.08 30.94 5.07
N MET E 81 34.04 31.38 5.87
CA MET E 81 34.68 32.66 5.58
C MET E 81 35.48 32.65 4.26
N GLN E 82 36.39 31.69 4.10
CA GLN E 82 37.23 31.65 2.91
C GLN E 82 36.38 31.65 1.62
N PRO E 83 35.40 30.76 1.52
CA PRO E 83 34.67 30.74 0.24
C PRO E 83 33.65 31.86 0.06
N LEU E 84 33.09 32.41 1.14
CA LEU E 84 31.92 33.28 1.03
C LEU E 84 32.15 34.75 1.36
N ASP E 85 33.13 35.04 2.22
CA ASP E 85 33.26 36.40 2.72
C ASP E 85 33.84 37.37 1.67
N HIS E 86 33.17 38.50 1.54
CA HIS E 86 33.50 39.52 0.56
C HIS E 86 33.47 38.97 -0.86
N LYS E 87 32.43 38.20 -1.15
CA LYS E 87 32.27 37.58 -2.46
C LYS E 87 30.89 37.89 -3.02
N ASN E 88 30.80 37.76 -4.32
CA ASN E 88 29.54 37.73 -5.03
C ASN E 88 29.13 36.24 -5.18
N LEU E 89 28.04 35.83 -4.56
CA LEU E 89 27.73 34.42 -4.47
C LEU E 89 27.54 33.82 -5.85
N ASP E 90 26.80 34.52 -6.70
CA ASP E 90 26.43 33.94 -8.01
C ASP E 90 27.57 33.93 -9.03
N MET E 91 28.59 34.77 -8.84
CA MET E 91 29.73 34.81 -9.76
C MET E 91 31.04 34.28 -9.21
N ASP E 92 31.22 34.30 -7.91
CA ASP E 92 32.51 33.91 -7.33
C ASP E 92 32.47 32.51 -6.71
N VAL E 93 31.29 31.99 -6.43
CA VAL E 93 31.18 30.68 -5.76
C VAL E 93 30.58 29.65 -6.75
N PRO E 94 31.43 28.77 -7.32
CA PRO E 94 30.98 27.86 -8.41
C PRO E 94 29.65 27.13 -8.14
N TYR E 95 29.45 26.70 -6.90
CA TYR E 95 28.26 26.03 -6.50
C TYR E 95 26.95 26.81 -6.86
N PHE E 96 26.98 28.12 -6.77
CA PHE E 96 25.82 28.91 -7.11
C PHE E 96 25.69 29.30 -8.60
N ALA E 97 26.54 28.75 -9.46
CA ALA E 97 26.39 28.95 -10.90
C ALA E 97 25.02 28.44 -11.33
N ASP E 98 24.58 27.29 -10.79
CA ASP E 98 23.29 26.73 -11.20
CA ASP E 98 23.30 26.69 -11.19
C ASP E 98 22.39 26.38 -10.01
N VAL E 99 22.60 27.09 -8.92
CA VAL E 99 21.73 26.97 -7.77
C VAL E 99 21.31 28.38 -7.34
N VAL E 100 20.03 28.59 -7.08
CA VAL E 100 19.52 29.87 -6.69
C VAL E 100 20.11 30.19 -5.31
N SER E 101 20.68 31.37 -5.15
CA SER E 101 21.32 31.75 -3.89
C SER E 101 20.33 32.29 -2.81
N THR E 102 19.24 31.59 -2.64
CA THR E 102 18.35 31.87 -1.52
C THR E 102 19.07 31.55 -0.23
N THR E 103 18.56 32.13 0.83
CA THR E 103 19.15 31.89 2.14
C THR E 103 19.08 30.39 2.54
N GLU E 104 18.00 29.72 2.17
CA GLU E 104 17.86 28.28 2.29
C GLU E 104 19.06 27.56 1.66
N ASN E 105 19.40 27.90 0.45
CA ASN E 105 20.43 27.16 -0.27
C ASN E 105 21.81 27.54 0.27
N VAL E 106 21.94 28.74 0.82
CA VAL E 106 23.18 29.14 1.47
C VAL E 106 23.41 28.29 2.73
N ALA E 107 22.34 28.05 3.49
CA ALA E 107 22.39 27.21 4.71
C ALA E 107 22.77 25.77 4.36
N VAL E 108 22.21 25.25 3.28
CA VAL E 108 22.54 23.89 2.85
C VAL E 108 24.03 23.83 2.37
N TYR E 109 24.46 24.83 1.63
CA TYR E 109 25.81 24.90 1.14
C TYR E 109 26.83 24.86 2.28
N ILE E 110 26.55 25.63 3.32
CA ILE E 110 27.35 25.71 4.50
C ILE E 110 27.39 24.38 5.24
N TRP E 111 26.22 23.78 5.42
CA TRP E 111 26.08 22.48 6.07
C TRP E 111 26.96 21.45 5.37
N ASP E 112 26.86 21.41 4.04
CA ASP E 112 27.62 20.45 3.23
C ASP E 112 29.12 20.71 3.30
N ASN E 113 29.50 21.98 3.32
CA ASN E 113 30.92 22.31 3.45
C ASN E 113 31.48 21.88 4.80
N LEU E 114 30.69 22.06 5.83
CA LEU E 114 31.08 21.64 7.17
C LEU E 114 31.18 20.13 7.31
N GLN E 115 30.30 19.38 6.66
CA GLN E 115 30.35 17.92 6.72
C GLN E 115 31.59 17.33 6.02
N LYS E 116 32.29 18.10 5.18
CA LYS E 116 33.57 17.64 4.62
C LYS E 116 34.69 17.63 5.63
N VAL E 117 34.58 18.42 6.69
CA VAL E 117 35.70 18.54 7.64
C VAL E 117 35.32 18.11 9.04
N LEU E 118 34.10 18.40 9.45
CA LEU E 118 33.69 17.98 10.77
C LEU E 118 33.60 16.47 10.77
N PRO E 119 33.94 15.84 11.92
CA PRO E 119 33.65 14.42 12.08
C PRO E 119 32.17 14.11 11.92
N VAL E 120 31.86 12.88 11.58
CA VAL E 120 30.47 12.43 11.34
C VAL E 120 29.58 12.52 12.59
N GLY E 121 28.33 12.99 12.43
CA GLY E 121 27.39 13.04 13.57
C GLY E 121 27.49 14.22 14.57
N VAL E 122 28.48 15.09 14.40
CA VAL E 122 28.77 16.17 15.35
C VAL E 122 27.99 17.45 15.00
N LEU E 123 27.77 17.70 13.71
CA LEU E 123 27.04 18.87 13.26
C LEU E 123 25.60 18.66 13.56
N TYR E 124 25.00 19.62 14.24
CA TYR E 124 23.62 19.52 14.62
C TYR E 124 22.75 20.51 13.82
N LYS E 125 23.22 21.73 13.65
CA LYS E 125 22.39 22.77 13.09
C LYS E 125 23.22 23.90 12.46
N VAL E 126 22.70 24.43 11.37
CA VAL E 126 23.21 25.63 10.72
C VAL E 126 22.07 26.66 10.59
N LYS E 127 22.30 27.83 11.17
CA LYS E 127 21.33 28.90 11.13
C LYS E 127 21.94 30.10 10.40
N VAL E 128 21.23 30.58 9.40
CA VAL E 128 21.70 31.71 8.63
C VAL E 128 20.70 32.87 8.72
N TYR E 129 21.19 34.02 9.16
CA TYR E 129 20.42 35.25 9.12
C TYR E 129 20.84 36.06 7.90
N GLU E 130 19.95 36.20 6.94
CA GLU E 130 20.14 37.03 5.77
C GLU E 130 20.03 38.51 6.20
N THR E 131 19.07 38.77 7.09
CA THR E 131 18.95 40.05 7.75
C THR E 131 18.63 39.78 9.19
N ASP E 132 18.52 40.82 10.00
CA ASP E 132 18.09 40.62 11.38
C ASP E 132 16.73 39.88 11.44
N ASN E 133 15.92 40.03 10.40
CA ASN E 133 14.53 39.58 10.43
C ASN E 133 14.18 38.34 9.59
N ASN E 134 15.15 37.83 8.85
CA ASN E 134 14.93 36.77 7.92
C ASN E 134 15.90 35.69 8.19
N ILE E 135 15.43 34.53 8.66
CA ILE E 135 16.32 33.46 9.17
C ILE E 135 15.97 32.11 8.55
N VAL E 136 17.01 31.31 8.29
CA VAL E 136 16.84 29.94 7.89
C VAL E 136 17.58 29.01 8.85
N VAL E 137 16.95 27.91 9.18
CA VAL E 137 17.60 26.88 9.95
C VAL E 137 17.57 25.55 9.14
N TYR E 138 18.74 24.95 8.96
CA TYR E 138 18.88 23.66 8.29
C TYR E 138 19.53 22.68 9.23
N LYS E 139 19.01 21.46 9.23
CA LYS E 139 19.44 20.43 10.18
C LYS E 139 19.83 19.09 9.53
N GLY E 140 20.04 19.04 8.22
CA GLY E 140 20.51 17.79 7.58
C GLY E 140 19.40 16.92 6.99
N GLU E 141 18.19 17.46 6.95
CA GLU E 141 17.01 16.68 6.56
C GLU E 141 16.64 17.02 5.13
N ARG F 4 -9.96 21.80 25.95
CA ARG F 4 -8.95 22.19 24.90
C ARG F 4 -7.71 22.66 25.61
N ARG F 5 -6.65 21.85 25.59
CA ARG F 5 -5.47 22.16 26.35
C ARG F 5 -4.19 22.19 25.49
N CYS F 6 -3.34 23.17 25.83
CA CYS F 6 -2.27 23.65 24.98
C CYS F 6 -0.98 23.62 25.75
N GLN F 7 0.06 23.05 25.16
CA GLN F 7 1.39 23.08 25.76
C GLN F 7 2.21 24.25 25.17
N ALA F 8 3.05 24.89 26.00
CA ALA F 8 3.89 25.97 25.56
C ALA F 8 5.23 25.98 26.28
N GLN F 9 6.18 26.69 25.69
CA GLN F 9 7.47 26.96 26.32
C GLN F 9 7.57 28.41 26.69
N VAL F 10 8.03 28.67 27.89
CA VAL F 10 8.16 30.00 28.38
C VAL F 10 9.57 30.17 28.86
N SER F 11 10.17 31.28 28.49
CA SER F 11 11.57 31.60 28.79
C SER F 11 11.79 32.95 29.45
N ARG F 12 12.79 32.97 30.31
CA ARG F 12 13.28 34.19 30.91
C ARG F 12 14.78 34.28 30.79
N ARG F 13 15.22 35.49 30.45
CA ARG F 13 16.61 35.78 30.26
C ARG F 13 17.13 36.69 31.35
N ILE F 14 18.29 36.36 31.89
CA ILE F 14 18.98 37.24 32.81
C ILE F 14 20.43 37.25 32.48
N SER F 15 21.17 38.14 33.08
CA SER F 15 22.62 38.04 32.99
C SER F 15 23.31 38.11 34.32
N PHE F 16 24.54 37.61 34.35
CA PHE F 16 25.38 37.78 35.53
C PHE F 16 26.82 37.98 35.09
N SER F 17 27.61 38.61 35.96
CA SER F 17 29.05 38.82 35.76
C SER F 17 29.87 37.91 36.59
N ALA F 18 30.83 37.25 35.97
CA ALA F 18 31.71 36.36 36.71
C ALA F 18 33.05 36.28 36.02
N SER F 19 34.06 35.95 36.82
CA SER F 19 35.39 35.68 36.28
C SER F 19 35.69 34.19 36.41
N HIS F 20 36.59 33.72 35.55
CA HIS F 20 37.03 32.33 35.60
C HIS F 20 38.36 32.14 34.89
N ARG F 21 38.85 30.93 35.02
CA ARG F 21 40.02 30.49 34.31
C ARG F 21 39.75 29.06 33.87
N LEU F 22 40.10 28.74 32.63
CA LEU F 22 39.98 27.37 32.16
C LEU F 22 41.27 26.65 32.44
N TYR F 23 41.17 25.58 33.22
CA TYR F 23 42.33 24.82 33.70
C TYR F 23 41.80 23.47 34.15
N SER F 24 42.49 22.39 33.80
CA SER F 24 42.05 21.04 34.19
C SER F 24 43.07 20.34 35.06
N LYS F 25 42.60 19.81 36.19
CA LYS F 25 43.45 19.02 37.11
C LYS F 25 44.11 17.87 36.39
N PHE F 26 43.57 17.46 35.24
CA PHE F 26 44.05 16.27 34.53
C PHE F 26 45.22 16.50 33.53
N LEU F 27 45.36 17.71 32.98
CA LEU F 27 46.49 18.04 32.04
C LEU F 27 47.67 18.76 32.71
N SER F 28 48.79 18.91 31.99
CA SER F 28 49.94 19.66 32.50
C SER F 28 49.81 21.18 32.28
N ASP F 29 50.44 21.97 33.16
CA ASP F 29 50.53 23.44 33.00
C ASP F 29 50.94 23.83 31.57
N GLU F 30 51.68 22.95 30.90
CA GLU F 30 52.07 23.15 29.51
C GLU F 30 50.92 22.78 28.54
N GLU F 31 50.20 21.69 28.82
CA GLU F 31 49.18 21.20 27.87
C GLU F 31 47.82 21.90 28.03
N ASN F 32 47.56 22.43 29.23
CA ASN F 32 46.39 23.29 29.47
C ASN F 32 46.55 24.58 28.67
N LEU F 33 47.79 25.05 28.56
CA LEU F 33 48.08 26.19 27.67
C LEU F 33 47.74 25.84 26.23
N LYS F 34 48.15 24.66 25.78
CA LYS F 34 47.88 24.24 24.39
C LYS F 34 46.39 24.07 24.11
N LEU F 35 45.66 23.51 25.05
CA LEU F 35 44.22 23.26 24.88
C LEU F 35 43.34 24.51 25.05
N PHE F 36 43.60 25.30 26.09
CA PHE F 36 42.72 26.42 26.42
C PHE F 36 43.23 27.78 25.93
N GLY F 37 44.48 27.85 25.53
CA GLY F 37 45.08 29.10 25.06
C GLY F 37 44.91 30.29 26.00
N LYS F 38 44.43 31.40 25.46
CA LYS F 38 44.28 32.63 26.23
C LYS F 38 43.28 32.45 27.42
N CYS F 39 42.34 31.52 27.27
CA CYS F 39 41.39 31.21 28.34
C CYS F 39 42.04 30.59 29.58
N ASN F 40 43.31 30.19 29.45
CA ASN F 40 44.12 29.66 30.54
C ASN F 40 44.98 30.74 31.22
N ASN F 41 44.83 32.00 30.84
CA ASN F 41 45.54 33.11 31.53
C ASN F 41 45.54 32.93 33.07
N PRO F 42 46.71 32.88 33.72
CA PRO F 42 46.77 32.50 35.14
C PRO F 42 45.87 33.33 36.08
N ASN F 43 45.75 34.64 35.86
CA ASN F 43 44.97 35.47 36.79
C ASN F 43 43.52 35.61 36.35
N GLY F 44 43.13 34.86 35.32
CA GLY F 44 41.76 34.76 34.91
C GLY F 44 41.35 35.75 33.85
N HIS F 45 40.08 35.66 33.46
CA HIS F 45 39.43 36.62 32.59
C HIS F 45 37.96 36.58 32.98
N GLY F 46 37.09 37.26 32.25
CA GLY F 46 35.70 37.28 32.65
C GLY F 46 34.68 37.52 31.58
N HIS F 47 33.41 37.40 31.96
CA HIS F 47 32.30 37.53 31.05
C HIS F 47 31.08 38.11 31.72
N ASN F 48 30.29 38.83 30.90
CA ASN F 48 28.89 39.08 31.22
C ASN F 48 28.11 37.91 30.65
N TYR F 49 27.86 36.90 31.46
CA TYR F 49 27.07 35.77 30.99
C TYR F 49 25.59 36.14 30.78
N LYS F 50 24.96 35.59 29.76
CA LYS F 50 23.48 35.65 29.64
C LYS F 50 22.94 34.25 29.74
N VAL F 51 21.84 34.10 30.46
CA VAL F 51 21.23 32.78 30.61
C VAL F 51 19.77 32.89 30.22
N VAL F 52 19.32 31.99 29.36
CA VAL F 52 17.91 31.87 29.07
C VAL F 52 17.45 30.54 29.65
N VAL F 53 16.52 30.60 30.57
CA VAL F 53 15.91 29.40 31.14
C VAL F 53 14.55 29.22 30.54
N THR F 54 14.27 28.02 30.03
CA THR F 54 12.99 27.71 29.40
C THR F 54 12.31 26.59 30.18
N VAL F 55 11.07 26.87 30.59
CA VAL F 55 10.21 25.87 31.18
C VAL F 55 9.10 25.52 30.23
N HIS F 56 8.47 24.37 30.44
CA HIS F 56 7.35 24.00 29.61
C HIS F 56 6.24 23.33 30.38
N GLY F 57 5.06 23.33 29.80
CA GLY F 57 3.89 22.72 30.41
C GLY F 57 2.61 23.25 29.80
N GLU F 58 1.51 22.83 30.39
CA GLU F 58 0.21 23.22 29.94
C GLU F 58 -0.11 24.66 30.30
N ILE F 59 -0.74 25.38 29.40
CA ILE F 59 -1.25 26.72 29.71
C ILE F 59 -2.49 26.59 30.64
N ASP F 60 -2.35 27.05 31.88
CA ASP F 60 -3.46 27.01 32.83
C ASP F 60 -4.63 27.82 32.33
N PRO F 61 -5.78 27.18 32.14
CA PRO F 61 -6.98 27.84 31.59
C PRO F 61 -7.53 28.99 32.41
N ALA F 62 -7.26 28.97 33.71
CA ALA F 62 -7.76 29.97 34.61
C ALA F 62 -6.82 31.18 34.68
N THR F 63 -5.51 30.97 34.53
CA THR F 63 -4.55 32.06 34.68
C THR F 63 -3.94 32.50 33.35
N GLY F 64 -3.95 31.63 32.34
CA GLY F 64 -3.36 31.93 31.04
C GLY F 64 -1.87 31.73 31.03
N MET F 65 -1.37 30.99 31.99
CA MET F 65 0.08 30.97 32.29
C MET F 65 0.56 29.53 32.45
N VAL F 66 1.77 29.28 31.98
CA VAL F 66 2.43 27.97 32.09
C VAL F 66 3.12 27.98 33.44
N MET F 67 3.86 29.04 33.72
CA MET F 67 4.36 29.29 35.05
C MET F 67 4.37 30.80 35.28
N ASN F 68 4.13 31.20 36.53
CA ASN F 68 4.12 32.60 36.91
C ASN F 68 5.53 33.17 36.83
N LEU F 69 5.73 34.25 36.07
CA LEU F 69 7.06 34.81 35.95
C LEU F 69 7.50 35.49 37.29
N ALA F 70 6.61 35.65 38.24
CA ALA F 70 7.08 36.03 39.57
C ALA F 70 7.87 34.84 40.10
N ASP F 71 7.30 33.65 39.95
CA ASP F 71 7.94 32.41 40.37
C ASP F 71 9.28 32.15 39.62
N LEU F 72 9.25 32.20 38.30
CA LEU F 72 10.46 31.96 37.53
C LEU F 72 11.59 32.95 37.88
N LYS F 73 11.23 34.19 38.13
CA LYS F 73 12.18 35.18 38.60
C LYS F 73 12.90 34.74 39.89
N LYS F 74 12.15 34.29 40.88
CA LYS F 74 12.73 33.87 42.18
C LYS F 74 13.60 32.62 42.04
N TYR F 75 13.10 31.60 41.36
CA TYR F 75 13.88 30.37 41.19
C TYR F 75 15.21 30.66 40.54
N MET F 76 15.18 31.54 39.55
CA MET F 76 16.40 31.92 38.87
C MET F 76 17.29 32.79 39.75
N GLU F 77 16.69 33.62 40.58
CA GLU F 77 17.50 34.42 41.53
C GLU F 77 18.26 33.47 42.47
N GLU F 78 17.60 32.42 42.93
CA GLU F 78 18.20 31.48 43.88
C GLU F 78 19.19 30.55 43.18
N ALA F 79 18.87 30.10 41.98
CA ALA F 79 19.68 29.08 41.32
C ALA F 79 20.84 29.64 40.48
N ILE F 80 20.79 30.92 40.12
CA ILE F 80 21.79 31.53 39.22
C ILE F 80 22.42 32.81 39.83
N MET F 81 21.62 33.83 40.11
CA MET F 81 22.19 35.10 40.59
C MET F 81 22.94 34.98 41.90
N GLN F 82 22.30 34.44 42.92
CA GLN F 82 22.93 34.36 44.26
C GLN F 82 24.27 33.64 44.22
N PRO F 83 24.32 32.42 43.66
CA PRO F 83 25.61 31.71 43.65
C PRO F 83 26.63 32.18 42.62
N LEU F 84 26.21 32.77 41.52
CA LEU F 84 27.16 33.08 40.43
C LEU F 84 27.47 34.56 40.19
N ASP F 85 26.57 35.47 40.55
CA ASP F 85 26.73 36.85 40.09
C ASP F 85 27.79 37.60 40.88
N HIS F 86 28.67 38.28 40.16
CA HIS F 86 29.81 38.98 40.78
C HIS F 86 30.68 38.04 41.60
N LYS F 87 30.98 36.89 41.00
CA LYS F 87 31.80 35.86 41.61
C LYS F 87 32.92 35.40 40.70
N ASN F 88 33.95 34.83 41.31
CA ASN F 88 34.98 34.13 40.60
C ASN F 88 34.57 32.67 40.65
N LEU F 89 34.25 32.10 39.48
CA LEU F 89 33.68 30.76 39.45
C LEU F 89 34.59 29.74 40.12
N ASP F 90 35.88 29.76 39.80
CA ASP F 90 36.80 28.71 40.26
C ASP F 90 37.16 28.83 41.73
N MET F 91 37.06 30.02 42.30
CA MET F 91 37.42 30.22 43.71
C MET F 91 36.23 30.42 44.65
N ASP F 92 35.13 30.96 44.15
CA ASP F 92 33.99 31.31 45.03
C ASP F 92 32.87 30.29 44.97
N VAL F 93 32.80 29.48 43.91
CA VAL F 93 31.74 28.48 43.76
C VAL F 93 32.31 27.06 43.99
N PRO F 94 32.02 26.41 45.14
CA PRO F 94 32.65 25.15 45.52
C PRO F 94 32.58 24.07 44.43
N TYR F 95 31.47 23.99 43.75
CA TYR F 95 31.31 23.04 42.66
C TYR F 95 32.47 23.06 41.64
N PHE F 96 33.00 24.25 41.33
CA PHE F 96 34.05 24.36 40.34
C PHE F 96 35.46 24.23 40.90
N ALA F 97 35.57 23.77 42.14
CA ALA F 97 36.87 23.49 42.71
C ALA F 97 37.54 22.35 41.93
N ASP F 98 36.76 21.38 41.48
CA ASP F 98 37.33 20.28 40.68
C ASP F 98 36.51 19.97 39.43
N VAL F 99 35.88 20.99 38.90
CA VAL F 99 35.25 20.91 37.60
C VAL F 99 35.71 22.11 36.79
N VAL F 100 36.06 21.85 35.55
CA VAL F 100 36.51 22.89 34.63
C VAL F 100 35.34 23.81 34.33
N SER F 101 35.55 25.11 34.47
CA SER F 101 34.46 26.07 34.33
C SER F 101 34.21 26.49 32.87
N THR F 102 34.13 25.50 31.99
CA THR F 102 33.71 25.72 30.65
C THR F 102 32.25 26.10 30.68
N THR F 103 31.80 26.77 29.62
CA THR F 103 30.41 27.18 29.50
C THR F 103 29.47 25.94 29.54
N GLU F 104 29.90 24.84 28.94
CA GLU F 104 29.14 23.60 29.02
C GLU F 104 28.89 23.23 30.48
N ASN F 105 29.92 23.28 31.30
CA ASN F 105 29.77 22.86 32.71
C ASN F 105 28.98 23.92 33.53
N VAL F 106 29.05 25.16 33.10
CA VAL F 106 28.20 26.17 33.73
C VAL F 106 26.72 25.88 33.43
N ALA F 107 26.43 25.46 32.20
CA ALA F 107 25.04 25.18 31.82
C ALA F 107 24.48 24.01 32.58
N VAL F 108 25.30 22.99 32.79
CA VAL F 108 24.90 21.84 33.54
C VAL F 108 24.70 22.23 35.00
N TYR F 109 25.62 23.01 35.53
CA TYR F 109 25.53 23.42 36.94
C TYR F 109 24.20 24.15 37.16
N ILE F 110 23.88 25.07 36.26
CA ILE F 110 22.63 25.86 36.34
C ILE F 110 21.44 24.96 36.25
N TRP F 111 21.45 24.02 35.30
CA TRP F 111 20.38 23.02 35.15
C TRP F 111 20.15 22.29 36.47
N ASP F 112 21.22 21.75 37.05
CA ASP F 112 21.11 20.98 38.26
C ASP F 112 20.59 21.83 39.43
N ASN F 113 21.06 23.06 39.55
CA ASN F 113 20.57 23.96 40.61
C ASN F 113 19.09 24.24 40.49
N LEU F 114 18.68 24.53 39.28
CA LEU F 114 17.26 24.78 39.03
C LEU F 114 16.40 23.56 39.32
N GLN F 115 16.86 22.37 38.95
CA GLN F 115 16.07 21.17 39.24
C GLN F 115 15.92 20.89 40.73
N LYS F 116 16.81 21.45 41.56
CA LYS F 116 16.66 21.36 43.01
C LYS F 116 15.63 22.32 43.59
N VAL F 117 14.95 23.12 42.76
CA VAL F 117 13.88 24.03 43.23
C VAL F 117 12.61 23.96 42.42
N LEU F 118 12.71 23.61 41.15
CA LEU F 118 11.54 23.62 40.30
C LEU F 118 10.72 22.39 40.55
N PRO F 119 9.39 22.51 40.34
CA PRO F 119 8.53 21.33 40.23
C PRO F 119 9.14 20.40 39.22
N VAL F 120 9.07 19.12 39.51
CA VAL F 120 9.59 18.07 38.62
C VAL F 120 8.90 18.18 37.25
N GLY F 121 9.63 17.85 36.19
CA GLY F 121 9.07 17.87 34.82
C GLY F 121 8.83 19.24 34.18
N VAL F 122 9.30 20.30 34.82
CA VAL F 122 8.99 21.67 34.34
C VAL F 122 10.12 22.23 33.45
N LEU F 123 11.36 21.99 33.85
CA LEU F 123 12.54 22.44 33.12
C LEU F 123 12.71 21.83 31.74
N TYR F 124 12.89 22.67 30.75
CA TYR F 124 13.05 22.18 29.40
C TYR F 124 14.46 22.41 28.87
N LYS F 125 15.00 23.61 29.10
CA LYS F 125 16.23 23.99 28.48
C LYS F 125 16.95 25.10 29.25
N VAL F 126 18.28 25.01 29.28
CA VAL F 126 19.10 26.06 29.80
C VAL F 126 20.05 26.47 28.72
N LYS F 127 20.06 27.76 28.38
CA LYS F 127 20.98 28.27 27.36
C LYS F 127 21.90 29.31 27.98
N VAL F 128 23.20 29.13 27.81
CA VAL F 128 24.18 30.08 28.34
C VAL F 128 25.00 30.73 27.22
N TYR F 129 24.96 32.07 27.17
CA TYR F 129 25.86 32.82 26.31
C TYR F 129 27.05 33.28 27.11
N GLU F 130 28.22 32.73 26.82
CA GLU F 130 29.51 33.20 27.40
C GLU F 130 29.88 34.57 26.82
N THR F 131 29.60 34.73 25.52
CA THR F 131 29.73 35.99 24.83
C THR F 131 28.56 36.02 23.87
N ASP F 132 28.39 37.11 23.13
CA ASP F 132 27.37 37.19 22.13
C ASP F 132 27.45 36.05 21.10
N ASN F 133 28.66 35.52 20.88
CA ASN F 133 28.96 34.63 19.77
C ASN F 133 29.28 33.17 20.19
N ASN F 134 29.24 32.88 21.47
CA ASN F 134 29.57 31.56 21.97
C ASN F 134 28.46 31.11 22.89
N ILE F 135 27.73 30.07 22.49
CA ILE F 135 26.52 29.65 23.18
C ILE F 135 26.59 28.18 23.49
N VAL F 136 26.05 27.81 24.65
CA VAL F 136 25.79 26.40 24.99
C VAL F 136 24.33 26.18 25.34
N VAL F 137 23.76 25.07 24.89
CA VAL F 137 22.41 24.68 25.26
C VAL F 137 22.49 23.30 25.91
N TYR F 138 21.85 23.17 27.06
CA TYR F 138 21.75 21.86 27.77
C TYR F 138 20.28 21.59 28.03
N LYS F 139 19.87 20.37 27.79
CA LYS F 139 18.49 19.92 27.93
C LYS F 139 18.36 18.70 28.84
N GLY F 140 19.42 18.40 29.59
CA GLY F 140 19.37 17.33 30.59
C GLY F 140 19.58 15.97 30.01
N GLU F 141 20.04 15.90 28.77
CA GLU F 141 20.15 14.60 28.08
C GLU F 141 21.54 13.99 28.27
N CYS G 6 -21.53 -20.80 -42.47
CA CYS G 6 -20.84 -19.87 -41.53
C CYS G 6 -19.48 -19.36 -42.04
N GLN G 7 -19.50 -18.12 -42.50
CA GLN G 7 -18.30 -17.40 -42.86
C GLN G 7 -17.69 -16.78 -41.64
N ALA G 8 -16.35 -16.83 -41.55
CA ALA G 8 -15.66 -16.10 -40.47
C ALA G 8 -14.41 -15.44 -40.96
N GLN G 9 -13.95 -14.49 -40.15
CA GLN G 9 -12.67 -13.84 -40.36
C GLN G 9 -11.75 -14.20 -39.23
N VAL G 10 -10.53 -14.57 -39.58
CA VAL G 10 -9.53 -15.01 -38.66
C VAL G 10 -8.29 -14.14 -38.88
N SER G 11 -7.74 -13.62 -37.80
CA SER G 11 -6.61 -12.72 -37.85
C SER G 11 -5.47 -13.19 -36.99
N ARG G 12 -4.27 -12.88 -37.46
CA ARG G 12 -3.07 -13.08 -36.70
C ARG G 12 -2.19 -11.82 -36.71
N ARG G 13 -1.69 -11.47 -35.52
CA ARG G 13 -0.90 -10.27 -35.35
C ARG G 13 0.53 -10.65 -35.10
N ILE G 14 1.44 -9.99 -35.80
CA ILE G 14 2.87 -10.08 -35.48
C ILE G 14 3.51 -8.71 -35.54
N SER G 15 4.71 -8.59 -35.03
CA SER G 15 5.46 -7.37 -35.25
C SER G 15 6.86 -7.60 -35.83
N PHE G 16 7.39 -6.53 -36.44
CA PHE G 16 8.74 -6.51 -36.90
C PHE G 16 9.36 -5.14 -36.72
N SER G 17 10.69 -5.11 -36.59
CA SER G 17 11.46 -3.87 -36.54
C SER G 17 12.10 -3.50 -37.86
N ALA G 18 11.94 -2.26 -38.24
CA ALA G 18 12.57 -1.81 -39.46
C ALA G 18 12.84 -0.30 -39.42
N SER G 19 13.85 0.13 -40.15
CA SER G 19 14.13 1.54 -40.30
C SER G 19 13.75 1.95 -41.69
N HIS G 20 13.49 3.23 -41.87
CA HIS G 20 13.23 3.76 -43.19
C HIS G 20 13.38 5.25 -43.22
N ARG G 21 13.24 5.79 -44.41
CA ARG G 21 13.25 7.20 -44.63
C ARG G 21 12.27 7.48 -45.73
N LEU G 22 11.43 8.47 -45.55
CA LEU G 22 10.46 8.82 -46.56
C LEU G 22 11.10 9.86 -47.45
N TYR G 23 11.20 9.53 -48.74
CA TYR G 23 11.72 10.41 -49.75
C TYR G 23 11.34 9.86 -51.13
N SER G 24 11.01 10.74 -52.06
CA SER G 24 10.74 10.34 -53.45
C SER G 24 11.90 10.75 -54.33
N LYS G 25 12.39 9.80 -55.14
CA LYS G 25 13.44 10.10 -56.12
C LYS G 25 12.93 11.19 -57.05
N PHE G 26 11.63 11.13 -57.34
CA PHE G 26 10.97 12.01 -58.28
C PHE G 26 10.76 13.45 -57.78
N LEU G 27 11.13 13.77 -56.54
CA LEU G 27 10.90 15.13 -56.02
C LEU G 27 12.14 15.85 -55.46
N SER G 28 12.00 17.17 -55.32
CA SER G 28 13.08 18.04 -54.86
C SER G 28 13.47 17.78 -53.40
N ASP G 29 14.74 18.04 -53.05
CA ASP G 29 15.17 17.97 -51.65
C ASP G 29 14.20 18.82 -50.82
N GLU G 30 13.91 20.01 -51.34
CA GLU G 30 12.87 20.90 -50.82
C GLU G 30 11.47 20.25 -50.76
N GLU G 31 10.88 19.85 -51.90
CA GLU G 31 9.52 19.25 -51.85
C GLU G 31 9.44 18.04 -50.92
N ASN G 32 10.56 17.32 -50.77
CA ASN G 32 10.67 16.19 -49.84
C ASN G 32 10.72 16.62 -48.35
N LEU G 33 11.50 17.65 -48.01
CA LEU G 33 11.51 18.16 -46.61
C LEU G 33 10.14 18.72 -46.26
N LYS G 34 9.58 19.53 -47.16
CA LYS G 34 8.28 20.17 -46.92
C LYS G 34 7.20 19.13 -46.74
N LEU G 35 7.20 18.09 -47.57
CA LEU G 35 6.12 17.07 -47.54
C LEU G 35 6.21 15.98 -46.46
N PHE G 36 7.41 15.53 -46.18
CA PHE G 36 7.60 14.47 -45.22
C PHE G 36 8.10 14.92 -43.84
N GLY G 37 8.59 16.16 -43.74
CA GLY G 37 9.12 16.69 -42.49
C GLY G 37 10.17 15.78 -41.86
N LYS G 38 9.96 15.49 -40.58
CA LYS G 38 10.97 14.79 -39.76
C LYS G 38 11.16 13.37 -40.28
N CYS G 39 10.13 12.86 -40.95
CA CYS G 39 10.22 11.55 -41.61
C CYS G 39 11.23 11.47 -42.79
N ASN G 40 11.66 12.64 -43.26
CA ASN G 40 12.71 12.78 -44.28
C ASN G 40 14.16 12.87 -43.73
N ASN G 41 14.31 12.76 -42.42
CA ASN G 41 15.66 12.80 -41.79
C ASN G 41 16.66 11.94 -42.56
N PRO G 42 17.75 12.54 -43.07
CA PRO G 42 18.61 11.83 -44.02
C PRO G 42 19.07 10.44 -43.59
N ASN G 43 19.42 10.26 -42.32
CA ASN G 43 19.97 8.96 -41.88
C ASN G 43 18.92 7.99 -41.39
N GLY G 44 17.64 8.39 -41.55
CA GLY G 44 16.50 7.54 -41.29
C GLY G 44 15.92 7.68 -39.89
N HIS G 45 14.91 6.88 -39.65
CA HIS G 45 14.32 6.67 -38.34
C HIS G 45 13.73 5.27 -38.37
N GLY G 46 12.97 4.88 -37.36
CA GLY G 46 12.47 3.51 -37.34
C GLY G 46 11.22 3.26 -36.56
N HIS G 47 10.74 2.03 -36.65
CA HIS G 47 9.49 1.63 -36.01
C HIS G 47 9.47 0.18 -35.65
N ASN G 48 8.76 -0.12 -34.57
CA ASN G 48 8.25 -1.44 -34.32
C ASN G 48 6.89 -1.53 -35.04
N TYR G 49 6.89 -2.02 -36.26
CA TYR G 49 5.66 -2.21 -36.99
C TYR G 49 4.83 -3.38 -36.40
N LYS G 50 3.52 -3.21 -36.35
CA LYS G 50 2.62 -4.35 -36.04
C LYS G 50 1.78 -4.58 -37.27
N VAL G 51 1.60 -5.87 -37.62
CA VAL G 51 0.79 -6.24 -38.75
C VAL G 51 -0.28 -7.20 -38.33
N VAL G 52 -1.52 -6.89 -38.66
CA VAL G 52 -2.62 -7.83 -38.46
C VAL G 52 -3.08 -8.34 -39.85
N VAL G 53 -2.93 -9.64 -40.09
CA VAL G 53 -3.37 -10.25 -41.32
C VAL G 53 -4.68 -11.00 -41.08
N THR G 54 -5.72 -10.67 -41.85
CA THR G 54 -7.02 -11.30 -41.71
C THR G 54 -7.37 -12.09 -42.95
N VAL G 55 -7.71 -13.36 -42.75
CA VAL G 55 -8.17 -14.26 -43.84
C VAL G 55 -9.64 -14.56 -43.57
N HIS G 56 -10.36 -14.99 -44.59
CA HIS G 56 -11.74 -15.34 -44.41
C HIS G 56 -12.11 -16.50 -45.23
N GLY G 57 -13.22 -17.12 -44.88
CA GLY G 57 -13.68 -18.33 -45.55
C GLY G 57 -14.64 -19.07 -44.67
N GLU G 58 -15.05 -20.24 -45.13
CA GLU G 58 -15.97 -21.13 -44.43
C GLU G 58 -15.28 -21.82 -43.28
N ILE G 59 -15.96 -21.93 -42.15
CA ILE G 59 -15.48 -22.75 -41.05
C ILE G 59 -15.65 -24.21 -41.45
N ASP G 60 -14.54 -24.92 -41.54
CA ASP G 60 -14.59 -26.29 -41.89
C ASP G 60 -15.28 -27.11 -40.79
N PRO G 61 -16.44 -27.71 -41.09
CA PRO G 61 -17.19 -28.42 -40.06
C PRO G 61 -16.47 -29.60 -39.44
N ALA G 62 -15.41 -30.07 -40.08
CA ALA G 62 -14.63 -31.19 -39.53
C ALA G 62 -13.56 -30.68 -38.55
N THR G 63 -12.93 -29.58 -38.91
CA THR G 63 -11.80 -29.05 -38.17
C THR G 63 -12.14 -27.77 -37.36
N GLY G 64 -13.29 -27.14 -37.62
CA GLY G 64 -13.68 -25.92 -36.90
C GLY G 64 -12.89 -24.68 -37.23
N MET G 65 -12.05 -24.74 -38.27
CA MET G 65 -11.21 -23.60 -38.67
C MET G 65 -11.49 -23.07 -40.05
N VAL G 66 -11.25 -21.79 -40.22
CA VAL G 66 -11.34 -21.15 -41.53
C VAL G 66 -10.12 -21.52 -42.35
N MET G 67 -8.95 -21.60 -41.70
CA MET G 67 -7.73 -22.10 -42.35
C MET G 67 -6.74 -22.61 -41.31
N ASN G 68 -5.89 -23.53 -41.75
CA ASN G 68 -4.83 -24.07 -40.90
C ASN G 68 -3.93 -22.96 -40.37
N LEU G 69 -3.76 -22.88 -39.05
CA LEU G 69 -3.04 -21.77 -38.41
C LEU G 69 -1.52 -21.90 -38.60
N ALA G 70 -0.98 -23.11 -38.43
CA ALA G 70 0.42 -23.37 -38.70
C ALA G 70 0.79 -22.83 -40.09
N ASP G 71 -0.11 -23.03 -41.04
CA ASP G 71 0.08 -22.56 -42.38
C ASP G 71 0.05 -21.07 -42.43
N LEU G 72 -0.90 -20.44 -41.78
CA LEU G 72 -0.96 -19.01 -41.81
C LEU G 72 0.30 -18.39 -41.20
N LYS G 73 0.84 -19.04 -40.18
CA LYS G 73 2.06 -18.55 -39.53
C LYS G 73 3.27 -18.69 -40.44
N LYS G 74 3.42 -19.85 -41.05
CA LYS G 74 4.46 -20.04 -42.07
C LYS G 74 4.35 -18.97 -43.17
N TYR G 75 3.13 -18.67 -43.60
CA TYR G 75 2.95 -17.75 -44.68
C TYR G 75 3.37 -16.35 -44.26
N MET G 76 3.01 -15.97 -43.03
CA MET G 76 3.36 -14.67 -42.51
C MET G 76 4.86 -14.57 -42.23
N GLU G 77 5.47 -15.62 -41.74
CA GLU G 77 6.92 -15.65 -41.56
C GLU G 77 7.62 -15.40 -42.92
N GLU G 78 7.17 -16.08 -43.98
CA GLU G 78 7.81 -15.96 -45.29
C GLU G 78 7.48 -14.60 -45.98
N ALA G 79 6.27 -14.08 -45.79
CA ALA G 79 5.81 -12.89 -46.50
C ALA G 79 6.17 -11.57 -45.84
N ILE G 80 6.44 -11.62 -44.52
CA ILE G 80 6.64 -10.44 -43.70
C ILE G 80 7.95 -10.48 -42.92
N MET G 81 8.12 -11.46 -42.04
CA MET G 81 9.28 -11.47 -41.15
C MET G 81 10.59 -11.59 -41.92
N GLN G 82 10.72 -12.62 -42.74
CA GLN G 82 11.98 -12.84 -43.47
C GLN G 82 12.41 -11.59 -44.28
N PRO G 83 11.51 -11.04 -45.08
CA PRO G 83 11.97 -9.91 -45.90
C PRO G 83 12.08 -8.57 -45.18
N LEU G 84 11.31 -8.36 -44.11
CA LEU G 84 11.22 -7.02 -43.49
C LEU G 84 11.85 -6.89 -42.11
N ASP G 85 11.98 -7.97 -41.35
CA ASP G 85 12.35 -7.84 -39.94
C ASP G 85 13.82 -7.53 -39.78
N HIS G 86 14.10 -6.56 -38.91
CA HIS G 86 15.45 -6.08 -38.66
C HIS G 86 16.14 -5.67 -39.96
N LYS G 87 15.42 -4.92 -40.78
CA LYS G 87 15.92 -4.45 -42.05
C LYS G 87 15.75 -2.95 -42.17
N ASN G 88 16.55 -2.36 -43.03
CA ASN G 88 16.33 -1.01 -43.51
C ASN G 88 15.54 -1.07 -44.83
N LEU G 89 14.31 -0.57 -44.83
CA LEU G 89 13.38 -0.83 -45.90
C LEU G 89 13.96 -0.31 -47.21
N ASP G 90 14.47 0.90 -47.17
CA ASP G 90 14.87 1.54 -48.42
C ASP G 90 16.16 1.02 -48.99
N MET G 91 17.00 0.41 -48.17
CA MET G 91 18.27 -0.16 -48.64
C MET G 91 18.35 -1.65 -48.68
N ASP G 92 17.59 -2.36 -47.89
CA ASP G 92 17.70 -3.84 -47.84
C ASP G 92 16.58 -4.57 -48.64
N VAL G 93 15.45 -3.89 -48.87
CA VAL G 93 14.29 -4.49 -49.55
C VAL G 93 14.22 -3.88 -50.99
N PRO G 94 14.64 -4.66 -52.02
CA PRO G 94 14.67 -4.14 -53.39
C PRO G 94 13.42 -3.42 -53.85
N TYR G 95 12.24 -3.95 -53.51
CA TYR G 95 10.98 -3.30 -53.85
C TYR G 95 10.95 -1.81 -53.50
N PHE G 96 11.55 -1.43 -52.40
CA PHE G 96 11.50 -0.03 -51.98
C PHE G 96 12.65 0.80 -52.54
N ALA G 97 13.39 0.27 -53.50
CA ALA G 97 14.41 1.08 -54.15
C ALA G 97 13.75 2.25 -54.87
N ASP G 98 12.62 2.01 -55.55
CA ASP G 98 11.97 3.04 -56.33
C ASP G 98 10.51 3.29 -55.85
N VAL G 99 10.18 2.87 -54.63
CA VAL G 99 8.85 3.08 -54.07
C VAL G 99 8.98 3.69 -52.69
N VAL G 100 8.21 4.73 -52.43
CA VAL G 100 8.26 5.44 -51.15
C VAL G 100 7.80 4.48 -50.06
N SER G 101 8.57 4.38 -48.98
CA SER G 101 8.24 3.42 -47.93
C SER G 101 7.20 3.95 -46.90
N THR G 102 6.14 4.56 -47.40
CA THR G 102 5.05 4.93 -46.55
C THR G 102 4.41 3.68 -46.01
N THR G 103 3.67 3.84 -44.93
CA THR G 103 2.96 2.72 -44.36
C THR G 103 1.91 2.14 -45.36
N GLU G 104 1.26 3.01 -46.13
CA GLU G 104 0.38 2.55 -47.19
C GLU G 104 1.12 1.55 -48.13
N ASN G 105 2.32 1.91 -48.54
CA ASN G 105 3.05 1.08 -49.52
C ASN G 105 3.58 -0.17 -48.85
N VAL G 106 3.83 -0.10 -47.54
CA VAL G 106 4.20 -1.30 -46.84
C VAL G 106 3.01 -2.30 -46.78
N ALA G 107 1.81 -1.79 -46.53
CA ALA G 107 0.64 -2.65 -46.47
C ALA G 107 0.40 -3.33 -47.82
N VAL G 108 0.58 -2.59 -48.89
CA VAL G 108 0.35 -3.14 -50.23
C VAL G 108 1.43 -4.21 -50.53
N TYR G 109 2.68 -3.89 -50.23
CA TYR G 109 3.76 -4.83 -50.42
C TYR G 109 3.45 -6.14 -49.67
N ILE G 110 3.00 -6.04 -48.45
CA ILE G 110 2.70 -7.23 -47.62
C ILE G 110 1.52 -8.02 -48.24
N TRP G 111 0.47 -7.31 -48.63
CA TRP G 111 -0.65 -7.91 -49.33
C TRP G 111 -0.18 -8.73 -50.56
N ASP G 112 0.64 -8.11 -51.39
CA ASP G 112 1.09 -8.75 -52.61
C ASP G 112 1.94 -9.96 -52.30
N ASN G 113 2.80 -9.87 -51.28
CA ASN G 113 3.62 -11.01 -50.89
C ASN G 113 2.73 -12.19 -50.45
N LEU G 114 1.61 -11.90 -49.80
CA LEU G 114 0.72 -12.94 -49.25
C LEU G 114 -0.14 -13.58 -50.31
N GLN G 115 -0.50 -12.83 -51.35
CA GLN G 115 -1.28 -13.39 -52.47
C GLN G 115 -0.51 -14.38 -53.37
N LYS G 116 0.81 -14.41 -53.28
CA LYS G 116 1.59 -15.40 -54.01
C LYS G 116 1.43 -16.78 -53.40
N VAL G 117 1.23 -16.84 -52.08
CA VAL G 117 1.18 -18.14 -51.40
C VAL G 117 -0.20 -18.59 -50.93
N LEU G 118 -1.05 -17.66 -50.51
CA LEU G 118 -2.40 -18.00 -50.04
C LEU G 118 -3.33 -18.35 -51.20
N PRO G 119 -4.31 -19.22 -50.92
CA PRO G 119 -5.26 -19.59 -51.97
C PRO G 119 -6.27 -18.48 -52.30
N VAL G 120 -6.65 -18.39 -53.56
CA VAL G 120 -7.54 -17.34 -54.03
C VAL G 120 -8.74 -17.12 -53.09
N GLY G 121 -9.07 -15.85 -52.89
CA GLY G 121 -10.28 -15.49 -52.15
C GLY G 121 -10.16 -15.55 -50.65
N VAL G 122 -8.98 -15.90 -50.15
CA VAL G 122 -8.86 -16.20 -48.73
C VAL G 122 -8.39 -14.99 -47.96
N LEU G 123 -7.36 -14.32 -48.47
CA LEU G 123 -6.90 -13.09 -47.90
C LEU G 123 -8.00 -12.03 -47.94
N TYR G 124 -8.27 -11.42 -46.80
CA TYR G 124 -9.27 -10.40 -46.71
C TYR G 124 -8.69 -9.01 -46.42
N LYS G 125 -7.72 -8.92 -45.53
CA LYS G 125 -7.31 -7.60 -45.05
C LYS G 125 -5.90 -7.63 -44.48
N VAL G 126 -5.15 -6.56 -44.75
CA VAL G 126 -3.84 -6.38 -44.11
C VAL G 126 -3.84 -5.07 -43.42
N LYS G 127 -3.56 -5.07 -42.12
CA LYS G 127 -3.53 -3.84 -41.33
C LYS G 127 -2.12 -3.61 -40.77
N VAL G 128 -1.59 -2.42 -40.98
CA VAL G 128 -0.24 -2.12 -40.52
C VAL G 128 -0.26 -0.93 -39.58
N TYR G 129 0.25 -1.15 -38.36
CA TYR G 129 0.47 -0.07 -37.40
C TYR G 129 1.95 0.40 -37.48
N GLU G 130 2.16 1.61 -37.97
CA GLU G 130 3.47 2.23 -37.98
C GLU G 130 3.86 2.62 -36.55
N THR G 131 2.88 3.12 -35.83
CA THR G 131 2.97 3.38 -34.42
C THR G 131 1.64 2.95 -33.81
N ASP G 132 1.51 3.06 -32.51
CA ASP G 132 0.25 2.77 -31.85
C ASP G 132 -0.89 3.60 -32.44
N ASN G 133 -0.57 4.79 -32.95
CA ASN G 133 -1.57 5.80 -33.29
C ASN G 133 -1.75 6.03 -34.80
N ASN G 134 -0.98 5.36 -35.62
CA ASN G 134 -0.96 5.61 -37.07
C ASN G 134 -1.16 4.26 -37.75
N ILE G 135 -2.28 4.10 -38.42
CA ILE G 135 -2.68 2.80 -38.96
C ILE G 135 -3.09 2.89 -40.42
N VAL G 136 -2.73 1.86 -41.17
CA VAL G 136 -3.19 1.68 -42.51
C VAL G 136 -3.91 0.34 -42.67
N VAL G 137 -5.00 0.34 -43.41
CA VAL G 137 -5.67 -0.88 -43.78
C VAL G 137 -5.73 -0.97 -45.30
N TYR G 138 -5.34 -2.12 -45.84
CA TYR G 138 -5.47 -2.39 -47.26
C TYR G 138 -6.31 -3.67 -47.44
N LYS G 139 -7.25 -3.65 -48.36
CA LYS G 139 -8.13 -4.80 -48.64
C LYS G 139 -8.12 -5.21 -50.15
N GLY G 140 -7.05 -4.93 -50.88
CA GLY G 140 -6.96 -5.33 -52.28
C GLY G 140 -7.79 -4.51 -53.26
N GLU G 141 -8.40 -3.44 -52.76
CA GLU G 141 -9.30 -2.64 -53.56
C GLU G 141 -8.48 -1.54 -54.21
N ARG H 5 -33.04 8.76 -39.55
CA ARG H 5 -32.20 9.00 -38.32
C ARG H 5 -30.83 8.36 -38.48
N CYS H 6 -29.84 8.87 -37.74
CA CYS H 6 -28.48 8.35 -37.80
C CYS H 6 -28.44 6.95 -37.21
N GLN H 7 -27.82 6.03 -37.93
CA GLN H 7 -27.48 4.73 -37.37
C GLN H 7 -26.06 4.75 -36.83
N ALA H 8 -25.79 3.85 -35.90
CA ALA H 8 -24.51 3.72 -35.29
C ALA H 8 -24.28 2.30 -34.80
N GLN H 9 -23.00 1.98 -34.56
CA GLN H 9 -22.60 0.70 -34.00
C GLN H 9 -22.05 0.88 -32.59
N VAL H 10 -22.55 0.11 -31.65
CA VAL H 10 -22.22 0.28 -30.23
C VAL H 10 -21.65 -1.06 -29.78
N SER H 11 -20.55 -0.98 -29.06
CA SER H 11 -19.83 -2.18 -28.63
C SER H 11 -19.52 -2.25 -27.16
N ARG H 12 -19.58 -3.46 -26.62
CA ARG H 12 -19.13 -3.67 -25.30
C ARG H 12 -18.15 -4.84 -25.27
N ARG H 13 -17.11 -4.64 -24.49
CA ARG H 13 -16.07 -5.64 -24.34
C ARG H 13 -16.12 -6.27 -22.96
N ILE H 14 -16.03 -7.59 -22.88
CA ILE H 14 -15.83 -8.28 -21.58
C ILE H 14 -14.86 -9.41 -21.73
N SER H 15 -14.39 -9.97 -20.64
CA SER H 15 -13.58 -11.15 -20.72
C SER H 15 -14.05 -12.27 -19.85
N PHE H 16 -13.66 -13.48 -20.24
CA PHE H 16 -13.90 -14.65 -19.42
C PHE H 16 -12.74 -15.60 -19.50
N SER H 17 -12.56 -16.39 -18.45
CA SER H 17 -11.54 -17.44 -18.41
C SER H 17 -12.13 -18.79 -18.64
N ALA H 18 -11.47 -19.57 -19.48
CA ALA H 18 -11.90 -20.92 -19.78
C ALA H 18 -10.73 -21.76 -20.18
N SER H 19 -10.88 -23.07 -20.01
CA SER H 19 -9.91 -24.01 -20.53
C SER H 19 -10.56 -24.81 -21.65
N HIS H 20 -9.73 -25.36 -22.52
CA HIS H 20 -10.23 -26.21 -23.56
C HIS H 20 -9.12 -27.06 -24.11
N ARG H 21 -9.53 -27.94 -25.03
CA ARG H 21 -8.60 -28.71 -25.78
C ARG H 21 -9.15 -28.91 -27.17
N LEU H 22 -8.29 -28.77 -28.15
CA LEU H 22 -8.73 -28.92 -29.53
C LEU H 22 -8.60 -30.38 -29.92
N TYR H 23 -9.74 -30.98 -30.29
CA TYR H 23 -9.88 -32.41 -30.56
C TYR H 23 -11.16 -32.76 -31.34
N SER H 24 -11.03 -33.47 -32.45
CA SER H 24 -12.19 -33.85 -33.28
C SER H 24 -12.48 -35.32 -33.19
N LYS H 25 -13.66 -35.66 -32.66
CA LYS H 25 -14.16 -37.06 -32.65
C LYS H 25 -14.12 -37.71 -34.05
N PHE H 26 -14.23 -36.90 -35.11
CA PHE H 26 -14.17 -37.43 -36.50
C PHE H 26 -12.73 -37.60 -37.02
N LEU H 27 -11.80 -36.73 -36.63
CA LEU H 27 -10.39 -36.87 -37.04
C LEU H 27 -9.68 -37.99 -36.27
N SER H 28 -8.68 -38.60 -36.93
CA SER H 28 -7.71 -39.52 -36.30
C SER H 28 -6.87 -38.87 -35.17
N ASP H 29 -6.18 -39.70 -34.39
CA ASP H 29 -5.42 -39.17 -33.23
C ASP H 29 -4.12 -38.46 -33.64
N GLU H 30 -3.37 -39.04 -34.59
CA GLU H 30 -2.18 -38.35 -35.12
C GLU H 30 -2.58 -37.24 -36.11
N GLU H 31 -3.76 -37.35 -36.74
CA GLU H 31 -4.28 -36.24 -37.54
C GLU H 31 -4.64 -35.10 -36.60
N ASN H 32 -5.15 -35.43 -35.42
CA ASN H 32 -5.39 -34.42 -34.35
C ASN H 32 -4.08 -33.79 -33.86
N LEU H 33 -3.11 -34.61 -33.45
CA LEU H 33 -1.81 -34.08 -33.01
C LEU H 33 -1.18 -33.25 -34.14
N LYS H 34 -1.18 -33.83 -35.34
CA LYS H 34 -0.61 -33.16 -36.51
C LYS H 34 -1.31 -31.84 -36.79
N LEU H 35 -2.63 -31.83 -36.71
CA LEU H 35 -3.42 -30.64 -37.07
C LEU H 35 -3.44 -29.56 -35.99
N PHE H 36 -3.61 -29.97 -34.73
CA PHE H 36 -3.78 -28.99 -33.67
C PHE H 36 -2.52 -28.75 -32.84
N GLY H 37 -1.50 -29.58 -33.00
CA GLY H 37 -0.26 -29.44 -32.24
C GLY H 37 -0.48 -29.32 -30.72
N LYS H 38 0.20 -28.34 -30.15
CA LYS H 38 0.24 -28.16 -28.71
C LYS H 38 -1.19 -27.89 -28.17
N CYS H 39 -2.05 -27.33 -29.02
CA CYS H 39 -3.46 -27.12 -28.64
C CYS H 39 -4.24 -28.44 -28.40
N ASN H 40 -3.66 -29.56 -28.81
CA ASN H 40 -4.24 -30.89 -28.59
C ASN H 40 -3.76 -31.53 -27.29
N ASN H 41 -2.96 -30.82 -26.50
CA ASN H 41 -2.48 -31.37 -25.19
C ASN H 41 -3.60 -32.07 -24.42
N PRO H 42 -3.44 -33.36 -24.10
CA PRO H 42 -4.55 -34.14 -23.54
C PRO H 42 -5.26 -33.51 -22.33
N ASN H 43 -4.54 -32.90 -21.41
CA ASN H 43 -5.19 -32.35 -20.22
C ASN H 43 -5.62 -30.89 -20.37
N GLY H 44 -5.49 -30.38 -21.58
CA GLY H 44 -6.02 -29.07 -21.91
C GLY H 44 -5.03 -27.95 -21.75
N HIS H 45 -5.50 -26.76 -22.07
CA HIS H 45 -4.79 -25.53 -21.83
C HIS H 45 -5.87 -24.46 -21.65
N GLY H 46 -5.51 -23.21 -21.54
CA GLY H 46 -6.54 -22.19 -21.33
C GLY H 46 -6.26 -20.81 -21.85
N HIS H 47 -7.28 -19.94 -21.71
CA HIS H 47 -7.20 -18.55 -22.14
C HIS H 47 -8.03 -17.62 -21.31
N ASN H 48 -7.59 -16.39 -21.24
CA ASN H 48 -8.44 -15.26 -20.88
C ASN H 48 -9.00 -14.78 -22.21
N TYR H 49 -10.18 -15.24 -22.54
CA TYR H 49 -10.86 -14.75 -23.74
C TYR H 49 -11.37 -13.30 -23.56
N LYS H 50 -11.25 -12.50 -24.61
CA LYS H 50 -11.95 -11.22 -24.66
C LYS H 50 -12.98 -11.28 -25.75
N VAL H 51 -14.19 -10.78 -25.46
CA VAL H 51 -15.26 -10.75 -26.48
C VAL H 51 -15.76 -9.31 -26.64
N VAL H 52 -15.87 -8.86 -27.89
CA VAL H 52 -16.46 -7.57 -28.15
C VAL H 52 -17.75 -7.86 -28.89
N VAL H 53 -18.87 -7.42 -28.31
CA VAL H 53 -20.16 -7.58 -28.95
C VAL H 53 -20.62 -6.22 -29.47
N THR H 54 -20.97 -6.18 -30.75
CA THR H 54 -21.39 -4.96 -31.40
C THR H 54 -22.82 -5.09 -31.87
N VAL H 55 -23.64 -4.13 -31.44
CA VAL H 55 -25.02 -4.03 -31.90
C VAL H 55 -25.15 -2.80 -32.78
N HIS H 56 -26.17 -2.73 -33.64
CA HIS H 56 -26.37 -1.54 -34.45
C HIS H 56 -27.82 -1.16 -34.57
N GLY H 57 -28.07 0.09 -34.93
CA GLY H 57 -29.41 0.59 -35.06
C GLY H 57 -29.46 2.08 -35.06
N GLU H 58 -30.68 2.61 -35.05
CA GLU H 58 -30.90 4.04 -35.01
C GLU H 58 -30.57 4.59 -33.64
N ILE H 59 -29.96 5.78 -33.59
CA ILE H 59 -29.80 6.52 -32.35
C ILE H 59 -31.16 7.12 -31.99
N ASP H 60 -31.78 6.53 -30.98
CA ASP H 60 -33.03 7.02 -30.39
C ASP H 60 -32.91 8.53 -30.06
N PRO H 61 -33.76 9.38 -30.64
CA PRO H 61 -33.62 10.82 -30.38
C PRO H 61 -34.00 11.30 -28.96
N ALA H 62 -34.59 10.43 -28.14
CA ALA H 62 -34.84 10.78 -26.75
C ALA H 62 -33.62 10.42 -25.93
N THR H 63 -33.15 9.20 -26.09
CA THR H 63 -32.18 8.64 -25.18
C THR H 63 -30.74 8.86 -25.63
N GLY H 64 -30.55 9.12 -26.92
CA GLY H 64 -29.25 9.30 -27.49
C GLY H 64 -28.51 7.98 -27.64
N MET H 65 -29.25 6.89 -27.58
CA MET H 65 -28.66 5.55 -27.58
C MET H 65 -29.21 4.62 -28.65
N VAL H 66 -28.36 3.72 -29.12
CA VAL H 66 -28.80 2.68 -30.00
C VAL H 66 -29.47 1.53 -29.21
N MET H 67 -29.00 1.35 -27.99
CA MET H 67 -29.44 0.24 -27.15
C MET H 67 -29.07 0.58 -25.73
N ASN H 68 -30.00 0.33 -24.81
CA ASN H 68 -29.76 0.53 -23.37
C ASN H 68 -28.56 -0.28 -22.79
N LEU H 69 -27.51 0.43 -22.36
CA LEU H 69 -26.29 -0.22 -21.88
C LEU H 69 -26.51 -1.24 -20.70
N ALA H 70 -27.36 -0.91 -19.72
CA ALA H 70 -27.60 -1.86 -18.61
C ALA H 70 -28.28 -3.16 -19.08
N ASP H 71 -28.88 -3.12 -20.27
CA ASP H 71 -29.51 -4.29 -20.85
C ASP H 71 -28.55 -5.11 -21.69
N LEU H 72 -27.61 -4.44 -22.36
CA LEU H 72 -26.63 -5.18 -23.14
C LEU H 72 -25.75 -5.94 -22.20
N LYS H 73 -25.48 -5.34 -21.03
CA LYS H 73 -24.62 -5.97 -20.04
C LYS H 73 -25.32 -7.27 -19.64
N LYS H 74 -26.62 -7.17 -19.38
CA LYS H 74 -27.45 -8.30 -18.94
C LYS H 74 -27.46 -9.40 -20.00
N TYR H 75 -27.63 -9.01 -21.26
CA TYR H 75 -27.69 -9.99 -22.32
C TYR H 75 -26.34 -10.72 -22.41
N MET H 76 -25.26 -9.96 -22.28
CA MET H 76 -23.94 -10.52 -22.38
C MET H 76 -23.61 -11.37 -21.14
N GLU H 77 -24.10 -10.96 -20.00
CA GLU H 77 -23.93 -11.76 -18.80
C GLU H 77 -24.61 -13.11 -19.04
N GLU H 78 -25.83 -13.11 -19.58
CA GLU H 78 -26.59 -14.35 -19.75
C GLU H 78 -26.06 -15.22 -20.91
N ALA H 79 -25.63 -14.57 -21.99
CA ALA H 79 -25.19 -15.25 -23.19
C ALA H 79 -23.72 -15.69 -23.18
N ILE H 80 -22.89 -15.05 -22.37
CA ILE H 80 -21.44 -15.32 -22.39
C ILE H 80 -20.90 -15.70 -21.00
N MET H 81 -21.07 -14.84 -20.02
CA MET H 81 -20.45 -15.08 -18.71
C MET H 81 -20.96 -16.31 -18.02
N GLN H 82 -22.28 -16.38 -17.84
CA GLN H 82 -22.88 -17.51 -17.11
C GLN H 82 -22.46 -18.87 -17.72
N PRO H 83 -22.66 -19.06 -19.01
CA PRO H 83 -22.28 -20.38 -19.56
C PRO H 83 -20.78 -20.62 -19.76
N LEU H 84 -19.97 -19.59 -19.92
CA LEU H 84 -18.57 -19.82 -20.31
C LEU H 84 -17.53 -19.54 -19.22
N ASP H 85 -17.83 -18.62 -18.30
CA ASP H 85 -16.75 -18.09 -17.47
C ASP H 85 -16.35 -19.09 -16.40
N HIS H 86 -15.05 -19.26 -16.25
CA HIS H 86 -14.47 -20.21 -15.33
C HIS H 86 -14.98 -21.64 -15.59
N LYS H 87 -15.01 -22.00 -16.85
CA LYS H 87 -15.50 -23.29 -17.27
C LYS H 87 -14.45 -23.97 -18.13
N ASN H 88 -14.59 -25.30 -18.22
CA ASN H 88 -13.90 -26.11 -19.21
C ASN H 88 -14.86 -26.28 -20.38
N LEU H 89 -14.52 -25.72 -21.53
CA LEU H 89 -15.48 -25.67 -22.64
C LEU H 89 -15.90 -27.07 -23.06
N ASP H 90 -14.96 -27.98 -23.19
CA ASP H 90 -15.27 -29.30 -23.75
C ASP H 90 -16.02 -30.21 -22.78
N MET H 91 -15.90 -29.96 -21.49
CA MET H 91 -16.58 -30.80 -20.49
C MET H 91 -17.77 -30.16 -19.82
N ASP H 92 -17.80 -28.83 -19.71
CA ASP H 92 -18.84 -28.16 -18.94
C ASP H 92 -19.92 -27.54 -19.82
N VAL H 93 -19.64 -27.32 -21.11
CA VAL H 93 -20.60 -26.67 -22.01
C VAL H 93 -21.11 -27.71 -22.99
N PRO H 94 -22.37 -28.13 -22.86
CA PRO H 94 -22.90 -29.26 -23.67
C PRO H 94 -22.70 -29.09 -25.17
N TYR H 95 -22.89 -27.89 -25.65
CA TYR H 95 -22.68 -27.59 -27.05
C TYR H 95 -21.35 -28.11 -27.58
N PHE H 96 -20.29 -28.01 -26.80
CA PHE H 96 -18.96 -28.43 -27.28
C PHE H 96 -18.65 -29.89 -27.05
N ALA H 97 -19.67 -30.68 -26.66
CA ALA H 97 -19.48 -32.10 -26.55
C ALA H 97 -19.11 -32.69 -27.91
N ASP H 98 -19.73 -32.22 -28.99
CA ASP H 98 -19.41 -32.72 -30.33
C ASP H 98 -19.17 -31.59 -31.33
N VAL H 99 -18.66 -30.48 -30.82
CA VAL H 99 -18.15 -29.40 -31.67
C VAL H 99 -16.77 -29.01 -31.17
N VAL H 100 -15.82 -28.84 -32.10
CA VAL H 100 -14.45 -28.53 -31.79
C VAL H 100 -14.45 -27.11 -31.24
N SER H 101 -13.82 -26.90 -30.10
CA SER H 101 -13.85 -25.60 -29.43
C SER H 101 -12.80 -24.63 -29.98
N THR H 102 -12.74 -24.51 -31.30
CA THR H 102 -11.92 -23.49 -31.90
C THR H 102 -12.51 -22.13 -31.57
N THR H 103 -11.69 -21.11 -31.69
CA THR H 103 -12.16 -19.76 -31.43
C THR H 103 -13.30 -19.41 -32.44
N GLU H 104 -13.17 -19.85 -33.69
CA GLU H 104 -14.26 -19.68 -34.65
C GLU H 104 -15.59 -20.21 -34.08
N ASN H 105 -15.57 -21.42 -33.54
CA ASN H 105 -16.81 -22.06 -33.07
C ASN H 105 -17.28 -21.40 -31.77
N VAL H 106 -16.36 -20.84 -31.01
CA VAL H 106 -16.73 -20.05 -29.83
C VAL H 106 -17.45 -18.75 -30.23
N ALA H 107 -16.98 -18.10 -31.27
CA ALA H 107 -17.63 -16.89 -31.80
C ALA H 107 -19.04 -17.20 -32.28
N VAL H 108 -19.20 -18.31 -32.99
CA VAL H 108 -20.52 -18.69 -33.52
C VAL H 108 -21.47 -19.05 -32.37
N TYR H 109 -20.96 -19.81 -31.39
CA TYR H 109 -21.75 -20.15 -30.21
C TYR H 109 -22.29 -18.89 -29.51
N ILE H 110 -21.41 -17.92 -29.29
CA ILE H 110 -21.79 -16.64 -28.64
C ILE H 110 -22.84 -15.87 -29.46
N TRP H 111 -22.60 -15.79 -30.76
CA TRP H 111 -23.56 -15.17 -31.67
C TRP H 111 -24.94 -15.83 -31.50
N ASP H 112 -24.98 -17.17 -31.54
CA ASP H 112 -26.25 -17.86 -31.50
C ASP H 112 -26.92 -17.65 -30.14
N ASN H 113 -26.14 -17.67 -29.06
CA ASN H 113 -26.69 -17.41 -27.76
C ASN H 113 -27.24 -16.00 -27.68
N LEU H 114 -26.52 -15.06 -28.25
CA LEU H 114 -26.98 -13.67 -28.17
C LEU H 114 -28.30 -13.57 -28.90
N GLN H 115 -28.40 -14.18 -30.07
CA GLN H 115 -29.62 -14.00 -30.88
C GLN H 115 -30.87 -14.57 -30.20
N LYS H 116 -30.67 -15.48 -29.25
CA LYS H 116 -31.81 -16.01 -28.45
C LYS H 116 -32.48 -14.98 -27.50
N VAL H 117 -31.73 -13.93 -27.14
CA VAL H 117 -32.21 -12.87 -26.22
C VAL H 117 -32.34 -11.51 -26.88
N LEU H 118 -31.48 -11.21 -27.84
CA LEU H 118 -31.51 -9.91 -28.50
C LEU H 118 -32.76 -9.71 -29.35
N PRO H 119 -33.30 -8.49 -29.33
CA PRO H 119 -34.32 -8.20 -30.34
C PRO H 119 -33.74 -8.40 -31.74
N VAL H 120 -34.61 -8.67 -32.68
CA VAL H 120 -34.21 -8.97 -34.06
C VAL H 120 -33.56 -7.77 -34.76
N GLY H 121 -32.47 -8.01 -35.50
CA GLY H 121 -31.87 -6.98 -36.38
C GLY H 121 -30.79 -6.14 -35.71
N VAL H 122 -30.44 -6.54 -34.50
CA VAL H 122 -29.66 -5.68 -33.61
C VAL H 122 -28.22 -6.15 -33.51
N LEU H 123 -28.01 -7.47 -33.43
CA LEU H 123 -26.67 -8.02 -33.45
C LEU H 123 -25.99 -7.69 -34.77
N TYR H 124 -24.79 -7.12 -34.69
CA TYR H 124 -24.01 -6.83 -35.87
C TYR H 124 -22.75 -7.65 -35.96
N LYS H 125 -22.05 -7.83 -34.86
CA LYS H 125 -20.77 -8.47 -34.89
C LYS H 125 -20.37 -9.07 -33.54
N VAL H 126 -19.71 -10.22 -33.59
CA VAL H 126 -19.09 -10.79 -32.41
C VAL H 126 -17.62 -11.00 -32.68
N LYS H 127 -16.79 -10.43 -31.84
CA LYS H 127 -15.36 -10.57 -32.01
C LYS H 127 -14.76 -11.26 -30.78
N VAL H 128 -14.00 -12.33 -31.01
CA VAL H 128 -13.39 -13.05 -29.88
C VAL H 128 -11.89 -13.05 -30.02
N TYR H 129 -11.20 -12.59 -28.98
CA TYR H 129 -9.75 -12.71 -28.87
C TYR H 129 -9.41 -13.91 -28.00
N GLU H 130 -8.84 -14.94 -28.60
CA GLU H 130 -8.33 -16.08 -27.90
C GLU H 130 -7.05 -15.69 -27.14
N THR H 131 -6.25 -14.84 -27.76
CA THR H 131 -5.11 -14.24 -27.14
C THR H 131 -5.04 -12.81 -27.70
N ASP H 132 -4.10 -12.01 -27.24
CA ASP H 132 -3.92 -10.68 -27.76
C ASP H 132 -3.72 -10.71 -29.30
N ASN H 133 -3.15 -11.80 -29.80
CA ASN H 133 -2.71 -11.87 -31.18
C ASN H 133 -3.57 -12.74 -32.13
N ASN H 134 -4.57 -13.42 -31.59
CA ASN H 134 -5.39 -14.34 -32.32
C ASN H 134 -6.84 -13.94 -32.17
N ILE H 135 -7.46 -13.51 -33.28
CA ILE H 135 -8.78 -12.93 -33.25
C ILE H 135 -9.69 -13.55 -34.29
N VAL H 136 -10.96 -13.75 -33.93
CA VAL H 136 -12.00 -14.17 -34.85
C VAL H 136 -13.15 -13.16 -34.87
N VAL H 137 -13.63 -12.84 -36.04
CA VAL H 137 -14.83 -12.02 -36.17
C VAL H 137 -15.91 -12.82 -36.91
N TYR H 138 -17.12 -12.87 -36.33
CA TYR H 138 -18.26 -13.52 -36.97
C TYR H 138 -19.35 -12.47 -37.11
N LYS H 139 -19.97 -12.40 -38.27
CA LYS H 139 -21.04 -11.42 -38.55
C LYS H 139 -22.35 -12.04 -38.99
N GLY H 140 -22.50 -13.33 -38.76
CA GLY H 140 -23.72 -14.01 -39.12
C GLY H 140 -23.94 -14.15 -40.61
N GLU H 141 -22.88 -14.02 -41.40
CA GLU H 141 -22.90 -14.28 -42.85
C GLU H 141 -22.59 -15.75 -43.13
N ARG I 4 -1.90 1.30 -62.72
CA ARG I 4 -1.90 0.55 -61.39
C ARG I 4 -2.39 1.39 -60.19
N ARG I 5 -3.63 1.17 -59.75
CA ARG I 5 -4.24 2.04 -58.75
C ARG I 5 -4.74 1.28 -57.53
N CYS I 6 -4.52 1.85 -56.35
CA CYS I 6 -4.75 1.16 -55.08
C CYS I 6 -5.51 2.07 -54.09
N GLN I 7 -6.53 1.53 -53.44
CA GLN I 7 -7.28 2.24 -52.39
C GLN I 7 -6.86 1.70 -51.01
N ALA I 8 -6.89 2.53 -49.99
CA ALA I 8 -6.49 2.15 -48.65
C ALA I 8 -7.20 3.01 -47.64
N GLN I 9 -7.27 2.52 -46.38
CA GLN I 9 -7.79 3.25 -45.25
C GLN I 9 -6.61 3.63 -44.36
N VAL I 10 -6.63 4.87 -43.91
CA VAL I 10 -5.64 5.40 -43.03
C VAL I 10 -6.32 6.00 -41.80
N SER I 11 -5.80 5.65 -40.64
CA SER I 11 -6.35 6.06 -39.38
C SER I 11 -5.34 6.77 -38.50
N ARG I 12 -5.87 7.68 -37.70
CA ARG I 12 -5.13 8.31 -36.63
C ARG I 12 -5.94 8.30 -35.36
N ARG I 13 -5.26 8.04 -34.26
CA ARG I 13 -5.87 7.97 -32.93
C ARG I 13 -5.40 9.13 -32.09
N ILE I 14 -6.33 9.80 -31.42
CA ILE I 14 -5.99 10.74 -30.39
C ILE I 14 -6.87 10.54 -29.18
N SER I 15 -6.51 11.17 -28.07
CA SER I 15 -7.46 11.24 -26.95
C SER I 15 -7.71 12.65 -26.47
N PHE I 16 -8.82 12.81 -25.76
CA PHE I 16 -9.12 14.05 -25.08
C PHE I 16 -9.88 13.78 -23.79
N SER I 17 -9.74 14.67 -22.82
CA SER I 17 -10.44 14.58 -21.56
C SER I 17 -11.65 15.50 -21.52
N ALA I 18 -12.76 14.98 -21.07
CA ALA I 18 -13.95 15.77 -20.91
C ALA I 18 -14.83 15.24 -19.80
N SER I 19 -15.64 16.13 -19.25
CA SER I 19 -16.68 15.71 -18.36
C SER I 19 -18.02 15.81 -19.03
N HIS I 20 -18.98 15.06 -18.51
CA HIS I 20 -20.35 15.19 -18.98
C HIS I 20 -21.33 14.63 -17.96
N ARG I 21 -22.60 14.77 -18.30
CA ARG I 21 -23.68 14.21 -17.53
C ARG I 21 -24.73 13.80 -18.54
N LEU I 22 -25.27 12.60 -18.42
CA LEU I 22 -26.32 12.12 -19.29
C LEU I 22 -27.64 12.58 -18.71
N TYR I 23 -28.32 13.42 -19.50
CA TYR I 23 -29.52 14.08 -19.07
C TYR I 23 -30.32 14.55 -20.25
N SER I 24 -31.62 14.26 -20.23
CA SER I 24 -32.56 14.87 -21.15
C SER I 24 -33.54 15.70 -20.32
N LYS I 25 -33.60 17.00 -20.61
CA LYS I 25 -34.55 17.91 -19.95
C LYS I 25 -35.99 17.63 -20.37
N PHE I 26 -36.18 16.70 -21.30
CA PHE I 26 -37.54 16.35 -21.73
C PHE I 26 -38.17 15.17 -20.99
N LEU I 27 -37.33 14.29 -20.44
CA LEU I 27 -37.80 13.26 -19.53
C LEU I 27 -37.78 13.84 -18.10
N SER I 28 -38.51 13.17 -17.19
CA SER I 28 -38.54 13.59 -15.78
C SER I 28 -37.28 13.15 -15.10
N ASP I 29 -37.01 13.70 -13.92
CA ASP I 29 -35.89 13.25 -13.10
C ASP I 29 -36.00 11.74 -12.89
N GLU I 30 -37.16 11.29 -12.42
CA GLU I 30 -37.42 9.86 -12.25
C GLU I 30 -36.96 9.05 -13.47
N GLU I 31 -37.43 9.41 -14.67
CA GLU I 31 -37.09 8.64 -15.89
C GLU I 31 -35.63 8.87 -16.37
N ASN I 32 -35.03 10.00 -16.01
CA ASN I 32 -33.63 10.22 -16.28
C ASN I 32 -32.77 9.26 -15.44
N LEU I 33 -33.03 9.24 -14.14
CA LEU I 33 -32.30 8.38 -13.19
C LEU I 33 -32.46 6.91 -13.59
N LYS I 34 -33.69 6.49 -13.89
CA LYS I 34 -33.95 5.10 -14.24
C LYS I 34 -33.22 4.70 -15.53
N LEU I 35 -33.15 5.59 -16.50
CA LEU I 35 -32.54 5.27 -17.79
C LEU I 35 -31.00 5.38 -17.82
N PHE I 36 -30.47 6.41 -17.19
CA PHE I 36 -29.05 6.66 -17.26
C PHE I 36 -28.28 6.22 -16.03
N GLY I 37 -28.98 5.90 -14.95
CA GLY I 37 -28.34 5.46 -13.70
C GLY I 37 -27.22 6.39 -13.25
N LYS I 38 -26.07 5.80 -12.93
CA LYS I 38 -24.94 6.56 -12.32
C LYS I 38 -24.43 7.63 -13.26
N CYS I 39 -24.64 7.41 -14.56
CA CYS I 39 -24.27 8.40 -15.59
C CYS I 39 -25.10 9.68 -15.51
N ASN I 40 -26.18 9.65 -14.74
CA ASN I 40 -27.01 10.82 -14.49
C ASN I 40 -26.59 11.62 -13.24
N ASN I 41 -25.51 11.24 -12.57
CA ASN I 41 -25.00 11.98 -11.39
C ASN I 41 -25.04 13.50 -11.58
N PRO I 42 -25.71 14.26 -10.71
CA PRO I 42 -25.99 15.66 -11.00
C PRO I 42 -24.75 16.49 -11.28
N ASN I 43 -23.66 16.25 -10.57
CA ASN I 43 -22.49 17.12 -10.79
C ASN I 43 -21.54 16.56 -11.86
N GLY I 44 -21.97 15.49 -12.52
CA GLY I 44 -21.21 14.94 -13.66
C GLY I 44 -20.23 13.84 -13.34
N HIS I 45 -19.59 13.37 -14.39
CA HIS I 45 -18.48 12.43 -14.29
C HIS I 45 -17.60 12.69 -15.50
N GLY I 46 -16.58 11.87 -15.72
CA GLY I 46 -15.74 12.16 -16.86
C GLY I 46 -15.06 11.00 -17.50
N HIS I 47 -14.40 11.26 -18.63
CA HIS I 47 -13.64 10.23 -19.38
C HIS I 47 -12.44 10.78 -20.06
N ASN I 48 -11.46 9.91 -20.22
CA ASN I 48 -10.43 10.07 -21.21
C ASN I 48 -10.96 9.39 -22.50
N TYR I 49 -11.57 10.16 -23.38
CA TYR I 49 -12.05 9.65 -24.64
C TYR I 49 -10.92 9.34 -25.60
N LYS I 50 -11.01 8.21 -26.29
CA LYS I 50 -10.11 7.99 -27.43
C LYS I 50 -10.90 8.03 -28.71
N VAL I 51 -10.35 8.66 -29.72
CA VAL I 51 -10.97 8.73 -31.00
C VAL I 51 -10.02 8.24 -32.07
N VAL I 52 -10.50 7.34 -32.91
CA VAL I 52 -9.81 6.94 -34.10
C VAL I 52 -10.61 7.42 -35.32
N VAL I 53 -9.97 8.23 -36.13
CA VAL I 53 -10.55 8.76 -37.34
C VAL I 53 -9.91 8.04 -38.52
N THR I 54 -10.75 7.49 -39.40
CA THR I 54 -10.27 6.79 -40.57
C THR I 54 -10.74 7.49 -41.83
N VAL I 55 -9.78 7.79 -42.72
CA VAL I 55 -10.05 8.32 -44.01
C VAL I 55 -9.73 7.27 -45.04
N HIS I 56 -10.25 7.41 -46.25
CA HIS I 56 -9.91 6.46 -47.30
C HIS I 56 -9.74 7.15 -48.62
N GLY I 57 -9.10 6.45 -49.55
CA GLY I 57 -8.89 6.95 -50.90
C GLY I 57 -7.73 6.24 -51.56
N GLU I 58 -7.35 6.78 -52.69
CA GLU I 58 -6.32 6.18 -53.50
C GLU I 58 -4.95 6.51 -52.95
N ILE I 59 -4.04 5.55 -53.00
CA ILE I 59 -2.67 5.79 -52.64
C ILE I 59 -2.01 6.60 -53.79
N ASP I 60 -1.49 7.79 -53.48
CA ASP I 60 -0.96 8.69 -54.49
C ASP I 60 0.32 8.11 -55.09
N PRO I 61 0.32 7.89 -56.40
CA PRO I 61 1.46 7.20 -56.99
C PRO I 61 2.81 7.92 -56.84
N ALA I 62 2.79 9.25 -56.67
CA ALA I 62 4.01 10.00 -56.46
C ALA I 62 4.45 10.11 -55.00
N THR I 63 3.51 10.22 -54.06
CA THR I 63 3.83 10.49 -52.67
C THR I 63 3.77 9.25 -51.75
N GLY I 64 3.05 8.22 -52.20
CA GLY I 64 2.83 7.01 -51.42
C GLY I 64 1.74 7.16 -50.38
N MET I 65 1.01 8.28 -50.39
CA MET I 65 0.04 8.51 -49.31
C MET I 65 -1.36 8.68 -49.79
N VAL I 66 -2.30 8.32 -48.90
CA VAL I 66 -3.72 8.62 -49.11
C VAL I 66 -3.98 10.02 -48.63
N MET I 67 -3.28 10.41 -47.59
CA MET I 67 -3.38 11.74 -47.05
C MET I 67 -2.21 11.95 -46.12
N ASN I 68 -1.61 13.14 -46.20
CA ASN I 68 -0.53 13.53 -45.29
C ASN I 68 -1.01 13.55 -43.85
N LEU I 69 -0.30 12.83 -42.98
CA LEU I 69 -0.67 12.84 -41.60
C LEU I 69 -0.48 14.21 -40.94
N ALA I 70 0.32 15.11 -41.52
CA ALA I 70 0.33 16.50 -41.05
C ALA I 70 -1.02 17.17 -41.28
N ASP I 71 -1.65 16.89 -42.42
CA ASP I 71 -2.95 17.45 -42.69
C ASP I 71 -3.95 16.88 -41.69
N LEU I 72 -3.93 15.56 -41.52
CA LEU I 72 -4.93 14.88 -40.75
C LEU I 72 -4.81 15.28 -39.27
N LYS I 73 -3.60 15.56 -38.82
CA LYS I 73 -3.42 15.92 -37.42
C LYS I 73 -4.04 17.28 -37.23
N LYS I 74 -3.88 18.17 -38.21
CA LYS I 74 -4.45 19.50 -38.09
C LYS I 74 -5.98 19.48 -38.14
N TYR I 75 -6.54 18.70 -39.03
CA TYR I 75 -7.98 18.64 -39.12
C TYR I 75 -8.57 18.11 -37.84
N MET I 76 -7.90 17.14 -37.26
CA MET I 76 -8.33 16.54 -36.01
C MET I 76 -8.10 17.48 -34.83
N GLU I 77 -7.05 18.29 -34.89
CA GLU I 77 -6.85 19.28 -33.85
C GLU I 77 -8.01 20.29 -33.87
N GLU I 78 -8.44 20.69 -35.06
CA GLU I 78 -9.48 21.72 -35.19
C GLU I 78 -10.89 21.14 -34.94
N ALA I 79 -11.09 19.88 -35.31
CA ALA I 79 -12.41 19.30 -35.23
C ALA I 79 -12.72 18.62 -33.94
N ILE I 80 -11.69 18.28 -33.15
CA ILE I 80 -11.85 17.44 -31.95
C ILE I 80 -11.20 18.08 -30.74
N MET I 81 -9.88 18.30 -30.81
CA MET I 81 -9.16 18.80 -29.64
C MET I 81 -9.60 20.19 -29.20
N GLN I 82 -9.62 21.14 -30.13
CA GLN I 82 -9.96 22.51 -29.77
C GLN I 82 -11.32 22.62 -29.12
N PRO I 83 -12.36 22.08 -29.75
CA PRO I 83 -13.67 22.19 -29.13
C PRO I 83 -13.95 21.24 -27.95
N LEU I 84 -13.32 20.08 -27.86
CA LEU I 84 -13.67 19.10 -26.82
C LEU I 84 -12.70 18.93 -25.66
N ASP I 85 -11.41 19.16 -25.85
CA ASP I 85 -10.43 18.70 -24.89
C ASP I 85 -10.40 19.60 -23.66
N HIS I 86 -10.46 18.97 -22.49
CA HIS I 86 -10.50 19.65 -21.22
C HIS I 86 -11.73 20.56 -21.10
N LYS I 87 -12.86 20.02 -21.51
CA LYS I 87 -14.09 20.73 -21.50
C LYS I 87 -15.15 19.89 -20.80
N ASN I 88 -16.20 20.57 -20.36
CA ASN I 88 -17.44 19.98 -19.90
C ASN I 88 -18.40 20.01 -21.09
N LEU I 89 -18.76 18.84 -21.59
CA LEU I 89 -19.49 18.76 -22.86
C LEU I 89 -20.81 19.49 -22.80
N ASP I 90 -21.55 19.30 -21.73
CA ASP I 90 -22.90 19.83 -21.65
C ASP I 90 -22.93 21.33 -21.38
N MET I 91 -21.87 21.90 -20.80
CA MET I 91 -21.86 23.35 -20.51
C MET I 91 -20.94 24.20 -21.39
N ASP I 92 -19.93 23.60 -21.99
CA ASP I 92 -18.92 24.37 -22.72
C ASP I 92 -19.07 24.19 -24.23
N VAL I 93 -19.73 23.11 -24.66
CA VAL I 93 -19.91 22.85 -26.08
C VAL I 93 -21.37 23.13 -26.47
N PRO I 94 -21.62 24.24 -27.21
CA PRO I 94 -23.02 24.70 -27.47
C PRO I 94 -23.89 23.63 -28.06
N TYR I 95 -23.33 22.80 -28.94
CA TYR I 95 -24.05 21.71 -29.57
C TYR I 95 -24.76 20.80 -28.57
N PHE I 96 -24.14 20.57 -27.41
CA PHE I 96 -24.72 19.66 -26.44
C PHE I 96 -25.64 20.36 -25.43
N ALA I 97 -25.99 21.61 -25.69
CA ALA I 97 -26.99 22.31 -24.87
C ALA I 97 -28.34 21.61 -24.95
N ASP I 98 -28.68 21.13 -26.14
CA ASP I 98 -29.95 20.46 -26.39
C ASP I 98 -29.77 19.05 -27.04
N VAL I 99 -28.61 18.44 -26.86
CA VAL I 99 -28.39 17.07 -27.32
C VAL I 99 -27.74 16.27 -26.20
N VAL I 100 -28.25 15.08 -25.97
CA VAL I 100 -27.75 14.22 -24.92
C VAL I 100 -26.33 13.78 -25.30
N SER I 101 -25.38 13.95 -24.38
CA SER I 101 -23.97 13.71 -24.68
C SER I 101 -23.58 12.24 -24.55
N THR I 102 -24.36 11.37 -25.11
CA THR I 102 -23.98 9.98 -25.18
C THR I 102 -22.79 9.86 -26.11
N THR I 103 -22.10 8.74 -25.99
CA THR I 103 -20.97 8.48 -26.85
C THR I 103 -21.39 8.45 -28.34
N GLU I 104 -22.54 7.85 -28.64
CA GLU I 104 -23.14 7.91 -30.00
C GLU I 104 -23.18 9.35 -30.55
N ASN I 105 -23.69 10.29 -29.74
CA ASN I 105 -23.84 11.66 -30.20
C ASN I 105 -22.51 12.39 -30.28
N VAL I 106 -21.57 11.99 -29.43
CA VAL I 106 -20.22 12.52 -29.56
C VAL I 106 -19.58 12.08 -30.87
N ALA I 107 -19.78 10.83 -31.27
CA ALA I 107 -19.22 10.32 -32.53
C ALA I 107 -19.83 11.07 -33.73
N VAL I 108 -21.14 11.30 -33.68
CA VAL I 108 -21.83 12.07 -34.75
C VAL I 108 -21.32 13.51 -34.79
N TYR I 109 -21.17 14.12 -33.63
CA TYR I 109 -20.67 15.48 -33.57
C TYR I 109 -19.28 15.59 -34.21
N ILE I 110 -18.40 14.65 -33.84
CA ILE I 110 -17.05 14.63 -34.40
C ILE I 110 -17.07 14.43 -35.92
N TRP I 111 -17.84 13.45 -36.38
CA TRP I 111 -18.05 13.23 -37.84
C TRP I 111 -18.45 14.52 -38.56
N ASP I 112 -19.45 15.20 -38.05
CA ASP I 112 -19.98 16.40 -38.68
C ASP I 112 -18.93 17.48 -38.68
N ASN I 113 -18.18 17.62 -37.59
CA ASN I 113 -17.12 18.61 -37.52
C ASN I 113 -16.03 18.34 -38.54
N LEU I 114 -15.69 17.08 -38.69
CA LEU I 114 -14.65 16.67 -39.61
C LEU I 114 -15.11 16.83 -41.02
N GLN I 115 -16.39 16.56 -41.32
CA GLN I 115 -16.81 16.56 -42.73
C GLN I 115 -16.75 17.96 -43.27
N LYS I 116 -16.73 18.92 -42.34
CA LYS I 116 -16.69 20.33 -42.67
C LYS I 116 -15.30 20.77 -43.12
N VAL I 117 -14.26 20.03 -42.73
CA VAL I 117 -12.86 20.45 -43.00
C VAL I 117 -12.17 19.52 -43.97
N LEU I 118 -12.53 18.25 -43.95
CA LEU I 118 -11.96 17.28 -44.87
C LEU I 118 -12.41 17.50 -46.30
N PRO I 119 -11.62 17.00 -47.24
CA PRO I 119 -12.09 17.00 -48.61
C PRO I 119 -13.16 15.95 -48.76
N VAL I 120 -14.03 16.19 -49.72
CA VAL I 120 -15.27 15.46 -49.91
C VAL I 120 -15.06 13.98 -50.10
N GLY I 121 -15.77 13.13 -49.35
CA GLY I 121 -15.85 11.69 -49.70
C GLY I 121 -14.76 10.87 -49.04
N VAL I 122 -13.90 11.57 -48.33
CA VAL I 122 -12.65 11.03 -47.79
C VAL I 122 -12.83 10.42 -46.37
N LEU I 123 -13.74 10.99 -45.59
CA LEU I 123 -13.99 10.48 -44.27
C LEU I 123 -14.72 9.19 -44.41
N TYR I 124 -14.16 8.16 -43.80
CA TYR I 124 -14.76 6.82 -43.82
C TYR I 124 -15.36 6.41 -42.47
N LYS I 125 -14.69 6.71 -41.36
CA LYS I 125 -15.16 6.19 -40.10
C LYS I 125 -14.68 6.97 -38.90
N VAL I 126 -15.55 7.12 -37.92
CA VAL I 126 -15.18 7.72 -36.67
C VAL I 126 -15.49 6.71 -35.58
N LYS I 127 -14.48 6.38 -34.78
CA LYS I 127 -14.67 5.49 -33.68
C LYS I 127 -14.34 6.19 -32.35
N VAL I 128 -15.24 6.11 -31.38
CA VAL I 128 -15.00 6.77 -30.10
C VAL I 128 -15.03 5.76 -28.96
N TYR I 129 -13.94 5.70 -28.20
CA TYR I 129 -13.91 4.92 -26.99
C TYR I 129 -14.21 5.81 -25.80
N GLU I 130 -15.36 5.60 -25.18
CA GLU I 130 -15.73 6.30 -23.94
C GLU I 130 -14.89 5.78 -22.77
N THR I 131 -14.70 4.47 -22.76
CA THR I 131 -13.76 3.81 -21.88
C THR I 131 -13.09 2.72 -22.74
N ASP I 132 -12.19 1.97 -22.15
CA ASP I 132 -11.55 0.86 -22.85
C ASP I 132 -12.58 -0.14 -23.36
N ASN I 133 -13.73 -0.23 -22.70
CA ASN I 133 -14.67 -1.30 -22.94
C ASN I 133 -15.99 -0.92 -23.63
N ASN I 134 -16.19 0.37 -23.87
CA ASN I 134 -17.43 0.94 -24.43
C ASN I 134 -17.06 1.77 -25.64
N ILE I 135 -17.49 1.32 -26.81
CA ILE I 135 -17.03 1.88 -28.07
C ILE I 135 -18.22 2.20 -28.94
N VAL I 136 -18.13 3.30 -29.67
CA VAL I 136 -19.09 3.60 -30.73
C VAL I 136 -18.39 3.76 -32.05
N VAL I 137 -18.98 3.24 -33.13
CA VAL I 137 -18.52 3.49 -34.47
C VAL I 137 -19.63 4.16 -35.30
N TYR I 138 -19.30 5.26 -35.94
CA TYR I 138 -20.23 5.97 -36.83
C TYR I 138 -19.59 6.09 -38.19
N LYS I 139 -20.37 5.85 -39.22
CA LYS I 139 -19.87 5.93 -40.60
C LYS I 139 -20.81 6.75 -41.49
N GLY I 140 -21.49 7.75 -40.93
CA GLY I 140 -22.37 8.63 -41.73
C GLY I 140 -23.58 7.98 -42.35
N GLU I 141 -24.03 6.84 -41.80
CA GLU I 141 -25.24 6.10 -42.27
C GLU I 141 -26.46 6.53 -41.44
N ARG J 5 -3.71 -51.78 30.60
CA ARG J 5 -2.94 -50.51 30.38
C ARG J 5 -3.88 -49.33 30.12
N CYS J 6 -3.65 -48.22 30.83
CA CYS J 6 -4.52 -47.06 30.73
C CYS J 6 -3.70 -45.78 30.62
N GLN J 7 -4.00 -44.98 29.60
CA GLN J 7 -3.40 -43.66 29.45
C GLN J 7 -4.35 -42.63 30.01
N ALA J 8 -3.77 -41.57 30.57
CA ALA J 8 -4.56 -40.48 31.12
C ALA J 8 -3.86 -39.14 30.96
N GLN J 9 -4.62 -38.08 31.08
CA GLN J 9 -4.12 -36.72 31.09
C GLN J 9 -4.31 -36.13 32.49
N VAL J 10 -3.23 -35.55 33.00
CA VAL J 10 -3.21 -34.99 34.31
C VAL J 10 -2.82 -33.51 34.15
N SER J 11 -3.56 -32.63 34.81
CA SER J 11 -3.34 -31.21 34.76
C SER J 11 -3.19 -30.57 36.12
N ARG J 12 -2.37 -29.55 36.13
CA ARG J 12 -2.24 -28.71 37.27
C ARG J 12 -2.38 -27.24 36.83
N ARG J 13 -3.11 -26.47 37.62
CA ARG J 13 -3.35 -25.07 37.36
C ARG J 13 -2.60 -24.21 38.38
N ILE J 14 -1.91 -23.17 37.91
CA ILE J 14 -1.38 -22.11 38.78
C ILE J 14 -1.63 -20.72 38.22
N SER J 15 -1.40 -19.69 39.02
CA SER J 15 -1.41 -18.37 38.48
C SER J 15 -0.18 -17.56 38.79
N PHE J 16 0.07 -16.54 37.95
CA PHE J 16 1.08 -15.58 38.21
C PHE J 16 0.65 -14.20 37.75
N SER J 17 1.25 -13.18 38.36
CA SER J 17 1.02 -11.80 38.03
C SER J 17 2.18 -11.26 37.23
N ALA J 18 1.84 -10.57 36.16
CA ALA J 18 2.81 -9.93 35.32
C ALA J 18 2.22 -8.73 34.58
N SER J 19 3.11 -7.81 34.22
CA SER J 19 2.73 -6.70 33.39
C SER J 19 3.40 -6.86 32.05
N HIS J 20 2.84 -6.21 31.05
CA HIS J 20 3.43 -6.22 29.74
C HIS J 20 2.87 -5.10 28.90
N ARG J 21 3.43 -4.96 27.73
CA ARG J 21 2.95 -4.05 26.72
C ARG J 21 3.08 -4.72 25.39
N LEU J 22 2.04 -4.69 24.58
CA LEU J 22 2.10 -5.27 23.21
C LEU J 22 2.63 -4.21 22.22
N TYR J 23 3.78 -4.47 21.61
CA TYR J 23 4.29 -3.68 20.51
C TYR J 23 5.20 -4.54 19.65
N SER J 24 5.30 -4.19 18.37
CA SER J 24 6.21 -4.89 17.45
C SER J 24 7.30 -3.98 16.95
N LYS J 25 8.50 -4.54 16.88
CA LYS J 25 9.64 -3.87 16.25
C LYS J 25 9.37 -3.68 14.75
N PHE J 26 8.79 -4.71 14.12
CA PHE J 26 8.49 -4.69 12.67
C PHE J 26 7.40 -3.63 12.31
N LEU J 27 6.75 -3.02 13.30
CA LEU J 27 5.76 -1.96 13.06
C LEU J 27 6.18 -0.63 13.62
N SER J 28 5.57 0.43 13.10
CA SER J 28 5.74 1.80 13.55
C SER J 28 4.73 2.20 14.64
N ASP J 29 4.87 3.42 15.18
CA ASP J 29 4.06 3.82 16.35
C ASP J 29 2.56 3.81 16.01
N GLU J 30 2.17 4.47 14.94
CA GLU J 30 0.76 4.48 14.52
C GLU J 30 0.27 3.07 14.22
N GLU J 31 1.03 2.30 13.44
CA GLU J 31 0.68 0.89 13.21
C GLU J 31 0.49 0.11 14.50
N ASN J 32 1.46 0.17 15.40
CA ASN J 32 1.33 -0.48 16.70
C ASN J 32 0.07 -0.09 17.43
N LEU J 33 -0.25 1.20 17.42
CA LEU J 33 -1.48 1.65 18.04
C LEU J 33 -2.71 1.14 17.34
N LYS J 34 -2.71 1.12 16.00
CA LYS J 34 -3.86 0.59 15.25
C LYS J 34 -4.11 -0.89 15.53
N LEU J 35 -3.05 -1.69 15.54
CA LEU J 35 -3.16 -3.14 15.70
C LEU J 35 -3.48 -3.53 17.16
N PHE J 36 -2.75 -3.00 18.12
CA PHE J 36 -2.84 -3.46 19.49
C PHE J 36 -3.76 -2.59 20.36
N GLY J 37 -4.18 -1.43 19.88
CA GLY J 37 -5.06 -0.53 20.63
C GLY J 37 -4.59 -0.28 22.08
N LYS J 38 -5.49 -0.50 23.04
CA LYS J 38 -5.22 -0.14 24.46
C LYS J 38 -4.08 -1.03 25.02
N CYS J 39 -3.91 -2.19 24.43
CA CYS J 39 -2.82 -3.07 24.83
C CYS J 39 -1.43 -2.53 24.52
N ASN J 40 -1.39 -1.49 23.68
CA ASN J 40 -0.18 -0.77 23.34
C ASN J 40 0.16 0.40 24.28
N ASN J 41 -0.65 0.61 25.34
CA ASN J 41 -0.41 1.69 26.31
C ASN J 41 1.06 1.80 26.70
N PRO J 42 1.70 2.98 26.53
CA PRO J 42 3.17 3.02 26.63
C PRO J 42 3.74 2.52 27.96
N ASN J 43 3.05 2.78 29.07
CA ASN J 43 3.57 2.36 30.36
C ASN J 43 3.08 0.99 30.81
N GLY J 44 2.39 0.30 29.91
CA GLY J 44 2.01 -1.07 30.15
C GLY J 44 0.63 -1.24 30.78
N HIS J 45 0.28 -2.49 30.96
CA HIS J 45 -0.89 -2.90 31.71
C HIS J 45 -0.56 -4.27 32.28
N GLY J 46 -1.53 -4.97 32.85
CA GLY J 46 -1.18 -6.26 33.43
C GLY J 46 -2.28 -7.27 33.59
N HIS J 47 -1.87 -8.45 34.02
CA HIS J 47 -2.83 -9.55 34.22
C HIS J 47 -2.47 -10.45 35.37
N ASN J 48 -3.50 -11.04 35.96
CA ASN J 48 -3.32 -12.28 36.71
C ASN J 48 -3.43 -13.42 35.70
N TYR J 49 -2.34 -13.90 35.19
CA TYR J 49 -2.40 -15.06 34.27
C TYR J 49 -2.71 -16.35 35.01
N LYS J 50 -3.52 -17.21 34.38
CA LYS J 50 -3.68 -18.61 34.86
C LYS J 50 -3.10 -19.56 33.85
N VAL J 51 -2.35 -20.54 34.30
CA VAL J 51 -1.78 -21.50 33.40
C VAL J 51 -2.20 -22.89 33.82
N VAL J 52 -2.69 -23.69 32.87
CA VAL J 52 -2.99 -25.09 33.09
C VAL J 52 -2.03 -25.92 32.24
N VAL J 53 -1.22 -26.74 32.92
CA VAL J 53 -0.25 -27.61 32.27
C VAL J 53 -0.75 -29.02 32.34
N THR J 54 -0.83 -29.67 31.19
CA THR J 54 -1.34 -31.03 31.11
C THR J 54 -0.27 -31.92 30.59
N VAL J 55 -0.02 -33.00 31.33
CA VAL J 55 0.89 -34.04 30.94
C VAL J 55 0.10 -35.30 30.66
N HIS J 56 0.69 -36.25 29.96
CA HIS J 56 -0.03 -37.50 29.68
C HIS J 56 0.92 -38.66 29.63
N GLY J 57 0.35 -39.84 29.83
CA GLY J 57 1.13 -41.07 29.88
C GLY J 57 0.33 -42.19 30.53
N GLU J 58 1.03 -43.28 30.78
CA GLU J 58 0.42 -44.48 31.37
C GLU J 58 0.24 -44.29 32.85
N ILE J 59 -0.89 -44.75 33.37
CA ILE J 59 -1.09 -44.76 34.80
C ILE J 59 -0.18 -45.87 35.32
N ASP J 60 0.91 -45.47 35.95
CA ASP J 60 1.81 -46.42 36.57
C ASP J 60 0.97 -47.26 37.49
N PRO J 61 0.90 -48.56 37.20
CA PRO J 61 0.09 -49.43 38.05
C PRO J 61 0.62 -49.57 39.48
N ALA J 62 1.89 -49.26 39.71
CA ALA J 62 2.41 -49.26 41.07
C ALA J 62 1.81 -48.10 41.87
N THR J 63 2.04 -46.87 41.41
CA THR J 63 1.75 -45.67 42.20
C THR J 63 0.40 -45.01 41.90
N GLY J 64 -0.23 -45.39 40.80
CA GLY J 64 -1.52 -44.83 40.41
C GLY J 64 -1.36 -43.51 39.75
N MET J 65 -0.13 -43.17 39.39
CA MET J 65 0.14 -41.84 38.82
C MET J 65 0.75 -41.92 37.44
N VAL J 66 0.56 -40.83 36.73
CA VAL J 66 1.20 -40.61 35.45
C VAL J 66 2.55 -39.93 35.74
N MET J 67 2.54 -39.03 36.70
CA MET J 67 3.75 -38.37 37.11
C MET J 67 3.61 -37.99 38.57
N ASN J 68 4.74 -38.03 39.29
CA ASN J 68 4.86 -37.41 40.63
C ASN J 68 4.35 -35.93 40.65
N LEU J 69 3.17 -35.67 41.21
CA LEU J 69 2.71 -34.28 41.42
C LEU J 69 3.80 -33.40 42.06
N ALA J 70 4.49 -33.90 43.11
CA ALA J 70 5.57 -33.14 43.75
C ALA J 70 6.59 -32.65 42.72
N ASP J 71 6.89 -33.54 41.77
CA ASP J 71 7.79 -33.20 40.71
C ASP J 71 7.09 -32.25 39.75
N LEU J 72 5.77 -32.40 39.54
CA LEU J 72 5.05 -31.50 38.62
C LEU J 72 4.95 -30.10 39.20
N LYS J 73 4.82 -29.99 40.52
CA LYS J 73 4.88 -28.71 41.24
C LYS J 73 6.22 -28.06 41.00
N LYS J 74 7.28 -28.83 41.14
CA LYS J 74 8.64 -28.31 41.07
C LYS J 74 8.91 -27.80 39.68
N TYR J 75 8.52 -28.58 38.67
CA TYR J 75 8.80 -28.23 37.28
C TYR J 75 8.11 -26.93 36.91
N MET J 76 6.88 -26.78 37.38
CA MET J 76 6.06 -25.61 37.06
C MET J 76 6.56 -24.40 37.82
N GLU J 77 7.05 -24.63 39.03
CA GLU J 77 7.69 -23.55 39.79
C GLU J 77 8.96 -23.03 39.02
N GLU J 78 9.74 -23.95 38.48
CA GLU J 78 10.96 -23.58 37.78
C GLU J 78 10.66 -22.97 36.41
N ALA J 79 9.69 -23.50 35.70
CA ALA J 79 9.44 -23.10 34.33
C ALA J 79 8.52 -21.91 34.16
N ILE J 80 7.75 -21.59 35.18
CA ILE J 80 6.70 -20.56 35.09
C ILE J 80 6.87 -19.52 36.21
N MET J 81 6.75 -19.94 37.46
CA MET J 81 6.72 -18.97 38.55
C MET J 81 8.04 -18.17 38.69
N GLN J 82 9.16 -18.85 38.77
CA GLN J 82 10.44 -18.17 38.97
C GLN J 82 10.72 -17.12 37.89
N PRO J 83 10.59 -17.50 36.60
CA PRO J 83 10.88 -16.49 35.57
C PRO J 83 9.77 -15.46 35.29
N LEU J 84 8.49 -15.79 35.57
CA LEU J 84 7.41 -14.88 35.15
C LEU J 84 6.66 -14.13 36.26
N ASP J 85 6.64 -14.67 37.47
CA ASP J 85 5.73 -14.15 38.48
C ASP J 85 6.25 -12.87 39.06
N HIS J 86 5.35 -11.90 39.19
CA HIS J 86 5.67 -10.57 39.65
C HIS J 86 6.77 -9.93 38.81
N LYS J 87 6.65 -10.08 37.51
CA LYS J 87 7.61 -9.56 36.56
C LYS J 87 6.94 -8.71 35.48
N ASN J 88 7.75 -7.85 34.88
CA ASN J 88 7.37 -7.14 33.70
C ASN J 88 7.92 -7.95 32.52
N LEU J 89 7.04 -8.53 31.72
CA LEU J 89 7.47 -9.49 30.71
C LEU J 89 8.49 -8.86 29.72
N ASP J 90 8.21 -7.66 29.24
CA ASP J 90 9.05 -7.07 28.21
C ASP J 90 10.38 -6.54 28.71
N MET J 91 10.49 -6.27 30.02
CA MET J 91 11.74 -5.75 30.56
C MET J 91 12.55 -6.71 31.43
N ASP J 92 11.88 -7.69 32.03
CA ASP J 92 12.55 -8.52 33.00
C ASP J 92 12.80 -9.90 32.44
N VAL J 93 12.14 -10.28 31.35
CA VAL J 93 12.30 -11.62 30.80
C VAL J 93 13.02 -11.52 29.47
N PRO J 94 14.30 -11.92 29.41
CA PRO J 94 15.11 -11.69 28.20
C PRO J 94 14.48 -12.18 26.90
N TYR J 95 13.87 -13.34 26.93
CA TYR J 95 13.15 -13.85 25.78
C TYR J 95 12.21 -12.82 25.10
N PHE J 96 11.55 -11.97 25.88
CA PHE J 96 10.59 -11.05 25.31
C PHE J 96 11.23 -9.72 24.93
N ALA J 97 12.54 -9.64 24.97
CA ALA J 97 13.20 -8.44 24.46
C ALA J 97 12.83 -8.20 22.99
N ASP J 98 12.81 -9.25 22.17
CA ASP J 98 12.47 -9.09 20.75
C ASP J 98 11.39 -10.09 20.31
N VAL J 99 10.54 -10.50 21.25
CA VAL J 99 9.33 -11.24 20.92
C VAL J 99 8.15 -10.53 21.53
N VAL J 100 7.09 -10.38 20.75
CA VAL J 100 5.87 -9.72 21.20
C VAL J 100 5.22 -10.58 22.30
N SER J 101 4.90 -9.97 23.43
CA SER J 101 4.37 -10.71 24.58
C SER J 101 2.87 -10.99 24.52
N THR J 102 2.40 -11.38 23.36
CA THR J 102 1.02 -11.83 23.25
C THR J 102 0.86 -13.12 24.07
N THR J 103 -0.35 -13.41 24.41
CA THR J 103 -0.65 -14.60 25.16
C THR J 103 -0.21 -15.89 24.40
N GLU J 104 -0.36 -15.89 23.06
CA GLU J 104 0.15 -16.94 22.24
C GLU J 104 1.64 -17.20 22.53
N ASN J 105 2.43 -16.13 22.55
CA ASN J 105 3.87 -16.28 22.68
C ASN J 105 4.20 -16.66 24.10
N VAL J 106 3.38 -16.24 25.05
CA VAL J 106 3.62 -16.67 26.42
C VAL J 106 3.38 -18.19 26.54
N ALA J 107 2.35 -18.70 25.87
CA ALA J 107 2.07 -20.15 25.93
C ALA J 107 3.21 -20.94 25.32
N VAL J 108 3.78 -20.44 24.23
CA VAL J 108 4.91 -21.10 23.57
C VAL J 108 6.12 -21.03 24.48
N TYR J 109 6.42 -19.86 25.03
CA TYR J 109 7.55 -19.72 25.96
C TYR J 109 7.46 -20.77 27.14
N ILE J 110 6.27 -20.91 27.72
CA ILE J 110 6.03 -21.80 28.83
C ILE J 110 6.19 -23.26 28.41
N TRP J 111 5.65 -23.60 27.25
CA TRP J 111 5.86 -24.91 26.66
C TRP J 111 7.33 -25.23 26.54
N ASP J 112 8.09 -24.34 25.93
CA ASP J 112 9.53 -24.58 25.70
C ASP J 112 10.28 -24.74 27.01
N ASN J 113 9.92 -23.92 28.02
CA ASN J 113 10.58 -23.98 29.31
C ASN J 113 10.31 -25.33 30.03
N LEU J 114 9.10 -25.83 29.87
CA LEU J 114 8.67 -27.09 30.43
C LEU J 114 9.34 -28.26 29.74
N GLN J 115 9.48 -28.22 28.42
CA GLN J 115 10.21 -29.26 27.72
C GLN J 115 11.65 -29.40 28.17
N LYS J 116 12.21 -28.35 28.78
CA LYS J 116 13.60 -28.45 29.29
C LYS J 116 13.74 -29.42 30.46
N VAL J 117 12.75 -29.43 31.36
CA VAL J 117 12.85 -30.12 32.67
C VAL J 117 12.00 -31.39 32.77
N LEU J 118 10.92 -31.44 31.99
CA LEU J 118 10.03 -32.59 32.01
C LEU J 118 10.69 -33.80 31.43
N PRO J 119 10.35 -35.00 31.95
CA PRO J 119 10.71 -36.18 31.17
C PRO J 119 10.19 -36.08 29.71
N VAL J 120 10.88 -36.77 28.80
CA VAL J 120 10.59 -36.70 27.36
C VAL J 120 9.18 -37.21 27.06
N GLY J 121 8.46 -36.47 26.21
CA GLY J 121 7.23 -36.98 25.59
C GLY J 121 5.99 -36.83 26.46
N VAL J 122 6.14 -36.32 27.68
CA VAL J 122 5.01 -36.27 28.61
C VAL J 122 4.18 -35.00 28.47
N LEU J 123 4.78 -33.88 28.07
CA LEU J 123 4.00 -32.67 27.89
C LEU J 123 2.96 -32.87 26.79
N TYR J 124 1.73 -32.58 27.13
CA TYR J 124 0.65 -32.66 26.16
C TYR J 124 0.10 -31.26 25.81
N LYS J 125 -0.10 -30.40 26.78
CA LYS J 125 -0.81 -29.17 26.49
C LYS J 125 -0.45 -28.11 27.49
N VAL J 126 -0.37 -26.86 27.02
CA VAL J 126 -0.25 -25.70 27.86
C VAL J 126 -1.39 -24.75 27.52
N LYS J 127 -2.16 -24.36 28.51
CA LYS J 127 -3.25 -23.46 28.34
C LYS J 127 -3.01 -22.22 29.21
N VAL J 128 -3.10 -21.03 28.59
CA VAL J 128 -2.91 -19.77 29.29
C VAL J 128 -4.16 -18.90 29.19
N TYR J 129 -4.69 -18.52 30.36
CA TYR J 129 -5.74 -17.54 30.47
C TYR J 129 -5.14 -16.15 30.79
N GLU J 130 -5.20 -15.23 29.84
CA GLU J 130 -4.79 -13.85 30.01
C GLU J 130 -5.80 -13.12 30.89
N THR J 131 -7.06 -13.44 30.67
CA THR J 131 -8.14 -13.02 31.56
C THR J 131 -9.09 -14.19 31.61
N ASP J 132 -10.16 -14.09 32.35
CA ASP J 132 -11.17 -15.13 32.39
C ASP J 132 -11.71 -15.51 31.02
N ASN J 133 -11.70 -14.56 30.10
CA ASN J 133 -12.41 -14.67 28.84
C ASN J 133 -11.51 -14.84 27.59
N ASN J 134 -10.18 -14.78 27.77
CA ASN J 134 -9.22 -14.80 26.68
C ASN J 134 -8.22 -15.91 26.98
N ILE J 135 -8.24 -16.95 26.14
CA ILE J 135 -7.49 -18.15 26.40
C ILE J 135 -6.71 -18.55 25.18
N VAL J 136 -5.47 -19.04 25.38
CA VAL J 136 -4.68 -19.67 24.36
C VAL J 136 -4.27 -21.10 24.76
N VAL J 137 -4.36 -22.03 23.82
CA VAL J 137 -3.91 -23.40 24.02
C VAL J 137 -2.79 -23.70 22.99
N TYR J 138 -1.67 -24.19 23.47
CA TYR J 138 -0.57 -24.62 22.61
C TYR J 138 -0.27 -26.08 22.91
N LYS J 139 -0.04 -26.88 21.88
CA LYS J 139 0.26 -28.31 21.99
C LYS J 139 1.55 -28.71 21.28
N GLY J 140 2.45 -27.77 21.09
CA GLY J 140 3.71 -28.01 20.35
C GLY J 140 3.61 -28.28 18.84
N GLU J 141 2.50 -27.92 18.20
CA GLU J 141 2.29 -28.20 16.76
C GLU J 141 2.77 -27.04 15.85
N ARG K 4 -26.32 -34.18 5.82
CA ARG K 4 -27.60 -33.85 6.52
C ARG K 4 -27.35 -33.57 8.02
N ARG K 5 -27.04 -34.63 8.78
CA ARG K 5 -26.94 -34.66 10.23
C ARG K 5 -25.63 -34.09 10.81
N CYS K 6 -25.39 -34.28 12.12
CA CYS K 6 -24.29 -33.61 12.87
C CYS K 6 -23.86 -34.37 14.14
N GLN K 7 -22.56 -34.49 14.38
CA GLN K 7 -21.98 -35.07 15.62
C GLN K 7 -21.70 -33.99 16.66
N ALA K 8 -21.97 -34.28 17.92
CA ALA K 8 -21.71 -33.35 19.02
C ALA K 8 -21.32 -34.07 20.27
N GLN K 9 -20.70 -33.33 21.18
CA GLN K 9 -20.35 -33.79 22.51
C GLN K 9 -21.22 -33.08 23.51
N VAL K 10 -21.73 -33.82 24.47
CA VAL K 10 -22.62 -33.29 25.48
C VAL K 10 -22.09 -33.74 26.82
N SER K 11 -21.99 -32.79 27.74
CA SER K 11 -21.40 -33.00 29.04
C SER K 11 -22.32 -32.59 30.15
N ARG K 12 -22.20 -33.31 31.25
CA ARG K 12 -22.86 -33.01 32.48
C ARG K 12 -21.84 -33.02 33.63
N ARG K 13 -21.95 -32.02 34.49
CA ARG K 13 -21.06 -31.92 35.64
C ARG K 13 -21.85 -32.20 36.91
N ILE K 14 -21.27 -33.02 37.78
CA ILE K 14 -21.75 -33.13 39.16
C ILE K 14 -20.62 -33.14 40.15
N SER K 15 -20.93 -33.01 41.43
CA SER K 15 -19.92 -33.20 42.47
C SER K 15 -20.33 -34.16 43.55
N PHE K 16 -19.32 -34.72 44.23
CA PHE K 16 -19.50 -35.59 45.34
C PHE K 16 -18.39 -35.39 46.34
N SER K 17 -18.71 -35.68 47.60
CA SER K 17 -17.75 -35.61 48.70
C SER K 17 -17.23 -36.96 49.09
N ALA K 18 -15.92 -37.07 49.24
CA ALA K 18 -15.33 -38.31 49.67
C ALA K 18 -14.04 -38.08 50.40
N SER K 19 -13.70 -39.00 51.31
CA SER K 19 -12.39 -38.99 51.92
C SER K 19 -11.56 -40.13 51.37
N HIS K 20 -10.26 -40.00 51.47
CA HIS K 20 -9.35 -41.08 51.04
C HIS K 20 -7.99 -40.96 51.65
N ARG K 21 -7.18 -41.96 51.41
CA ARG K 21 -5.80 -41.94 51.82
C ARG K 21 -4.99 -42.55 50.69
N LEU K 22 -3.88 -41.92 50.31
CA LEU K 22 -3.03 -42.50 49.29
C LEU K 22 -2.01 -43.47 49.91
N TYR K 23 -2.09 -44.73 49.43
CA TYR K 23 -1.42 -45.91 50.02
C TYR K 23 -1.25 -46.99 48.96
N SER K 24 -0.05 -47.54 48.82
CA SER K 24 0.18 -48.61 47.84
C SER K 24 0.53 -49.95 48.44
N LYS K 25 0.16 -51.01 47.72
CA LYS K 25 0.43 -52.42 48.14
C LYS K 25 1.85 -52.84 47.78
N PHE K 26 2.35 -52.37 46.63
CA PHE K 26 3.75 -52.60 46.22
C PHE K 26 4.79 -51.90 47.14
N LEU K 27 4.42 -50.73 47.69
CA LEU K 27 5.28 -49.97 48.61
C LEU K 27 5.19 -50.42 50.09
N SER K 28 6.17 -50.00 50.88
CA SER K 28 6.16 -50.14 52.36
C SER K 28 5.84 -48.81 53.06
N ASP K 29 5.61 -48.85 54.37
CA ASP K 29 5.32 -47.63 55.17
C ASP K 29 6.30 -46.48 54.79
N GLU K 30 7.62 -46.74 54.82
CA GLU K 30 8.66 -45.77 54.36
C GLU K 30 8.40 -45.10 52.98
N GLU K 31 8.34 -45.92 51.93
CA GLU K 31 8.20 -45.43 50.54
C GLU K 31 6.86 -44.77 50.29
N ASN K 32 5.90 -45.11 51.13
CA ASN K 32 4.58 -44.54 51.03
C ASN K 32 4.57 -43.06 51.46
N LEU K 33 5.30 -42.69 52.51
CA LEU K 33 5.41 -41.28 52.98
C LEU K 33 6.24 -40.42 52.02
N LYS K 34 7.36 -40.95 51.52
CA LYS K 34 8.21 -40.22 50.58
C LYS K 34 7.48 -39.89 49.29
N LEU K 35 6.72 -40.85 48.78
CA LEU K 35 6.02 -40.68 47.51
C LEU K 35 4.76 -39.86 47.61
N PHE K 36 3.92 -40.10 48.61
CA PHE K 36 2.61 -39.43 48.67
C PHE K 36 2.57 -38.23 49.62
N GLY K 37 3.59 -38.08 50.47
CA GLY K 37 3.65 -36.95 51.41
C GLY K 37 2.41 -36.78 52.28
N LYS K 38 1.87 -35.57 52.30
CA LYS K 38 0.74 -35.24 53.18
C LYS K 38 -0.51 -36.04 52.79
N CYS K 39 -0.61 -36.45 51.53
CA CYS K 39 -1.72 -37.32 51.05
C CYS K 39 -1.71 -38.73 51.68
N ASN K 40 -0.60 -39.08 52.33
CA ASN K 40 -0.49 -40.34 53.03
C ASN K 40 -0.92 -40.25 54.52
N ASN K 41 -1.43 -39.09 54.93
CA ASN K 41 -1.86 -38.91 56.35
C ASN K 41 -2.68 -40.11 56.80
N PRO K 42 -2.25 -40.79 57.90
CA PRO K 42 -2.88 -42.08 58.24
C PRO K 42 -4.40 -42.05 58.36
N ASN K 43 -4.97 -40.98 58.91
CA ASN K 43 -6.43 -40.96 59.14
C ASN K 43 -7.17 -40.37 57.97
N GLY K 44 -6.46 -40.09 56.92
CA GLY K 44 -7.06 -39.61 55.69
C GLY K 44 -7.22 -38.09 55.54
N HIS K 45 -7.73 -37.71 54.40
CA HIS K 45 -8.09 -36.32 54.09
C HIS K 45 -9.20 -36.41 53.08
N GLY K 46 -9.67 -35.30 52.57
CA GLY K 46 -10.85 -35.38 51.71
C GLY K 46 -10.99 -34.34 50.64
N HIS K 47 -12.00 -34.50 49.79
CA HIS K 47 -12.22 -33.59 48.66
C HIS K 47 -13.67 -33.50 48.31
N ASN K 48 -14.06 -32.32 47.80
CA ASN K 48 -15.25 -32.14 47.00
C ASN K 48 -14.85 -32.42 45.57
N TYR K 49 -15.02 -33.65 45.09
CA TYR K 49 -14.69 -33.99 43.73
C TYR K 49 -15.70 -33.36 42.76
N LYS K 50 -15.23 -32.90 41.59
CA LYS K 50 -16.15 -32.58 40.52
C LYS K 50 -15.90 -33.55 39.37
N VAL K 51 -16.96 -34.05 38.77
CA VAL K 51 -16.82 -34.96 37.64
C VAL K 51 -17.61 -34.40 36.43
N VAL K 52 -16.96 -34.31 35.28
CA VAL K 52 -17.63 -33.96 34.05
C VAL K 52 -17.63 -35.20 33.16
N VAL K 53 -18.80 -35.64 32.80
CA VAL K 53 -18.95 -36.80 31.93
C VAL K 53 -19.42 -36.32 30.57
N THR K 54 -18.72 -36.74 29.53
CA THR K 54 -19.01 -36.30 28.19
C THR K 54 -19.35 -37.49 27.35
N VAL K 55 -20.50 -37.40 26.68
CA VAL K 55 -20.91 -38.38 25.74
C VAL K 55 -20.89 -37.77 24.34
N HIS K 56 -20.88 -38.61 23.32
CA HIS K 56 -20.94 -38.09 21.96
C HIS K 56 -21.80 -38.92 21.08
N GLY K 57 -22.19 -38.36 19.94
CA GLY K 57 -23.01 -39.05 18.98
C GLY K 57 -23.72 -38.07 18.09
N GLU K 58 -24.60 -38.60 17.25
CA GLU K 58 -25.37 -37.84 16.30
C GLU K 58 -26.44 -37.06 17.02
N ILE K 59 -26.65 -35.82 16.64
CA ILE K 59 -27.80 -35.05 17.09
C ILE K 59 -29.03 -35.62 16.46
N ASP K 60 -30.00 -35.93 17.28
CA ASP K 60 -31.21 -36.53 16.76
C ASP K 60 -31.98 -35.45 15.99
N PRO K 61 -32.34 -35.72 14.72
CA PRO K 61 -32.98 -34.70 13.90
C PRO K 61 -34.42 -34.39 14.27
N ALA K 62 -35.04 -35.18 15.13
CA ALA K 62 -36.39 -34.87 15.58
C ALA K 62 -36.34 -34.15 16.92
N THR K 63 -35.50 -34.62 17.83
CA THR K 63 -35.52 -34.12 19.20
C THR K 63 -34.38 -33.14 19.58
N GLY K 64 -33.41 -32.97 18.70
CA GLY K 64 -32.30 -32.10 18.96
C GLY K 64 -31.27 -32.59 19.96
N MET K 65 -31.36 -33.85 20.40
CA MET K 65 -30.45 -34.33 21.42
C MET K 65 -29.56 -35.47 20.97
N VAL K 66 -28.42 -35.59 21.62
CA VAL K 66 -27.47 -36.67 21.41
C VAL K 66 -27.81 -37.86 22.28
N MET K 67 -28.34 -37.56 23.47
CA MET K 67 -28.78 -38.56 24.43
C MET K 67 -29.80 -37.91 25.38
N ASN K 68 -30.81 -38.70 25.78
CA ASN K 68 -31.79 -38.27 26.81
C ASN K 68 -31.09 -37.77 28.09
N LEU K 69 -31.11 -36.45 28.35
CA LEU K 69 -30.37 -35.87 29.48
C LEU K 69 -31.03 -36.15 30.86
N ALA K 70 -32.20 -36.77 30.85
CA ALA K 70 -32.78 -37.40 32.04
C ALA K 70 -32.17 -38.79 32.21
N ASP K 71 -31.79 -39.40 31.10
CA ASP K 71 -31.19 -40.72 31.14
C ASP K 71 -29.70 -40.62 31.53
N LEU K 72 -29.00 -39.57 31.12
CA LEU K 72 -27.60 -39.38 31.55
C LEU K 72 -27.56 -39.06 33.07
N LYS K 73 -28.55 -38.30 33.53
CA LYS K 73 -28.74 -37.97 34.94
C LYS K 73 -28.80 -39.23 35.76
N LYS K 74 -29.61 -40.20 35.31
CA LYS K 74 -29.80 -41.46 36.05
C LYS K 74 -28.52 -42.29 36.05
N TYR K 75 -27.86 -42.33 34.89
CA TYR K 75 -26.67 -43.16 34.74
C TYR K 75 -25.58 -42.65 35.69
N MET K 76 -25.44 -41.33 35.76
CA MET K 76 -24.43 -40.72 36.59
C MET K 76 -24.76 -40.91 38.07
N GLU K 77 -26.05 -40.85 38.39
CA GLU K 77 -26.47 -41.08 39.74
C GLU K 77 -26.07 -42.50 40.12
N GLU K 78 -26.31 -43.45 39.23
CA GLU K 78 -26.01 -44.87 39.52
C GLU K 78 -24.49 -45.17 39.49
N ALA K 79 -23.76 -44.54 38.58
CA ALA K 79 -22.36 -44.88 38.40
C ALA K 79 -21.39 -44.11 39.32
N ILE K 80 -21.84 -42.97 39.85
CA ILE K 80 -20.96 -42.04 40.55
C ILE K 80 -21.50 -41.71 41.93
N MET K 81 -22.70 -41.13 42.00
CA MET K 81 -23.22 -40.65 43.28
C MET K 81 -23.44 -41.79 44.28
N GLN K 82 -24.22 -42.80 43.89
CA GLN K 82 -24.56 -43.89 44.80
C GLN K 82 -23.29 -44.55 45.41
N PRO K 83 -22.33 -44.92 44.57
CA PRO K 83 -21.16 -45.60 45.14
C PRO K 83 -20.12 -44.68 45.78
N LEU K 84 -20.01 -43.42 45.37
CA LEU K 84 -18.89 -42.57 45.84
C LEU K 84 -19.24 -41.41 46.80
N ASP K 85 -20.47 -40.90 46.75
CA ASP K 85 -20.80 -39.69 47.47
C ASP K 85 -20.94 -39.95 48.97
N HIS K 86 -20.28 -39.09 49.74
CA HIS K 86 -20.25 -39.20 51.20
C HIS K 86 -19.69 -40.53 51.66
N LYS K 87 -18.61 -40.94 51.01
CA LYS K 87 -17.96 -42.19 51.31
C LYS K 87 -16.50 -41.98 51.58
N ASN K 88 -15.92 -42.96 52.25
CA ASN K 88 -14.47 -43.11 52.35
C ASN K 88 -14.04 -44.10 51.26
N LEU K 89 -13.27 -43.62 50.30
CA LEU K 89 -12.99 -44.45 49.10
C LEU K 89 -12.31 -45.75 49.44
N ASP K 90 -11.31 -45.68 50.32
CA ASP K 90 -10.49 -46.86 50.62
C ASP K 90 -11.16 -47.89 51.51
N MET K 91 -12.17 -47.48 52.27
CA MET K 91 -12.86 -48.42 53.18
C MET K 91 -14.27 -48.79 52.75
N ASP K 92 -14.93 -47.91 51.98
CA ASP K 92 -16.35 -48.12 51.66
C ASP K 92 -16.58 -48.57 50.23
N VAL K 93 -15.57 -48.40 49.36
CA VAL K 93 -15.70 -48.81 47.98
C VAL K 93 -14.78 -50.04 47.71
N PRO K 94 -15.39 -51.24 47.55
CA PRO K 94 -14.57 -52.47 47.46
C PRO K 94 -13.43 -52.41 46.43
N TYR K 95 -13.72 -51.80 45.30
CA TYR K 95 -12.73 -51.63 44.26
C TYR K 95 -11.40 -51.01 44.76
N PHE K 96 -11.48 -50.06 45.69
CA PHE K 96 -10.27 -49.44 46.20
C PHE K 96 -9.64 -50.16 47.39
N ALA K 97 -10.07 -51.38 47.69
CA ALA K 97 -9.39 -52.18 48.68
C ALA K 97 -7.94 -52.45 48.23
N ASP K 98 -7.73 -52.70 46.94
CA ASP K 98 -6.38 -53.00 46.44
C ASP K 98 -6.00 -52.15 45.23
N VAL K 99 -6.59 -50.98 45.15
CA VAL K 99 -6.17 -50.02 44.16
C VAL K 99 -5.97 -48.68 44.86
N VAL K 100 -4.86 -48.04 44.55
CA VAL K 100 -4.52 -46.76 45.13
C VAL K 100 -5.55 -45.77 44.62
N SER K 101 -6.15 -45.00 45.54
CA SER K 101 -7.24 -44.07 45.18
C SER K 101 -6.74 -42.72 44.67
N THR K 102 -5.80 -42.75 43.77
CA THR K 102 -5.41 -41.52 43.07
C THR K 102 -6.57 -41.04 42.21
N THR K 103 -6.52 -39.77 41.84
CA THR K 103 -7.54 -39.20 41.00
C THR K 103 -7.58 -39.90 39.62
N GLU K 104 -6.42 -40.28 39.10
CA GLU K 104 -6.37 -41.12 37.89
C GLU K 104 -7.20 -42.39 38.02
N ASN K 105 -7.01 -43.12 39.11
CA ASN K 105 -7.77 -44.38 39.32
C ASN K 105 -9.25 -44.13 39.60
N VAL K 106 -9.57 -42.97 40.21
CA VAL K 106 -10.95 -42.61 40.35
C VAL K 106 -11.60 -42.39 38.99
N ALA K 107 -10.90 -41.71 38.09
CA ALA K 107 -11.42 -41.45 36.76
C ALA K 107 -11.66 -42.76 35.99
N VAL K 108 -10.73 -43.68 36.10
CA VAL K 108 -10.87 -44.99 35.43
C VAL K 108 -12.05 -45.76 36.04
N TYR K 109 -12.16 -45.75 37.37
CA TYR K 109 -13.26 -46.42 38.02
C TYR K 109 -14.60 -45.88 37.53
N ILE K 110 -14.74 -44.57 37.47
CA ILE K 110 -15.99 -43.94 36.98
C ILE K 110 -16.28 -44.36 35.53
N TRP K 111 -15.26 -44.27 34.67
CA TRP K 111 -15.38 -44.70 33.28
C TRP K 111 -15.93 -46.12 33.20
N ASP K 112 -15.31 -47.04 33.92
CA ASP K 112 -15.72 -48.44 33.88
C ASP K 112 -17.17 -48.64 34.38
N ASN K 113 -17.54 -47.93 35.43
CA ASN K 113 -18.89 -47.98 35.93
C ASN K 113 -19.90 -47.51 34.88
N LEU K 114 -19.57 -46.46 34.14
CA LEU K 114 -20.53 -45.93 33.17
C LEU K 114 -20.61 -46.83 31.95
N GLN K 115 -19.49 -47.44 31.56
CA GLN K 115 -19.49 -48.41 30.45
C GLN K 115 -20.34 -49.64 30.75
N LYS K 116 -20.70 -49.87 32.01
CA LYS K 116 -21.63 -50.95 32.35
C LYS K 116 -23.08 -50.62 32.00
N VAL K 117 -23.40 -49.33 31.83
CA VAL K 117 -24.79 -48.97 31.53
C VAL K 117 -25.00 -48.12 30.29
N LEU K 118 -23.95 -47.50 29.79
CA LEU K 118 -24.13 -46.70 28.58
C LEU K 118 -24.15 -47.66 27.43
N PRO K 119 -24.98 -47.35 26.42
CA PRO K 119 -24.89 -48.08 25.17
C PRO K 119 -23.45 -47.98 24.71
N VAL K 120 -23.06 -48.87 23.80
CA VAL K 120 -21.67 -48.95 23.36
C VAL K 120 -21.33 -47.70 22.55
N GLY K 121 -20.08 -47.25 22.66
CA GLY K 121 -19.56 -46.18 21.77
C GLY K 121 -19.96 -44.75 22.11
N VAL K 122 -20.67 -44.59 23.22
CA VAL K 122 -21.29 -43.33 23.55
C VAL K 122 -20.40 -42.48 24.48
N LEU K 123 -19.84 -43.10 25.52
CA LEU K 123 -18.97 -42.41 26.46
C LEU K 123 -17.75 -41.88 25.70
N TYR K 124 -17.48 -40.60 25.81
CA TYR K 124 -16.32 -40.04 25.18
C TYR K 124 -15.23 -39.69 26.18
N LYS K 125 -15.63 -39.13 27.32
CA LYS K 125 -14.62 -38.61 28.22
C LYS K 125 -15.12 -38.51 29.64
N VAL K 126 -14.22 -38.79 30.58
CA VAL K 126 -14.47 -38.57 32.00
C VAL K 126 -13.40 -37.66 32.55
N LYS K 127 -13.82 -36.58 33.15
CA LYS K 127 -12.88 -35.62 33.72
C LYS K 127 -13.18 -35.46 35.20
N VAL K 128 -12.16 -35.58 36.05
CA VAL K 128 -12.32 -35.49 37.49
C VAL K 128 -11.44 -34.40 38.05
N TYR K 129 -12.05 -33.48 38.78
CA TYR K 129 -11.31 -32.47 39.52
C TYR K 129 -11.23 -32.92 40.99
N GLU K 130 -10.04 -33.25 41.46
CA GLU K 130 -9.76 -33.54 42.86
C GLU K 130 -9.80 -32.23 43.66
N THR K 131 -9.30 -31.15 43.07
CA THR K 131 -9.48 -29.81 43.60
C THR K 131 -9.74 -28.94 42.37
N ASP K 132 -9.91 -27.65 42.59
CA ASP K 132 -10.01 -26.67 41.50
C ASP K 132 -8.79 -26.70 40.58
N ASN K 133 -7.62 -27.08 41.12
CA ASN K 133 -6.33 -26.98 40.43
C ASN K 133 -5.67 -28.28 39.98
N ASN K 134 -6.31 -29.40 40.25
CA ASN K 134 -5.76 -30.71 39.98
C ASN K 134 -6.81 -31.48 39.25
N ILE K 135 -6.55 -31.84 38.00
CA ILE K 135 -7.53 -32.46 37.13
C ILE K 135 -6.94 -33.70 36.39
N VAL K 136 -7.78 -34.72 36.23
CA VAL K 136 -7.47 -35.85 35.41
C VAL K 136 -8.54 -36.00 34.32
N VAL K 137 -8.10 -36.34 33.13
CA VAL K 137 -9.00 -36.69 32.04
C VAL K 137 -8.67 -38.13 31.58
N TYR K 138 -9.68 -38.98 31.45
CA TYR K 138 -9.52 -40.35 30.94
C TYR K 138 -10.47 -40.52 29.78
N LYS K 139 -9.99 -41.10 28.70
CA LYS K 139 -10.79 -41.29 27.47
C LYS K 139 -10.90 -42.76 27.00
N GLY K 140 -10.67 -43.71 27.91
CA GLY K 140 -10.84 -45.13 27.63
C GLY K 140 -9.67 -45.74 26.90
N GLU K 141 -8.59 -44.95 26.77
CA GLU K 141 -7.44 -45.29 25.93
C GLU K 141 -6.30 -45.85 26.79
N ARG L 4 9.87 -23.86 12.17
CA ARG L 4 10.04 -22.36 12.12
C ARG L 4 8.81 -21.61 12.70
N ARG L 5 7.65 -22.25 12.66
CA ARG L 5 6.39 -21.62 13.01
C ARG L 5 5.57 -22.47 13.96
N CYS L 6 4.67 -21.83 14.70
CA CYS L 6 3.84 -22.50 15.66
C CYS L 6 2.35 -22.34 15.41
N GLN L 7 1.61 -23.43 15.59
CA GLN L 7 0.15 -23.45 15.56
C GLN L 7 -0.39 -23.33 17.01
N ALA L 8 -1.51 -22.67 17.16
CA ALA L 8 -2.10 -22.49 18.45
C ALA L 8 -3.59 -22.33 18.33
N GLN L 9 -4.25 -22.54 19.45
CA GLN L 9 -5.69 -22.31 19.55
C GLN L 9 -5.93 -21.08 20.41
N VAL L 10 -6.84 -20.25 19.98
CA VAL L 10 -7.16 -19.00 20.68
C VAL L 10 -8.68 -18.99 20.90
N SER L 11 -9.08 -18.67 22.11
CA SER L 11 -10.45 -18.70 22.48
C SER L 11 -10.97 -17.38 23.07
N ARG L 12 -12.22 -17.11 22.79
CA ARG L 12 -12.90 -16.03 23.43
C ARG L 12 -14.22 -16.46 24.02
N ARG L 13 -14.48 -16.01 25.23
CA ARG L 13 -15.71 -16.34 25.92
C ARG L 13 -16.63 -15.14 26.06
N ILE L 14 -17.90 -15.31 25.71
CA ILE L 14 -18.90 -14.29 25.97
C ILE L 14 -20.15 -14.93 26.55
N SER L 15 -21.06 -14.10 27.04
CA SER L 15 -22.36 -14.61 27.36
C SER L 15 -23.54 -13.84 26.79
N PHE L 16 -24.67 -14.54 26.73
CA PHE L 16 -25.90 -13.91 26.30
C PHE L 16 -27.10 -14.47 27.03
N SER L 17 -28.14 -13.66 27.17
CA SER L 17 -29.38 -14.07 27.79
C SER L 17 -30.45 -14.38 26.80
N ALA L 18 -31.07 -15.54 26.95
CA ALA L 18 -32.14 -15.89 26.07
C ALA L 18 -33.15 -16.77 26.80
N SER L 19 -34.38 -16.75 26.31
CA SER L 19 -35.38 -17.72 26.77
C SER L 19 -35.63 -18.73 25.68
N HIS L 20 -36.16 -19.88 26.06
CA HIS L 20 -36.58 -20.88 25.08
C HIS L 20 -37.50 -21.89 25.70
N ARG L 21 -38.07 -22.72 24.84
CA ARG L 21 -38.94 -23.82 25.20
C ARG L 21 -38.51 -25.01 24.33
N LEU L 22 -38.34 -26.17 24.93
CA LEU L 22 -37.98 -27.35 24.19
C LEU L 22 -39.24 -28.05 23.78
N TYR L 23 -39.40 -28.20 22.47
CA TYR L 23 -40.52 -28.90 21.90
C TYR L 23 -40.10 -29.37 20.51
N SER L 24 -40.52 -30.59 20.15
CA SER L 24 -40.34 -31.05 18.76
C SER L 24 -41.64 -30.96 17.91
N LYS L 25 -41.57 -30.32 16.74
CA LYS L 25 -42.70 -30.27 15.83
C LYS L 25 -43.23 -31.67 15.57
N PHE L 26 -42.34 -32.67 15.58
CA PHE L 26 -42.71 -34.05 15.23
C PHE L 26 -43.35 -34.85 16.37
N LEU L 27 -43.38 -34.34 17.59
CA LEU L 27 -43.96 -35.12 18.69
C LEU L 27 -45.29 -34.51 19.19
N SER L 28 -46.10 -35.35 19.84
CA SER L 28 -47.34 -34.89 20.51
C SER L 28 -47.05 -34.07 21.76
N ASP L 29 -48.07 -33.39 22.27
CA ASP L 29 -47.92 -32.64 23.52
C ASP L 29 -47.59 -33.57 24.71
N GLU L 30 -48.11 -34.78 24.66
CA GLU L 30 -47.84 -35.80 25.68
C GLU L 30 -46.41 -36.28 25.57
N GLU L 31 -45.97 -36.62 24.35
CA GLU L 31 -44.57 -37.06 24.14
C GLU L 31 -43.57 -35.94 24.42
N ASN L 32 -43.93 -34.70 24.10
CA ASN L 32 -42.99 -33.58 24.37
C ASN L 32 -42.82 -33.35 25.88
N LEU L 33 -43.87 -33.63 26.64
CA LEU L 33 -43.80 -33.56 28.09
C LEU L 33 -42.93 -34.68 28.66
N LYS L 34 -43.14 -35.89 28.15
CA LYS L 34 -42.38 -37.06 28.63
C LYS L 34 -40.90 -36.93 28.34
N LEU L 35 -40.56 -36.43 27.15
CA LEU L 35 -39.17 -36.34 26.71
C LEU L 35 -38.40 -35.16 27.31
N PHE L 36 -39.02 -33.97 27.31
CA PHE L 36 -38.34 -32.77 27.72
C PHE L 36 -38.63 -32.32 29.16
N GLY L 37 -39.63 -32.92 29.80
CA GLY L 37 -40.00 -32.59 31.18
C GLY L 37 -40.22 -31.09 31.40
N LYS L 38 -39.59 -30.55 32.44
CA LYS L 38 -39.79 -29.16 32.84
C LYS L 38 -39.31 -28.22 31.73
N CYS L 39 -38.36 -28.67 30.92
CA CYS L 39 -37.89 -27.87 29.79
C CYS L 39 -38.98 -27.59 28.75
N ASN L 40 -40.08 -28.31 28.81
CA ASN L 40 -41.22 -28.13 27.93
C ASN L 40 -42.25 -27.12 28.49
N ASN L 41 -41.96 -26.48 29.62
CA ASN L 41 -42.92 -25.54 30.22
C ASN L 41 -43.52 -24.62 29.16
N PRO L 42 -44.85 -24.56 29.03
CA PRO L 42 -45.44 -23.86 27.87
C PRO L 42 -44.99 -22.42 27.69
N ASN L 43 -44.83 -21.67 28.77
CA ASN L 43 -44.44 -20.26 28.62
C ASN L 43 -42.95 -20.03 28.62
N GLY L 44 -42.18 -21.11 28.64
CA GLY L 44 -40.75 -21.06 28.48
C GLY L 44 -39.96 -21.00 29.79
N HIS L 45 -38.66 -20.97 29.63
CA HIS L 45 -37.73 -20.74 30.72
C HIS L 45 -36.51 -20.06 30.08
N GLY L 46 -35.44 -19.88 30.83
CA GLY L 46 -34.32 -19.14 30.25
C GLY L 46 -32.95 -19.43 30.82
N HIS L 47 -31.93 -18.93 30.14
CA HIS L 47 -30.55 -19.15 30.54
C HIS L 47 -29.66 -17.93 30.28
N ASN L 48 -28.66 -17.77 31.13
CA ASN L 48 -27.48 -17.01 30.79
C ASN L 48 -26.54 -17.98 30.09
N TYR L 49 -26.58 -18.05 28.76
CA TYR L 49 -25.67 -18.89 27.99
C TYR L 49 -24.25 -18.33 28.02
N LYS L 50 -23.26 -19.22 28.11
CA LYS L 50 -21.87 -18.82 27.92
C LYS L 50 -21.38 -19.53 26.70
N VAL L 51 -20.65 -18.83 25.82
CA VAL L 51 -20.15 -19.43 24.59
C VAL L 51 -18.64 -19.23 24.52
N VAL L 52 -17.89 -20.30 24.29
CA VAL L 52 -16.47 -20.17 24.05
C VAL L 52 -16.21 -20.55 22.60
N VAL L 53 -15.66 -19.61 21.84
CA VAL L 53 -15.32 -19.84 20.45
C VAL L 53 -13.82 -19.97 20.30
N THR L 54 -13.38 -21.06 19.70
CA THR L 54 -11.98 -21.30 19.54
C THR L 54 -11.62 -21.30 18.08
N VAL L 55 -10.61 -20.51 17.71
CA VAL L 55 -10.06 -20.50 16.36
C VAL L 55 -8.67 -21.07 16.45
N HIS L 56 -8.11 -21.48 15.31
CA HIS L 56 -6.75 -21.99 15.29
C HIS L 56 -6.02 -21.59 14.02
N GLY L 57 -4.71 -21.66 14.12
CA GLY L 57 -3.87 -21.30 13.00
C GLY L 57 -2.47 -21.00 13.49
N GLU L 58 -1.68 -20.54 12.54
CA GLU L 58 -0.29 -20.24 12.77
C GLU L 58 -0.17 -18.94 13.52
N ILE L 59 0.77 -18.91 14.45
CA ILE L 59 1.10 -17.65 15.10
C ILE L 59 1.91 -16.74 14.14
N ASP L 60 1.36 -15.57 13.82
CA ASP L 60 2.04 -14.62 12.94
C ASP L 60 3.29 -14.02 13.62
N PRO L 61 4.48 -14.23 13.05
CA PRO L 61 5.73 -13.78 13.66
C PRO L 61 5.87 -12.28 13.78
N ALA L 62 5.17 -11.53 12.92
CA ALA L 62 5.14 -10.07 13.02
C ALA L 62 4.22 -9.62 14.16
N THR L 63 3.03 -10.20 14.29
CA THR L 63 2.08 -9.70 15.24
C THR L 63 2.00 -10.48 16.56
N GLY L 64 2.52 -11.70 16.55
CA GLY L 64 2.42 -12.54 17.69
C GLY L 64 1.04 -13.12 17.91
N MET L 65 0.17 -13.06 16.90
CA MET L 65 -1.25 -13.49 17.02
C MET L 65 -1.70 -14.52 15.98
N VAL L 66 -2.62 -15.36 16.40
CA VAL L 66 -3.26 -16.26 15.48
C VAL L 66 -4.30 -15.51 14.66
N MET L 67 -5.07 -14.67 15.34
CA MET L 67 -6.08 -13.83 14.72
C MET L 67 -6.21 -12.48 15.44
N ASN L 68 -6.57 -11.45 14.69
CA ASN L 68 -6.85 -10.17 15.31
C ASN L 68 -8.06 -10.27 16.24
N LEU L 69 -7.87 -9.92 17.51
CA LEU L 69 -8.92 -10.09 18.53
C LEU L 69 -10.11 -9.12 18.38
N ALA L 70 -9.87 -7.95 17.80
CA ALA L 70 -10.95 -7.02 17.45
C ALA L 70 -11.81 -7.60 16.33
N ASP L 71 -11.20 -8.46 15.51
CA ASP L 71 -11.94 -9.11 14.44
C ASP L 71 -12.81 -10.22 15.00
N LEU L 72 -12.25 -10.97 15.92
CA LEU L 72 -13.02 -12.02 16.56
C LEU L 72 -14.18 -11.42 17.37
N LYS L 73 -13.92 -10.35 18.13
CA LYS L 73 -15.00 -9.67 18.86
C LYS L 73 -16.17 -9.29 17.90
N LYS L 74 -15.81 -8.71 16.76
CA LYS L 74 -16.84 -8.24 15.79
C LYS L 74 -17.49 -9.45 15.14
N TYR L 75 -16.72 -10.51 14.92
CA TYR L 75 -17.34 -11.69 14.35
C TYR L 75 -18.31 -12.30 15.33
N MET L 76 -17.93 -12.37 16.60
CA MET L 76 -18.77 -12.94 17.61
C MET L 76 -19.94 -12.02 17.93
N GLU L 77 -19.71 -10.73 17.89
CA GLU L 77 -20.81 -9.79 18.07
C GLU L 77 -21.87 -9.99 16.97
N GLU L 78 -21.39 -10.19 15.74
CA GLU L 78 -22.33 -10.34 14.63
C GLU L 78 -22.98 -11.71 14.59
N ALA L 79 -22.25 -12.76 14.98
CA ALA L 79 -22.74 -14.13 14.81
C ALA L 79 -23.52 -14.66 16.02
N ILE L 80 -23.34 -14.02 17.19
CA ILE L 80 -23.92 -14.51 18.43
C ILE L 80 -24.75 -13.44 19.14
N MET L 81 -24.16 -12.29 19.47
CA MET L 81 -24.85 -11.32 20.33
C MET L 81 -26.03 -10.67 19.63
N GLN L 82 -25.81 -10.13 18.43
CA GLN L 82 -26.89 -9.49 17.69
C GLN L 82 -28.11 -10.40 17.48
N PRO L 83 -27.93 -11.60 16.93
CA PRO L 83 -29.11 -12.45 16.74
C PRO L 83 -29.66 -13.12 17.99
N LEU L 84 -28.86 -13.39 19.04
CA LEU L 84 -29.34 -14.21 20.18
C LEU L 84 -29.57 -13.47 21.51
N ASP L 85 -28.86 -12.40 21.75
CA ASP L 85 -28.86 -11.82 23.08
C ASP L 85 -30.15 -11.10 23.39
N HIS L 86 -30.70 -11.40 24.55
CA HIS L 86 -31.98 -10.83 25.01
C HIS L 86 -33.10 -11.13 24.03
N LYS L 87 -33.14 -12.37 23.59
CA LYS L 87 -34.11 -12.86 22.66
C LYS L 87 -34.79 -14.11 23.19
N ASN L 88 -35.96 -14.37 22.63
CA ASN L 88 -36.64 -15.64 22.79
C ASN L 88 -36.28 -16.46 21.56
N LEU L 89 -35.54 -17.54 21.75
CA LEU L 89 -35.01 -18.28 20.63
C LEU L 89 -36.11 -18.76 19.71
N ASP L 90 -37.15 -19.35 20.27
CA ASP L 90 -38.16 -20.01 19.44
C ASP L 90 -39.08 -19.03 18.71
N MET L 91 -39.19 -17.80 19.20
CA MET L 91 -40.05 -16.81 18.53
C MET L 91 -39.31 -15.70 17.79
N ASP L 92 -38.09 -15.38 18.22
CA ASP L 92 -37.40 -14.21 17.66
C ASP L 92 -36.33 -14.60 16.66
N VAL L 93 -35.87 -15.86 16.68
CA VAL L 93 -34.81 -16.32 15.79
C VAL L 93 -35.43 -17.27 14.75
N PRO L 94 -35.57 -16.82 13.49
CA PRO L 94 -36.27 -17.62 12.45
C PRO L 94 -35.78 -19.08 12.34
N TYR L 95 -34.49 -19.27 12.45
CA TYR L 95 -33.88 -20.60 12.40
C TYR L 95 -34.52 -21.58 13.37
N PHE L 96 -34.96 -21.14 14.53
CA PHE L 96 -35.56 -22.05 15.48
C PHE L 96 -37.08 -22.22 15.34
N ALA L 97 -37.66 -21.65 14.28
CA ALA L 97 -39.07 -21.86 14.03
C ALA L 97 -39.34 -23.35 13.85
N ASP L 98 -38.46 -24.05 13.12
CA ASP L 98 -38.65 -25.48 12.85
C ASP L 98 -37.45 -26.33 13.33
N VAL L 99 -36.67 -25.80 14.29
CA VAL L 99 -35.60 -26.57 14.88
C VAL L 99 -35.68 -26.48 16.41
N VAL L 100 -35.53 -27.62 17.07
CA VAL L 100 -35.63 -27.68 18.51
C VAL L 100 -34.43 -26.93 19.07
N SER L 101 -34.68 -26.06 20.06
CA SER L 101 -33.64 -25.18 20.58
C SER L 101 -32.82 -25.82 21.69
N THR L 102 -32.44 -27.06 21.50
CA THR L 102 -31.55 -27.71 22.43
C THR L 102 -30.22 -27.02 22.36
N THR L 103 -29.45 -27.14 23.43
CA THR L 103 -28.14 -26.55 23.44
C THR L 103 -27.23 -27.10 22.28
N GLU L 104 -27.39 -28.38 21.90
CA GLU L 104 -26.72 -28.94 20.73
C GLU L 104 -27.02 -28.11 19.46
N ASN L 105 -28.29 -27.78 19.24
CA ASN L 105 -28.67 -27.07 18.03
C ASN L 105 -28.26 -25.60 18.11
N VAL L 106 -28.16 -25.08 19.31
CA VAL L 106 -27.65 -23.74 19.47
C VAL L 106 -26.18 -23.71 19.06
N ALA L 107 -25.42 -24.72 19.47
CA ALA L 107 -24.00 -24.74 19.14
C ALA L 107 -23.77 -24.86 17.62
N VAL L 108 -24.59 -25.67 16.97
CA VAL L 108 -24.53 -25.82 15.51
C VAL L 108 -24.91 -24.54 14.82
N TYR L 109 -25.96 -23.89 15.31
CA TYR L 109 -26.41 -22.61 14.74
C TYR L 109 -25.26 -21.55 14.81
N ILE L 110 -24.63 -21.43 15.98
CA ILE L 110 -23.53 -20.51 16.20
C ILE L 110 -22.36 -20.84 15.28
N TRP L 111 -21.99 -22.11 15.20
CA TRP L 111 -20.93 -22.59 14.30
C TRP L 111 -21.23 -22.12 12.88
N ASP L 112 -22.44 -22.40 12.42
CA ASP L 112 -22.80 -22.06 11.06
C ASP L 112 -22.77 -20.56 10.83
N ASN L 113 -23.25 -19.77 11.78
CA ASN L 113 -23.17 -18.31 11.69
C ASN L 113 -21.74 -17.80 11.56
N LEU L 114 -20.84 -18.39 12.33
CA LEU L 114 -19.44 -18.08 12.30
C LEU L 114 -18.70 -18.52 11.03
N GLN L 115 -19.01 -19.71 10.50
CA GLN L 115 -18.41 -20.13 9.24
C GLN L 115 -18.85 -19.23 8.06
N LYS L 116 -19.97 -18.52 8.21
CA LYS L 116 -20.41 -17.52 7.20
C LYS L 116 -19.51 -16.27 7.13
N VAL L 117 -18.97 -15.78 8.26
CA VAL L 117 -18.10 -14.58 8.23
C VAL L 117 -16.62 -14.82 8.56
N LEU L 118 -16.28 -15.94 9.16
CA LEU L 118 -14.87 -16.18 9.44
C LEU L 118 -14.17 -16.67 8.20
N PRO L 119 -12.86 -16.45 8.11
CA PRO L 119 -12.14 -17.05 7.00
C PRO L 119 -12.09 -18.55 7.11
N VAL L 120 -11.98 -19.21 5.96
CA VAL L 120 -11.96 -20.65 5.87
C VAL L 120 -10.76 -21.26 6.61
N GLY L 121 -11.00 -22.32 7.42
CA GLY L 121 -9.91 -23.10 8.05
C GLY L 121 -9.52 -22.56 9.40
N VAL L 122 -10.34 -21.65 9.91
CA VAL L 122 -9.98 -20.94 11.10
C VAL L 122 -10.82 -21.44 12.31
N LEU L 123 -12.10 -21.66 12.11
CA LEU L 123 -12.98 -22.09 13.20
C LEU L 123 -12.67 -23.51 13.65
N TYR L 124 -12.37 -23.69 14.94
CA TYR L 124 -11.99 -24.98 15.42
C TYR L 124 -13.07 -25.56 16.27
N LYS L 125 -13.65 -24.76 17.17
CA LYS L 125 -14.55 -25.31 18.17
C LYS L 125 -15.51 -24.30 18.69
N VAL L 126 -16.76 -24.72 18.88
CA VAL L 126 -17.75 -23.90 19.56
C VAL L 126 -18.26 -24.64 20.79
N LYS L 127 -18.15 -24.02 21.96
CA LYS L 127 -18.60 -24.62 23.20
C LYS L 127 -19.68 -23.81 23.83
N VAL L 128 -20.82 -24.41 24.14
CA VAL L 128 -21.92 -23.65 24.73
C VAL L 128 -22.28 -24.23 26.08
N TYR L 129 -22.28 -23.36 27.10
CA TYR L 129 -22.76 -23.68 28.44
C TYR L 129 -24.19 -23.17 28.61
N GLU L 130 -25.15 -24.08 28.64
CA GLU L 130 -26.57 -23.75 28.93
C GLU L 130 -26.70 -23.35 30.40
N THR L 131 -25.94 -24.03 31.26
CA THR L 131 -25.78 -23.70 32.65
C THR L 131 -24.33 -24.01 33.01
N ASP L 132 -23.96 -23.71 34.23
CA ASP L 132 -22.62 -24.07 34.67
C ASP L 132 -22.32 -25.60 34.44
N ASN L 133 -23.36 -26.42 34.50
CA ASN L 133 -23.21 -27.86 34.58
C ASN L 133 -23.62 -28.64 33.32
N ASN L 134 -24.08 -27.96 32.30
CA ASN L 134 -24.58 -28.60 31.09
C ASN L 134 -23.88 -27.95 29.89
N ILE L 135 -23.05 -28.72 29.21
CA ILE L 135 -22.16 -28.15 28.21
C ILE L 135 -22.25 -28.96 26.92
N VAL L 136 -22.23 -28.26 25.78
CA VAL L 136 -22.12 -28.89 24.48
C VAL L 136 -20.89 -28.35 23.75
N VAL L 137 -20.17 -29.26 23.06
CA VAL L 137 -19.07 -28.90 22.20
C VAL L 137 -19.35 -29.38 20.77
N TYR L 138 -19.20 -28.49 19.81
CA TYR L 138 -19.41 -28.83 18.40
C TYR L 138 -18.14 -28.45 17.62
N LYS L 139 -17.67 -29.37 16.78
CA LYS L 139 -16.45 -29.09 16.03
C LYS L 139 -16.69 -29.27 14.51
N GLY L 140 -17.90 -29.00 14.04
CA GLY L 140 -18.23 -29.14 12.61
C GLY L 140 -18.25 -30.56 12.07
N GLU L 141 -18.15 -31.57 12.94
CA GLU L 141 -18.13 -32.97 12.49
C GLU L 141 -19.55 -33.54 12.40
C1 EDO M . 8.23 27.24 -17.60
O1 EDO M . 7.15 27.38 -16.64
C2 EDO M . 8.57 28.54 -18.35
O2 EDO M . 7.40 29.28 -18.76
NI NI N . 17.28 -2.40 -31.86
MG MG O . 25.36 8.29 -15.02
NI NI P . -7.44 16.29 -14.84
NI NI Q . -7.11 -19.12 -12.40
C1 PEG R . 7.92 21.09 -4.00
O1 PEG R . 6.60 20.54 -3.62
C2 PEG R . 7.65 22.50 -4.58
O2 PEG R . 7.26 23.54 -3.58
C3 PEG R . 8.02 23.46 -2.24
C4 PEG R . 7.27 24.22 -1.06
O4 PEG R . 7.99 24.17 0.25
NI NI S . 2.31 42.94 29.81
NI NI T . 19.16 39.05 -0.74
NI NI U . 36.04 32.44 29.46
NI NI V . 8.49 6.32 -40.27
NI NI W . -6.57 -22.62 -27.12
NI NI X . -20.03 8.99 -19.25
NI NI Y . -2.39 -7.75 28.00
NI NI Z . -6.41 -36.48 48.09
MG MG AA . -9.91 -50.71 32.62
NI NI BA . -33.32 -24.66 28.67
#